data_8FS1
#
_entry.id   8FS1
#
_cell.length_a   80.914
_cell.length_b   160.725
_cell.length_c   229.624
_cell.angle_alpha   90.000
_cell.angle_beta   90.000
_cell.angle_gamma   90.000
#
_symmetry.space_group_name_H-M   'P 21 21 21'
#
loop_
_entity.id
_entity.type
_entity.pdbx_description
1 polymer 'Site-specific DNA-methyltransferase (adenine-specific)'
2 polymer "DNA (5'-D(*AP*TP*GP*GP*GP*AP*CP*TP*TP*TP*TP*TP*GP*A)-3')"
3 polymer "DNA (5'-D(*AP*TP*GP*GP*GP*AP*CP*TP*TP*TP*TP*TP*GP*A)-3')"
4 non-polymer 1,2-ETHANEDIOL
5 non-polymer "5'-S-{2-[N'-(cyclohexylmethyl)carbamimidamido]ethyl}-N-(3-phenylpropyl)-5'-thioadenosine"
6 non-polymer 'POTASSIUM ION'
7 water water
#
loop_
_entity_poly.entity_id
_entity_poly.type
_entity_poly.pdbx_seq_one_letter_code
_entity_poly.pdbx_strand_id
1 'polypeptide(L)'
;MDDISQDNFLLSKEYENSLDVDTKKASGIYYTPKIIVDYIVKKTLKNHDIIKNPYPRILDISCGCGNFLLEVYDILYDLF
EENIYELKKKYDENYWTVDNIHRHILNYCIYGADIDEKAISILKDSLTNKKVVNDLDESDIKINLFCCDSLKKKWRYKFD
YIVGNPPYIGHKKLEKKYKKFLLEKYSEVYKDKADLYFCFYKKIIDILKQGGIGSVITPRYFLESLSGKDLREYIKSNVN
VQEIVDFLGANIFKNIGVSSCILTFDKKKTKETYIDVFKIKNEDICINKFETLEELLKSSKFEHFNINQRLLSDEWILVN
KDDETFYNKIQEKCKYSLEDIAISFQGIITGCDKAFILSKDDVKLNLVDDKFLKCWIKSKNINKYIVDKSEYRLIYSNDI
DNENTNKRILDEIIGLYKTKLENRRECKSGIRKWYELQWGREKLFFERKKIMYPYKSNENRFAIDYDNNFSSADVYSFFI
KEEYLDKFSYEYLVGILNSSVYDKYFKITAKKMSKNIYDYYPNKVMKIRIFRDNNYEEIENLSKQIISILLNKSIDKGKV
EKLQIKMDNLIMDSLGI
;
A,B,C
2 'polydeoxyribonucleotide' (DA)(DT)(DG)(DG)(DG)(DA)(DC)(DT)(DT)(DT)(DT)(DT)(DG)(DA) E,G,I
3 'polydeoxyribonucleotide' (DT)(DT)(DC)(DA)(DA)(DA)(DA)(DA)(DG)(DT)(DC)(DC)(DC)(DA) D,F,H
#
# COMPACT_ATOMS: atom_id res chain seq x y z
N TYR A 30 -12.61 -44.18 28.73
CA TYR A 30 -11.21 -43.98 28.40
C TYR A 30 -10.28 -44.72 29.37
N TYR A 31 -10.88 -45.45 30.32
CA TYR A 31 -10.11 -46.29 31.21
C TYR A 31 -9.29 -47.29 30.39
N THR A 32 -7.98 -47.32 30.63
CA THR A 32 -7.10 -48.25 29.92
C THR A 32 -7.22 -49.65 30.51
N PRO A 33 -7.35 -50.70 29.68
CA PRO A 33 -7.51 -52.05 30.23
C PRO A 33 -6.34 -52.44 31.12
N LYS A 34 -6.65 -53.20 32.17
CA LYS A 34 -5.64 -53.46 33.19
C LYS A 34 -4.47 -54.24 32.62
N ILE A 35 -4.74 -55.14 31.67
CA ILE A 35 -3.67 -55.96 31.10
C ILE A 35 -2.65 -55.09 30.36
N ILE A 36 -3.10 -54.01 29.72
CA ILE A 36 -2.17 -53.06 29.08
C ILE A 36 -1.45 -52.21 30.11
N VAL A 37 -2.19 -51.69 31.10
CA VAL A 37 -1.56 -50.85 32.12
C VAL A 37 -0.44 -51.62 32.81
N ASP A 38 -0.70 -52.86 33.21
CA ASP A 38 0.33 -53.66 33.86
C ASP A 38 1.54 -53.81 32.96
N TYR A 39 1.32 -54.06 31.65
CA TYR A 39 2.43 -54.27 30.74
C TYR A 39 3.30 -53.01 30.64
N ILE A 40 2.67 -51.84 30.50
CA ILE A 40 3.45 -50.61 30.33
C ILE A 40 4.27 -50.32 31.60
N VAL A 41 3.68 -50.52 32.77
CA VAL A 41 4.42 -50.30 34.01
C VAL A 41 5.57 -51.29 34.14
N LYS A 42 5.31 -52.56 33.87
CA LYS A 42 6.35 -53.56 33.93
C LYS A 42 7.43 -53.29 32.89
N LYS A 43 7.05 -52.77 31.72
CA LYS A 43 8.05 -52.46 30.70
C LYS A 43 9.11 -51.47 31.19
N THR A 44 8.72 -50.50 32.02
CA THR A 44 9.64 -49.47 32.47
C THR A 44 10.40 -49.86 33.73
N LEU A 45 9.77 -50.60 34.65
CA LEU A 45 10.35 -50.84 35.97
C LEU A 45 10.92 -52.24 36.19
N LYS A 46 10.77 -53.17 35.24
CA LYS A 46 11.10 -54.57 35.53
C LYS A 46 12.59 -54.78 35.78
N ASN A 47 13.43 -53.95 35.18
CA ASN A 47 14.88 -54.10 35.31
C ASN A 47 15.51 -52.93 36.05
N HIS A 48 14.73 -52.21 36.84
CA HIS A 48 15.26 -51.09 37.59
C HIS A 48 16.13 -51.57 38.73
N ASP A 49 17.28 -50.92 38.90
CA ASP A 49 18.21 -51.27 39.99
C ASP A 49 17.85 -50.37 41.17
N ILE A 50 17.00 -50.89 42.06
CA ILE A 50 16.55 -50.09 43.19
C ILE A 50 17.66 -49.89 44.20
N ILE A 51 18.65 -50.79 44.24
CA ILE A 51 19.78 -50.61 45.16
C ILE A 51 20.65 -49.45 44.71
N LYS A 52 20.95 -49.40 43.41
CA LYS A 52 21.80 -48.34 42.87
C LYS A 52 21.10 -46.99 42.97
N ASN A 53 19.82 -46.92 42.58
CA ASN A 53 19.01 -45.71 42.65
C ASN A 53 17.69 -45.97 43.39
N PRO A 54 17.64 -45.73 44.70
CA PRO A 54 16.38 -45.86 45.44
C PRO A 54 15.43 -44.69 45.32
N TYR A 55 15.70 -43.71 44.46
CA TYR A 55 14.82 -42.56 44.28
C TYR A 55 14.43 -42.36 42.81
N PRO A 56 13.76 -43.35 42.21
CA PRO A 56 13.31 -43.17 40.82
C PRO A 56 12.08 -42.29 40.79
N ARG A 57 12.02 -41.42 39.78
CA ARG A 57 10.88 -40.52 39.58
C ARG A 57 10.02 -41.08 38.45
N ILE A 58 8.79 -41.45 38.77
CA ILE A 58 7.86 -42.05 37.81
C ILE A 58 6.69 -41.10 37.61
N LEU A 59 6.41 -40.73 36.36
CA LEU A 59 5.46 -39.67 36.05
C LEU A 59 4.38 -40.17 35.11
N ASP A 60 3.15 -39.73 35.37
CA ASP A 60 2.06 -39.81 34.41
C ASP A 60 1.54 -38.39 34.17
N ILE A 61 1.67 -37.92 32.93
CA ILE A 61 1.34 -36.54 32.59
C ILE A 61 -0.14 -36.30 32.38
N SER A 62 -0.93 -37.35 32.22
CA SER A 62 -2.38 -37.27 32.10
C SER A 62 -3.01 -38.37 32.95
N CYS A 63 -2.63 -38.43 34.23
CA CYS A 63 -2.85 -39.61 35.06
C CYS A 63 -4.33 -39.91 35.34
N GLY A 64 -5.22 -38.95 35.23
CA GLY A 64 -6.62 -39.23 35.51
C GLY A 64 -6.81 -39.71 36.94
N CYS A 65 -7.60 -40.77 37.11
CA CYS A 65 -7.80 -41.36 38.43
C CYS A 65 -6.63 -42.19 38.91
N GLY A 66 -5.63 -42.42 38.05
CA GLY A 66 -4.44 -43.09 38.50
C GLY A 66 -4.40 -44.55 38.10
N ASN A 67 -4.95 -44.85 36.92
CA ASN A 67 -4.93 -46.22 36.40
C ASN A 67 -3.51 -46.74 36.38
N PHE A 68 -2.56 -45.89 35.99
CA PHE A 68 -1.16 -46.27 35.95
C PHE A 68 -0.48 -46.09 37.31
N LEU A 69 -0.68 -44.93 37.93
CA LEU A 69 0.11 -44.59 39.12
C LEU A 69 -0.20 -45.53 40.29
N LEU A 70 -1.44 -45.98 40.43
CA LEU A 70 -1.75 -46.93 41.49
C LEU A 70 -1.01 -48.25 41.27
N GLU A 71 -0.84 -48.66 40.01
CA GLU A 71 -0.03 -49.83 39.69
C GLU A 71 1.45 -49.58 39.95
N VAL A 72 1.93 -48.37 39.63
CA VAL A 72 3.33 -48.03 39.91
C VAL A 72 3.61 -48.18 41.40
N TYR A 73 2.66 -47.73 42.24
CA TYR A 73 2.83 -47.83 43.68
C TYR A 73 2.98 -49.30 44.10
N ASP A 74 2.12 -50.17 43.59
CA ASP A 74 2.20 -51.58 43.96
C ASP A 74 3.53 -52.17 43.53
N ILE A 75 3.96 -51.88 42.30
CA ILE A 75 5.24 -52.42 41.82
C ILE A 75 6.39 -51.87 42.64
N LEU A 76 6.38 -50.57 42.96
CA LEU A 76 7.44 -49.99 43.76
C LEU A 76 7.48 -50.60 45.16
N TYR A 77 6.30 -50.77 45.79
CA TYR A 77 6.27 -51.29 47.14
C TYR A 77 6.93 -52.66 47.23
N ASP A 78 6.61 -53.56 46.28
CA ASP A 78 7.25 -54.88 46.28
C ASP A 78 8.74 -54.75 46.07
N LEU A 79 9.14 -53.82 45.19
CA LEU A 79 10.55 -53.63 44.88
C LEU A 79 11.34 -53.18 46.11
N PHE A 80 10.80 -52.21 46.85
CA PHE A 80 11.46 -51.75 48.06
C PHE A 80 11.46 -52.84 49.13
N GLU A 81 10.31 -53.49 49.34
CA GLU A 81 10.23 -54.48 50.41
C GLU A 81 11.16 -55.67 50.15
N GLU A 82 11.28 -56.10 48.90
CA GLU A 82 12.16 -57.23 48.61
C GLU A 82 13.63 -56.93 48.84
N ASN A 83 14.01 -55.65 48.89
CA ASN A 83 15.40 -55.24 49.06
C ASN A 83 15.60 -54.35 50.28
N ILE A 84 14.69 -54.41 51.25
CA ILE A 84 14.73 -53.46 52.35
C ILE A 84 15.99 -53.65 53.17
N TYR A 85 16.44 -54.88 53.36
CA TYR A 85 17.61 -55.08 54.19
C TYR A 85 18.88 -54.66 53.46
N GLU A 86 18.94 -54.85 52.14
CA GLU A 86 20.11 -54.38 51.42
C GLU A 86 20.23 -52.87 51.47
N LEU A 87 19.09 -52.16 51.30
CA LEU A 87 19.09 -50.70 51.41
C LEU A 87 19.45 -50.26 52.82
N LYS A 88 18.89 -50.91 53.84
CA LYS A 88 19.20 -50.53 55.21
C LYS A 88 20.69 -50.63 55.47
N LYS A 89 21.34 -51.64 54.88
CA LYS A 89 22.78 -51.81 55.08
C LYS A 89 23.60 -50.79 54.28
N LYS A 90 23.23 -50.56 53.01
CA LYS A 90 24.03 -49.67 52.16
C LYS A 90 23.82 -48.19 52.47
N TYR A 91 22.64 -47.82 52.97
CA TYR A 91 22.24 -46.43 53.18
C TYR A 91 21.87 -46.19 54.63
N ASP A 92 21.18 -45.08 54.90
CA ASP A 92 20.75 -44.78 56.27
C ASP A 92 19.94 -45.94 56.82
N GLU A 93 20.50 -46.65 57.81
CA GLU A 93 19.84 -47.85 58.32
C GLU A 93 18.58 -47.54 59.10
N ASN A 94 18.39 -46.28 59.51
CA ASN A 94 17.17 -45.85 60.18
C ASN A 94 16.09 -45.43 59.20
N TYR A 95 16.48 -44.92 58.03
CA TYR A 95 15.51 -44.49 57.03
C TYR A 95 14.84 -45.67 56.34
N TRP A 96 15.59 -46.73 56.07
CA TRP A 96 15.10 -47.85 55.26
C TRP A 96 14.50 -48.92 56.15
N THR A 97 13.23 -48.75 56.49
CA THR A 97 12.43 -49.73 57.19
C THR A 97 11.19 -49.98 56.36
N VAL A 98 10.60 -51.17 56.52
CA VAL A 98 9.37 -51.47 55.78
C VAL A 98 8.27 -50.49 56.15
N ASP A 99 8.22 -50.08 57.42
CA ASP A 99 7.20 -49.14 57.86
C ASP A 99 7.33 -47.78 57.18
N ASN A 100 8.49 -47.48 56.62
CA ASN A 100 8.75 -46.19 55.99
C ASN A 100 8.62 -46.23 54.45
N ILE A 101 8.32 -47.39 53.86
CA ILE A 101 8.27 -47.48 52.40
C ILE A 101 7.13 -46.62 51.84
N HIS A 102 5.94 -46.70 52.45
CA HIS A 102 4.78 -45.96 51.96
C HIS A 102 5.07 -44.46 51.88
N ARG A 103 5.60 -43.88 52.96
CA ARG A 103 5.93 -42.46 52.92
C ARG A 103 6.99 -42.16 51.88
N HIS A 104 8.00 -43.04 51.76
CA HIS A 104 9.09 -42.79 50.82
C HIS A 104 8.60 -42.76 49.38
N ILE A 105 7.73 -43.70 49.01
CA ILE A 105 7.20 -43.77 47.65
C ILE A 105 6.47 -42.48 47.30
N LEU A 106 5.60 -42.03 48.20
CA LEU A 106 4.75 -40.90 47.91
C LEU A 106 5.52 -39.59 47.90
N ASN A 107 6.59 -39.50 48.70
CA ASN A 107 7.33 -38.25 48.80
C ASN A 107 8.28 -38.05 47.63
N TYR A 108 8.90 -39.13 47.17
CA TYR A 108 10.02 -39.01 46.24
C TYR A 108 9.83 -39.72 44.91
N CYS A 109 8.85 -40.60 44.78
CA CYS A 109 8.84 -41.52 43.64
C CYS A 109 7.70 -41.32 42.65
N ILE A 110 6.48 -41.09 43.13
CA ILE A 110 5.30 -41.04 42.26
C ILE A 110 4.93 -39.60 41.99
N TYR A 111 4.76 -39.26 40.71
CA TYR A 111 4.38 -37.92 40.25
C TYR A 111 3.24 -38.04 39.25
N GLY A 112 2.22 -37.20 39.41
CA GLY A 112 1.10 -37.20 38.49
C GLY A 112 0.66 -35.79 38.16
N ALA A 113 0.12 -35.64 36.96
CA ALA A 113 -0.45 -34.36 36.54
C ALA A 113 -1.73 -34.62 35.77
N ASP A 114 -2.70 -33.73 35.95
CA ASP A 114 -3.95 -33.84 35.21
C ASP A 114 -4.69 -32.51 35.29
N ILE A 115 -5.43 -32.21 34.22
CA ILE A 115 -6.18 -30.96 34.17
C ILE A 115 -7.48 -31.03 34.98
N ASP A 116 -7.95 -32.23 35.29
CA ASP A 116 -9.23 -32.43 35.99
C ASP A 116 -8.97 -32.51 37.49
N GLU A 117 -9.43 -31.50 38.23
CA GLU A 117 -9.15 -31.49 39.66
C GLU A 117 -9.91 -32.59 40.41
N LYS A 118 -11.11 -32.96 39.95
CA LYS A 118 -11.81 -34.07 40.58
C LYS A 118 -11.01 -35.35 40.44
N ALA A 119 -10.36 -35.55 39.30
CA ALA A 119 -9.56 -36.74 39.11
C ALA A 119 -8.38 -36.76 40.07
N ILE A 120 -7.69 -35.62 40.20
CA ILE A 120 -6.54 -35.56 41.10
C ILE A 120 -6.97 -35.77 42.54
N SER A 121 -8.12 -35.20 42.92
CA SER A 121 -8.61 -35.37 44.29
C SER A 121 -8.87 -36.83 44.61
N ILE A 122 -9.41 -37.57 43.65
CA ILE A 122 -9.65 -39.00 43.84
C ILE A 122 -8.34 -39.77 43.93
N LEU A 123 -7.40 -39.47 43.03
CA LEU A 123 -6.12 -40.18 43.03
C LEU A 123 -5.36 -39.94 44.34
N LYS A 124 -5.39 -38.69 44.84
CA LYS A 124 -4.73 -38.39 46.10
C LYS A 124 -5.32 -39.22 47.23
N ASP A 125 -6.64 -39.38 47.26
CA ASP A 125 -7.28 -40.22 48.26
C ASP A 125 -6.90 -41.68 48.08
N SER A 126 -6.80 -42.15 46.84
CA SER A 126 -6.42 -43.54 46.62
C SER A 126 -5.00 -43.82 47.12
N LEU A 127 -4.06 -42.93 46.80
CA LEU A 127 -2.67 -43.12 47.24
C LEU A 127 -2.54 -43.02 48.75
N THR A 128 -3.32 -42.16 49.39
CA THR A 128 -3.30 -42.11 50.85
C THR A 128 -3.78 -43.43 51.46
N ASN A 129 -4.79 -44.03 50.84
CA ASN A 129 -5.41 -45.26 51.34
C ASN A 129 -4.60 -46.52 51.08
N LYS A 130 -3.37 -46.41 50.59
CA LYS A 130 -2.54 -47.59 50.42
C LYS A 130 -1.93 -48.08 51.75
N LYS A 131 -1.93 -47.24 52.79
CA LYS A 131 -1.29 -47.57 54.07
C LYS A 131 -2.30 -47.81 55.19
N VAL A 132 -3.20 -46.84 55.43
CA VAL A 132 -4.24 -46.94 56.46
C VAL A 132 -3.69 -47.41 57.81
N ASP A 137 -4.32 -38.49 61.12
CA ASP A 137 -3.10 -38.61 60.33
C ASP A 137 -1.85 -38.72 61.22
N GLU A 138 -0.77 -39.28 60.67
CA GLU A 138 0.48 -39.38 61.42
C GLU A 138 1.27 -38.07 61.33
N SER A 139 1.72 -37.71 60.12
CA SER A 139 2.16 -36.33 59.85
C SER A 139 2.11 -36.09 58.34
N ASP A 140 0.97 -35.53 57.87
CA ASP A 140 0.94 -34.74 56.64
C ASP A 140 1.80 -35.21 55.46
N ILE A 141 1.55 -36.38 54.88
CA ILE A 141 2.36 -36.85 53.75
C ILE A 141 2.07 -36.00 52.51
N LYS A 142 3.12 -35.52 51.85
CA LYS A 142 2.99 -34.67 50.66
C LYS A 142 3.07 -35.51 49.40
N ILE A 143 1.98 -35.53 48.63
CA ILE A 143 1.91 -36.28 47.38
C ILE A 143 2.15 -35.34 46.20
N ASN A 144 2.95 -35.79 45.22
CA ASN A 144 3.34 -34.93 44.11
C ASN A 144 2.35 -35.05 42.95
N LEU A 145 1.16 -34.52 43.17
CA LEU A 145 0.12 -34.45 42.15
C LEU A 145 -0.13 -32.99 41.79
N PHE A 146 -0.24 -32.74 40.48
CA PHE A 146 -0.39 -31.37 39.99
C PHE A 146 -1.66 -31.25 39.18
N CYS A 147 -2.46 -30.25 39.49
CA CYS A 147 -3.67 -29.94 38.72
C CYS A 147 -3.30 -28.82 37.75
N CYS A 148 -3.04 -29.19 36.50
CA CYS A 148 -2.51 -28.24 35.54
C CYS A 148 -2.66 -28.78 34.13
N ASP A 149 -2.35 -27.91 33.16
CA ASP A 149 -2.16 -28.30 31.77
C ASP A 149 -0.72 -28.76 31.63
N SER A 150 -0.52 -30.05 31.36
CA SER A 150 0.84 -30.57 31.29
C SER A 150 1.65 -29.88 30.20
N LEU A 151 1.00 -29.45 29.13
CA LEU A 151 1.73 -28.81 28.04
C LEU A 151 2.16 -27.39 28.38
N LYS A 152 1.60 -26.80 29.43
CA LYS A 152 1.96 -25.46 29.85
C LYS A 152 2.81 -25.43 31.12
N LYS A 153 2.81 -26.50 31.90
CA LYS A 153 3.51 -26.47 33.17
C LYS A 153 5.00 -26.27 32.95
N LYS A 154 5.58 -25.38 33.74
CA LYS A 154 7.03 -25.27 33.79
C LYS A 154 7.51 -26.43 34.64
N TRP A 155 8.18 -27.40 34.01
CA TRP A 155 8.64 -28.59 34.72
C TRP A 155 10.02 -28.32 35.31
N ARG A 156 10.15 -28.57 36.60
CA ARG A 156 11.34 -28.19 37.33
C ARG A 156 12.46 -29.22 37.29
N TYR A 157 12.21 -30.45 36.83
CA TYR A 157 13.25 -31.47 36.77
C TYR A 157 12.79 -32.56 35.81
N LYS A 158 13.73 -33.40 35.39
CA LYS A 158 13.41 -34.48 34.48
C LYS A 158 13.03 -35.74 35.27
N PHE A 159 12.63 -36.80 34.56
CA PHE A 159 12.06 -37.97 35.21
C PHE A 159 12.69 -39.26 34.69
N ASP A 160 12.83 -40.22 35.60
CA ASP A 160 13.45 -41.49 35.25
C ASP A 160 12.55 -42.34 34.39
N TYR A 161 11.25 -42.37 34.68
CA TYR A 161 10.29 -43.21 33.96
C TYR A 161 8.98 -42.46 33.77
N ILE A 162 8.39 -42.57 32.58
CA ILE A 162 7.14 -41.88 32.27
C ILE A 162 6.18 -42.87 31.59
N VAL A 163 4.95 -42.95 32.12
CA VAL A 163 3.95 -43.87 31.61
C VAL A 163 2.61 -43.14 31.49
N GLY A 164 1.72 -43.70 30.69
CA GLY A 164 0.33 -43.25 30.70
C GLY A 164 -0.33 -43.32 29.34
N ASN A 165 -1.52 -42.73 29.29
CA ASN A 165 -2.40 -42.73 28.12
C ASN A 165 -2.87 -41.30 27.90
N PRO A 166 -2.23 -40.55 27.00
CA PRO A 166 -2.50 -39.11 26.85
C PRO A 166 -3.84 -38.86 26.17
N PRO A 167 -4.34 -37.62 26.21
CA PRO A 167 -5.57 -37.29 25.45
C PRO A 167 -5.31 -37.26 23.95
N TYR A 168 -6.31 -37.71 23.18
CA TYR A 168 -6.31 -37.63 21.72
C TYR A 168 -7.40 -36.63 21.29
N ILE A 169 -7.00 -35.55 20.64
CA ILE A 169 -7.97 -34.57 20.13
C ILE A 169 -7.52 -34.10 18.76
N GLY A 170 -8.35 -34.34 17.75
CA GLY A 170 -8.01 -34.03 16.38
C GLY A 170 -8.30 -32.57 16.03
N HIS A 171 -8.14 -32.27 14.73
CA HIS A 171 -8.12 -30.88 14.31
C HIS A 171 -9.51 -30.24 14.40
N LYS A 172 -10.57 -31.01 14.25
CA LYS A 172 -11.93 -30.46 14.29
C LYS A 172 -12.37 -30.15 15.74
N LYS A 173 -12.04 -31.03 16.68
CA LYS A 173 -12.57 -30.95 18.03
C LYS A 173 -11.71 -30.11 18.97
N LEU A 174 -10.51 -29.72 18.55
CA LEU A 174 -9.62 -28.98 19.41
C LEU A 174 -9.99 -27.50 19.38
N GLU A 175 -9.95 -26.86 20.55
CA GLU A 175 -10.36 -25.46 20.65
C GLU A 175 -9.42 -24.58 19.83
N LYS A 176 -9.99 -23.65 19.06
CA LYS A 176 -9.17 -22.85 18.15
C LYS A 176 -8.21 -21.93 18.91
N LYS A 177 -8.66 -21.33 20.01
CA LYS A 177 -7.74 -20.49 20.78
C LYS A 177 -6.57 -21.31 21.30
N TYR A 178 -6.80 -22.57 21.66
CA TYR A 178 -5.71 -23.42 22.15
C TYR A 178 -4.75 -23.79 21.03
N LYS A 179 -5.25 -24.00 19.80
CA LYS A 179 -4.39 -24.39 18.69
C LYS A 179 -3.37 -23.31 18.34
N LYS A 180 -3.71 -22.04 18.56
CA LYS A 180 -2.71 -21.00 18.35
C LYS A 180 -1.52 -21.23 19.28
N PHE A 181 -1.78 -21.65 20.51
CA PHE A 181 -0.70 -21.94 21.46
C PHE A 181 0.15 -23.12 20.99
N LEU A 182 -0.50 -24.20 20.53
CA LEU A 182 0.26 -25.36 20.09
C LEU A 182 1.10 -25.04 18.86
N LEU A 183 0.54 -24.28 17.92
CA LEU A 183 1.30 -23.93 16.73
C LEU A 183 2.47 -23.02 17.04
N GLU A 184 2.38 -22.23 18.12
CA GLU A 184 3.50 -21.37 18.49
C GLU A 184 4.57 -22.15 19.25
N LYS A 185 4.18 -22.94 20.25
CA LYS A 185 5.13 -23.55 21.16
C LYS A 185 5.44 -25.01 20.85
N TYR A 186 4.68 -25.66 19.97
CA TYR A 186 4.91 -27.07 19.68
C TYR A 186 5.07 -27.33 18.19
N SER A 187 5.60 -26.34 17.46
CA SER A 187 5.66 -26.43 16.01
C SER A 187 6.53 -27.59 15.53
N GLU A 188 7.48 -28.06 16.35
CA GLU A 188 8.32 -29.18 15.93
C GLU A 188 7.50 -30.45 15.69
N VAL A 189 6.33 -30.58 16.31
CA VAL A 189 5.49 -31.75 16.05
C VAL A 189 4.05 -31.41 15.70
N TYR A 190 3.58 -30.19 15.94
CA TYR A 190 2.16 -29.84 15.71
C TYR A 190 2.07 -28.79 14.61
N LYS A 191 1.50 -29.19 13.47
CA LYS A 191 1.15 -28.30 12.37
C LYS A 191 -0.11 -28.82 11.73
N ASP A 192 -0.79 -27.95 10.98
CA ASP A 192 -1.84 -28.37 10.07
C ASP A 192 -2.88 -29.26 10.76
N LYS A 193 -3.07 -30.48 10.24
CA LYS A 193 -4.09 -31.40 10.74
C LYS A 193 -3.57 -32.33 11.82
N ALA A 194 -2.52 -31.95 12.55
CA ALA A 194 -1.92 -32.78 13.57
C ALA A 194 -2.86 -32.96 14.77
N ASP A 195 -2.50 -33.90 15.64
CA ASP A 195 -3.30 -34.21 16.81
C ASP A 195 -2.60 -33.76 18.08
N LEU A 196 -3.42 -33.54 19.12
CA LEU A 196 -2.90 -33.09 20.41
C LEU A 196 -1.89 -34.06 21.00
N TYR A 197 -2.13 -35.36 20.87
CA TYR A 197 -1.22 -36.32 21.49
C TYR A 197 0.17 -36.28 20.88
N PHE A 198 0.34 -35.67 19.70
CA PHE A 198 1.69 -35.41 19.21
C PHE A 198 2.45 -34.62 20.25
N CYS A 199 1.79 -33.59 20.80
CA CYS A 199 2.43 -32.69 21.75
C CYS A 199 2.79 -33.40 23.05
N PHE A 200 2.02 -34.42 23.42
CA PHE A 200 2.37 -35.17 24.63
C PHE A 200 3.62 -36.02 24.39
N TYR A 201 3.75 -36.63 23.22
CA TYR A 201 5.00 -37.29 22.87
C TYR A 201 6.16 -36.31 23.02
N LYS A 202 6.01 -35.10 22.48
CA LYS A 202 7.09 -34.13 22.58
C LYS A 202 7.39 -33.78 24.03
N LYS A 203 6.35 -33.50 24.82
CA LYS A 203 6.58 -33.14 26.22
C LYS A 203 7.22 -34.28 26.98
N ILE A 204 6.72 -35.51 26.77
CA ILE A 204 7.26 -36.68 27.48
C ILE A 204 8.72 -36.87 27.14
N ILE A 205 9.06 -36.79 25.85
CA ILE A 205 10.46 -36.93 25.45
C ILE A 205 11.31 -35.83 26.08
N ASP A 206 10.78 -34.60 26.12
CA ASP A 206 11.57 -33.47 26.57
C ASP A 206 11.93 -33.55 28.05
N ILE A 207 11.03 -34.09 28.88
CA ILE A 207 11.24 -34.12 30.32
C ILE A 207 11.68 -35.51 30.80
N LEU A 208 12.16 -36.35 29.89
CA LEU A 208 12.69 -37.67 30.24
C LEU A 208 14.18 -37.55 30.54
N LYS A 209 14.60 -38.08 31.69
CA LYS A 209 15.99 -38.04 32.14
C LYS A 209 16.89 -38.82 31.20
N GLN A 210 18.17 -38.46 31.21
CA GLN A 210 19.15 -39.25 30.48
C GLN A 210 19.13 -40.68 31.00
N GLY A 211 19.04 -41.64 30.10
CA GLY A 211 18.94 -43.02 30.54
C GLY A 211 17.55 -43.45 30.96
N GLY A 212 16.55 -42.57 30.87
CA GLY A 212 15.21 -42.92 31.29
C GLY A 212 14.46 -43.74 30.27
N ILE A 213 13.29 -44.22 30.69
CA ILE A 213 12.43 -45.04 29.84
C ILE A 213 11.01 -44.48 29.86
N GLY A 214 10.43 -44.30 28.68
CA GLY A 214 9.04 -43.91 28.56
C GLY A 214 8.24 -45.01 27.88
N SER A 215 6.96 -45.10 28.23
CA SER A 215 6.08 -46.09 27.62
C SER A 215 4.65 -45.57 27.68
N VAL A 216 4.00 -45.44 26.51
CA VAL A 216 2.66 -44.87 26.40
C VAL A 216 1.82 -45.68 25.43
N ILE A 217 0.50 -45.52 25.55
CA ILE A 217 -0.45 -46.03 24.57
C ILE A 217 -1.16 -44.84 23.93
N THR A 218 -1.10 -44.74 22.61
CA THR A 218 -1.66 -43.63 21.87
C THR A 218 -2.38 -44.19 20.65
N PRO A 219 -3.01 -43.36 19.82
CA PRO A 219 -3.49 -43.87 18.52
C PRO A 219 -2.32 -44.30 17.67
N ARG A 220 -2.60 -45.22 16.75
CA ARG A 220 -1.55 -45.73 15.88
C ARG A 220 -1.28 -44.85 14.67
N TYR A 221 -2.17 -43.91 14.35
CA TYR A 221 -2.17 -43.27 13.03
C TYR A 221 -0.88 -42.49 12.77
N PHE A 222 -0.22 -41.98 13.81
CA PHE A 222 1.00 -41.20 13.60
C PHE A 222 2.12 -42.03 12.98
N LEU A 223 2.03 -43.36 13.04
CA LEU A 223 3.08 -44.18 12.46
C LEU A 223 3.13 -44.04 10.94
N GLU A 224 1.98 -43.75 10.33
CA GLU A 224 1.89 -43.70 8.88
C GLU A 224 1.35 -42.40 8.34
N SER A 225 0.67 -41.59 9.16
CA SER A 225 -0.06 -40.46 8.61
C SER A 225 0.89 -39.35 8.14
N LEU A 226 0.38 -38.54 7.21
CA LEU A 226 1.14 -37.40 6.74
C LEU A 226 1.35 -36.39 7.86
N SER A 227 0.35 -36.22 8.73
CA SER A 227 0.48 -35.29 9.83
C SER A 227 1.56 -35.70 10.82
N GLY A 228 1.84 -36.98 10.94
CA GLY A 228 2.80 -37.45 11.90
C GLY A 228 4.24 -37.37 11.46
N LYS A 229 4.50 -36.85 10.26
CA LYS A 229 5.86 -36.86 9.74
C LYS A 229 6.83 -36.14 10.68
N ASP A 230 6.49 -34.93 11.12
CA ASP A 230 7.39 -34.19 12.00
C ASP A 230 7.57 -34.91 13.34
N LEU A 231 6.49 -35.51 13.85
CA LEU A 231 6.58 -36.26 15.10
C LEU A 231 7.48 -37.48 14.96
N ARG A 232 7.34 -38.24 13.86
CA ARG A 232 8.25 -39.36 13.65
C ARG A 232 9.70 -38.90 13.59
N GLU A 233 9.97 -37.79 12.91
CA GLU A 233 11.31 -37.24 12.90
C GLU A 233 11.78 -36.91 14.30
N TYR A 234 10.88 -36.36 15.13
CA TYR A 234 11.25 -35.97 16.48
C TYR A 234 11.59 -37.19 17.34
N ILE A 235 10.76 -38.23 17.29
CA ILE A 235 11.00 -39.44 18.09
C ILE A 235 12.31 -40.09 17.68
N LYS A 236 12.49 -40.32 16.37
CA LYS A 236 13.65 -41.03 15.87
C LYS A 236 14.96 -40.33 16.26
N SER A 237 14.96 -39.02 16.28
CA SER A 237 16.19 -38.26 16.47
C SER A 237 16.44 -37.87 17.91
N ASN A 238 15.53 -38.20 18.83
CA ASN A 238 15.69 -37.83 20.23
C ASN A 238 15.63 -38.98 21.21
N VAL A 239 15.03 -40.12 20.86
CA VAL A 239 15.02 -41.29 21.73
C VAL A 239 15.36 -42.52 20.90
N ASN A 240 15.71 -43.59 21.61
CA ASN A 240 15.81 -44.92 21.01
C ASN A 240 14.46 -45.61 21.20
N VAL A 241 13.80 -45.93 20.09
CA VAL A 241 12.54 -46.67 20.16
C VAL A 241 12.87 -48.12 20.48
N GLN A 242 12.49 -48.56 21.68
CA GLN A 242 12.72 -49.96 22.03
C GLN A 242 11.73 -50.89 21.34
N GLU A 243 10.44 -50.56 21.38
CA GLU A 243 9.43 -51.54 21.02
C GLU A 243 8.15 -50.82 20.58
N ILE A 244 7.51 -51.36 19.54
CA ILE A 244 6.23 -50.88 19.06
C ILE A 244 5.26 -52.05 19.06
N VAL A 245 4.17 -51.93 19.81
CA VAL A 245 3.08 -52.90 19.78
C VAL A 245 1.95 -52.28 18.96
N ASP A 246 1.67 -52.84 17.79
CA ASP A 246 0.66 -52.30 16.89
C ASP A 246 -0.55 -53.23 16.94
N PHE A 247 -1.67 -52.75 17.47
CA PHE A 247 -2.91 -53.52 17.51
C PHE A 247 -3.75 -53.37 16.24
N LEU A 248 -3.26 -52.64 15.23
CA LEU A 248 -3.95 -52.44 13.96
C LEU A 248 -5.39 -52.06 14.27
N GLY A 249 -6.40 -52.67 13.65
CA GLY A 249 -7.78 -52.31 13.83
C GLY A 249 -8.50 -52.93 15.01
N ALA A 250 -7.79 -53.61 15.91
CA ALA A 250 -8.46 -54.27 17.02
C ALA A 250 -9.07 -53.24 17.96
N ASN A 251 -10.16 -53.63 18.63
CA ASN A 251 -10.88 -52.69 19.50
C ASN A 251 -10.34 -52.87 20.92
N ILE A 252 -9.36 -52.02 21.26
CA ILE A 252 -8.76 -52.08 22.58
C ILE A 252 -9.64 -51.38 23.60
N PHE A 253 -10.20 -50.23 23.25
CA PHE A 253 -11.08 -49.47 24.12
C PHE A 253 -12.51 -49.78 23.70
N LYS A 254 -13.25 -50.46 24.58
CA LYS A 254 -14.63 -50.83 24.27
C LYS A 254 -15.46 -49.57 24.03
N ASN A 255 -16.22 -49.60 22.93
CA ASN A 255 -17.09 -48.48 22.52
C ASN A 255 -16.30 -47.22 22.19
N ILE A 256 -15.04 -47.37 21.77
CA ILE A 256 -14.24 -46.25 21.28
C ILE A 256 -13.76 -46.62 19.88
N GLY A 257 -13.99 -45.73 18.93
CA GLY A 257 -13.53 -45.94 17.57
C GLY A 257 -12.13 -45.40 17.36
N VAL A 258 -11.13 -46.06 17.96
CA VAL A 258 -9.73 -45.68 17.78
C VAL A 258 -8.88 -46.95 17.71
N SER A 259 -7.76 -46.84 17.00
CA SER A 259 -6.82 -47.93 16.81
C SER A 259 -5.50 -47.56 17.48
N SER A 260 -4.95 -48.50 18.25
CA SER A 260 -4.00 -48.20 19.30
C SER A 260 -2.64 -48.81 19.03
N CYS A 261 -1.61 -48.20 19.62
CA CYS A 261 -0.29 -48.78 19.68
C CYS A 261 0.37 -48.40 21.00
N ILE A 262 1.38 -49.18 21.38
CA ILE A 262 2.16 -48.95 22.59
C ILE A 262 3.59 -48.67 22.16
N LEU A 263 4.10 -47.50 22.52
CA LEU A 263 5.47 -47.14 22.19
C LEU A 263 6.29 -47.19 23.46
N THR A 264 7.43 -47.88 23.40
CA THR A 264 8.41 -47.87 24.47
C THR A 264 9.73 -47.35 23.92
N PHE A 265 10.30 -46.37 24.60
CA PHE A 265 11.49 -45.69 24.12
C PHE A 265 12.34 -45.29 25.33
N ASP A 266 13.62 -45.07 25.08
CA ASP A 266 14.54 -44.69 26.14
C ASP A 266 15.50 -43.63 25.64
N LYS A 267 16.24 -43.05 26.58
CA LYS A 267 17.36 -42.17 26.32
C LYS A 267 18.64 -42.78 26.85
N LYS A 268 18.80 -44.07 26.66
CA LYS A 268 20.00 -44.76 27.11
C LYS A 268 21.13 -44.59 26.09
N LYS A 269 22.36 -44.66 26.60
CA LYS A 269 23.56 -44.69 25.77
C LYS A 269 23.67 -46.08 25.14
N THR A 270 23.22 -46.22 23.90
CA THR A 270 23.14 -47.52 23.26
C THR A 270 23.67 -47.39 21.84
N LYS A 271 24.29 -48.45 21.34
CA LYS A 271 24.88 -48.42 20.02
C LYS A 271 24.08 -49.16 18.95
N GLU A 272 23.43 -50.28 19.28
CA GLU A 272 22.75 -51.09 18.26
C GLU A 272 21.47 -50.44 17.72
N THR A 273 20.64 -49.86 18.59
CA THR A 273 19.36 -49.20 18.26
C THR A 273 18.53 -49.99 17.23
N TYR A 274 18.11 -51.19 17.62
CA TYR A 274 17.07 -51.95 16.90
C TYR A 274 15.75 -51.96 17.66
N ILE A 275 14.65 -51.86 16.90
CA ILE A 275 13.29 -51.81 17.44
C ILE A 275 12.65 -53.19 17.43
N ASP A 276 12.03 -53.57 18.53
CA ASP A 276 11.15 -54.74 18.55
C ASP A 276 9.77 -54.32 18.06
N VAL A 277 9.29 -54.90 16.97
CA VAL A 277 7.95 -54.58 16.46
C VAL A 277 7.07 -55.81 16.63
N PHE A 278 5.95 -55.64 17.31
CA PHE A 278 4.94 -56.67 17.53
C PHE A 278 3.66 -56.22 16.83
N LYS A 279 3.36 -56.86 15.70
CA LYS A 279 2.19 -56.54 14.87
C LYS A 279 1.15 -57.62 15.04
N ILE A 280 -0.09 -57.21 15.31
CA ILE A 280 -1.16 -58.20 15.53
C ILE A 280 -1.50 -58.90 14.21
N LYS A 281 -1.73 -60.22 14.30
CA LYS A 281 -2.05 -61.03 13.12
C LYS A 281 -3.54 -61.11 12.85
N ASN A 282 -4.36 -61.19 13.89
CA ASN A 282 -5.81 -61.28 13.75
C ASN A 282 -6.46 -60.18 14.58
N GLU A 283 -7.23 -59.31 13.93
CA GLU A 283 -7.78 -58.13 14.61
C GLU A 283 -8.99 -58.44 15.48
N ASP A 284 -9.54 -59.65 15.39
CA ASP A 284 -10.71 -60.05 16.15
C ASP A 284 -10.34 -60.63 17.50
N ILE A 285 -9.07 -60.58 17.90
CA ILE A 285 -8.65 -61.24 19.12
C ILE A 285 -9.17 -60.47 20.31
N CYS A 286 -9.66 -61.21 21.31
CA CYS A 286 -10.00 -60.62 22.59
C CYS A 286 -8.72 -60.49 23.40
N ILE A 287 -8.54 -59.34 24.02
CA ILE A 287 -7.26 -59.00 24.62
C ILE A 287 -7.00 -59.74 25.93
N ASN A 288 -8.04 -60.29 26.56
CA ASN A 288 -7.95 -60.93 27.87
C ASN A 288 -7.80 -62.44 27.79
N LYS A 289 -7.36 -62.99 26.65
CA LYS A 289 -7.23 -64.44 26.53
C LYS A 289 -6.16 -65.01 27.44
N PHE A 290 -5.19 -64.20 27.85
CA PHE A 290 -4.10 -64.61 28.73
C PHE A 290 -4.06 -63.70 29.95
N GLU A 291 -3.39 -64.18 31.00
CA GLU A 291 -3.29 -63.40 32.22
C GLU A 291 -2.49 -62.11 32.00
N THR A 292 -1.53 -62.14 31.06
CA THR A 292 -0.60 -61.05 30.85
C THR A 292 -0.49 -60.74 29.36
N LEU A 293 -0.21 -59.49 29.05
CA LEU A 293 -0.06 -59.11 27.64
C LEU A 293 1.16 -59.77 27.01
N GLU A 294 2.21 -60.05 27.80
CA GLU A 294 3.41 -60.66 27.24
C GLU A 294 3.10 -62.02 26.65
N GLU A 295 2.21 -62.77 27.29
CA GLU A 295 1.79 -64.05 26.73
C GLU A 295 1.13 -63.86 25.37
N LEU A 296 0.31 -62.81 25.22
CA LEU A 296 -0.31 -62.55 23.92
C LEU A 296 0.73 -62.20 22.86
N LEU A 297 1.72 -61.38 23.20
CA LEU A 297 2.72 -60.97 22.23
C LEU A 297 3.56 -62.15 21.74
N LYS A 298 3.94 -63.06 22.66
CA LYS A 298 4.77 -64.20 22.28
C LYS A 298 3.97 -65.28 21.57
N SER A 299 2.65 -65.14 21.48
CA SER A 299 1.80 -66.18 20.94
C SER A 299 1.75 -66.11 19.42
N SER A 300 0.98 -67.04 18.85
CA SER A 300 0.73 -67.05 17.41
C SER A 300 -0.22 -65.95 16.99
N LYS A 301 -0.79 -65.21 17.95
CA LYS A 301 -1.72 -64.14 17.63
C LYS A 301 -1.01 -62.87 17.18
N PHE A 302 0.31 -62.80 17.31
CA PHE A 302 1.13 -61.66 16.95
C PHE A 302 2.35 -62.13 16.16
N GLU A 303 2.77 -61.34 15.17
CA GLU A 303 4.07 -61.55 14.55
C GLU A 303 5.09 -60.60 15.17
N HIS A 304 6.32 -61.06 15.31
CA HIS A 304 7.41 -60.22 15.79
C HIS A 304 8.47 -60.10 14.72
N PHE A 305 9.05 -58.91 14.59
CA PHE A 305 10.20 -58.69 13.73
C PHE A 305 10.95 -57.46 14.22
N ASN A 306 12.14 -57.26 13.67
CA ASN A 306 13.03 -56.18 14.07
C ASN A 306 13.17 -55.14 12.96
N ILE A 307 13.26 -53.88 13.36
CA ILE A 307 13.50 -52.77 12.44
C ILE A 307 14.70 -51.96 12.94
N ASN A 308 15.63 -51.66 12.03
CA ASN A 308 16.77 -50.81 12.35
C ASN A 308 16.34 -49.35 12.37
N GLN A 309 16.44 -48.71 13.53
CA GLN A 309 15.99 -47.34 13.63
C GLN A 309 16.81 -46.40 12.75
N ARG A 310 18.12 -46.69 12.59
CA ARG A 310 18.97 -45.86 11.74
C ARG A 310 18.53 -45.88 10.29
N LEU A 311 17.79 -46.91 9.85
CA LEU A 311 17.35 -47.05 8.47
C LEU A 311 15.95 -46.47 8.24
N LEU A 312 15.36 -45.84 9.24
CA LEU A 312 14.06 -45.21 9.07
C LEU A 312 14.21 -43.92 8.27
N SER A 313 13.43 -43.80 7.21
CA SER A 313 13.33 -42.56 6.46
C SER A 313 12.27 -41.69 7.12
N ASP A 314 11.80 -40.65 6.44
CA ASP A 314 10.66 -39.92 6.99
C ASP A 314 9.41 -40.78 7.07
N GLU A 315 9.36 -41.89 6.33
CA GLU A 315 8.33 -42.90 6.49
C GLU A 315 8.91 -44.12 7.21
N TRP A 316 8.11 -44.73 8.08
CA TRP A 316 8.52 -45.89 8.87
C TRP A 316 7.91 -47.13 8.24
N ILE A 317 8.73 -47.94 7.58
CA ILE A 317 8.24 -49.13 6.88
C ILE A 317 8.39 -50.29 7.87
N LEU A 318 7.34 -50.55 8.64
CA LEU A 318 7.39 -51.55 9.71
C LEU A 318 6.81 -52.86 9.18
N VAL A 319 7.66 -53.65 8.53
CA VAL A 319 7.25 -54.91 7.92
C VAL A 319 8.33 -55.96 8.14
N ASN A 320 7.94 -57.22 8.02
CA ASN A 320 8.91 -58.30 8.16
C ASN A 320 9.79 -58.39 6.91
N LYS A 321 10.80 -59.26 6.98
CA LYS A 321 11.79 -59.34 5.92
C LYS A 321 11.17 -59.77 4.59
N ASP A 322 10.20 -60.70 4.62
CA ASP A 322 9.53 -61.09 3.38
C ASP A 322 8.83 -59.90 2.73
N ASP A 323 8.08 -59.13 3.52
CA ASP A 323 7.39 -57.96 2.99
C ASP A 323 8.35 -56.86 2.54
N GLU A 324 9.42 -56.63 3.30
CA GLU A 324 10.39 -55.62 2.89
C GLU A 324 11.00 -55.98 1.54
N THR A 325 11.38 -57.25 1.34
CA THR A 325 11.91 -57.68 0.06
C THR A 325 10.89 -57.48 -1.06
N PHE A 326 9.64 -57.86 -0.78
CA PHE A 326 8.54 -57.65 -1.72
C PHE A 326 8.39 -56.17 -2.07
N TYR A 327 8.30 -55.32 -1.04
CA TYR A 327 8.14 -53.89 -1.27
C TYR A 327 9.32 -53.29 -2.03
N ASN A 328 10.54 -53.65 -1.64
CA ASN A 328 11.71 -53.07 -2.30
C ASN A 328 11.82 -53.50 -3.76
N LYS A 329 11.47 -54.76 -4.06
CA LYS A 329 11.51 -55.24 -5.45
C LYS A 329 10.64 -54.36 -6.34
N ILE A 330 9.40 -54.11 -5.90
CA ILE A 330 8.47 -53.31 -6.68
C ILE A 330 8.96 -51.88 -6.82
N GLN A 331 9.45 -51.29 -5.73
CA GLN A 331 9.92 -49.91 -5.77
C GLN A 331 11.05 -49.73 -6.78
N GLU A 332 12.02 -50.65 -6.78
CA GLU A 332 13.15 -50.52 -7.68
C GLU A 332 12.73 -50.78 -9.12
N LYS A 333 11.81 -51.72 -9.34
CA LYS A 333 11.42 -52.10 -10.69
C LYS A 333 10.62 -51.01 -11.39
N CYS A 334 9.71 -50.35 -10.67
CA CYS A 334 8.81 -49.38 -11.29
C CYS A 334 9.48 -48.04 -11.51
N LYS A 335 9.42 -47.54 -12.74
CA LYS A 335 10.06 -46.27 -13.08
C LYS A 335 9.16 -45.06 -12.90
N TYR A 336 7.86 -45.27 -12.68
CA TYR A 336 6.89 -44.17 -12.57
C TYR A 336 6.09 -44.31 -11.30
N SER A 337 5.50 -43.20 -10.89
CA SER A 337 4.49 -43.16 -9.85
C SER A 337 3.20 -42.57 -10.44
N LEU A 338 2.08 -42.83 -9.77
CA LEU A 338 0.82 -42.24 -10.22
C LEU A 338 0.91 -40.72 -10.26
N GLU A 339 1.56 -40.12 -9.26
CA GLU A 339 1.75 -38.68 -9.26
C GLU A 339 2.47 -38.21 -10.52
N ASP A 340 3.42 -39.01 -11.02
CA ASP A 340 4.15 -38.63 -12.22
C ASP A 340 3.22 -38.51 -13.42
N ILE A 341 2.24 -39.42 -13.54
CA ILE A 341 1.47 -39.57 -14.77
C ILE A 341 0.05 -39.05 -14.65
N ALA A 342 -0.40 -38.65 -13.48
CA ALA A 342 -1.81 -38.37 -13.28
C ALA A 342 -2.01 -37.08 -12.51
N ILE A 343 -3.17 -36.48 -12.73
CA ILE A 343 -3.66 -35.35 -11.96
C ILE A 343 -4.72 -35.89 -11.00
N SER A 344 -4.53 -35.65 -9.71
CA SER A 344 -5.42 -36.13 -8.66
C SER A 344 -6.24 -34.97 -8.10
N PHE A 345 -7.44 -35.29 -7.60
CA PHE A 345 -8.25 -34.25 -6.96
C PHE A 345 -9.28 -34.86 -6.02
N GLN A 346 -9.59 -34.13 -4.96
CA GLN A 346 -10.66 -34.49 -4.04
C GLN A 346 -12.03 -34.16 -4.62
N GLY A 347 -13.04 -34.87 -4.15
CA GLY A 347 -14.38 -34.68 -4.64
C GLY A 347 -15.01 -33.39 -4.13
N ILE A 348 -16.26 -33.18 -4.56
CA ILE A 348 -17.03 -32.02 -4.13
C ILE A 348 -17.20 -32.05 -2.63
N ILE A 349 -17.10 -30.89 -2.00
CA ILE A 349 -17.50 -30.71 -0.61
C ILE A 349 -18.62 -29.68 -0.62
N THR A 350 -19.87 -30.15 -0.53
CA THR A 350 -20.98 -29.21 -0.57
C THR A 350 -21.01 -28.33 0.67
N GLY A 351 -20.65 -28.88 1.82
CA GLY A 351 -20.80 -28.19 3.08
C GLY A 351 -22.11 -28.47 3.79
N CYS A 352 -23.13 -28.93 3.06
CA CYS A 352 -24.35 -29.43 3.67
C CYS A 352 -25.03 -30.34 2.64
N ASP A 353 -24.78 -31.65 2.74
CA ASP A 353 -25.21 -32.56 1.68
C ASP A 353 -26.73 -32.64 1.57
N LYS A 354 -27.44 -32.60 2.70
CA LYS A 354 -28.90 -32.74 2.66
C LYS A 354 -29.56 -31.61 1.87
N ALA A 355 -28.87 -30.49 1.69
CA ALA A 355 -29.40 -29.35 0.95
C ALA A 355 -29.21 -29.44 -0.56
N PHE A 356 -28.26 -30.24 -1.03
CA PHE A 356 -27.88 -30.26 -2.44
C PHE A 356 -28.01 -31.62 -3.12
N ILE A 357 -28.13 -32.71 -2.36
CA ILE A 357 -28.17 -34.05 -2.90
C ILE A 357 -29.59 -34.57 -2.76
N LEU A 358 -30.17 -34.99 -3.88
CA LEU A 358 -31.51 -35.55 -3.89
C LEU A 358 -31.48 -36.90 -4.57
N SER A 359 -32.38 -37.78 -4.13
CA SER A 359 -32.60 -39.03 -4.86
C SER A 359 -33.07 -38.73 -6.27
N LYS A 360 -32.57 -39.51 -7.23
CA LYS A 360 -32.90 -39.24 -8.64
C LYS A 360 -34.38 -39.43 -8.92
N ASP A 361 -35.10 -40.14 -8.04
CA ASP A 361 -36.55 -40.28 -8.12
C ASP A 361 -37.31 -39.23 -7.31
N ASP A 362 -36.61 -38.30 -6.65
CA ASP A 362 -37.30 -37.28 -5.87
C ASP A 362 -38.03 -36.32 -6.79
N VAL A 363 -39.28 -36.01 -6.43
CA VAL A 363 -40.11 -35.17 -7.29
C VAL A 363 -39.62 -33.73 -7.33
N LYS A 364 -38.88 -33.28 -6.32
CA LYS A 364 -38.38 -31.91 -6.34
C LYS A 364 -37.39 -31.68 -7.48
N LEU A 365 -36.84 -32.74 -8.06
CA LEU A 365 -35.95 -32.56 -9.20
C LEU A 365 -36.68 -32.00 -10.41
N ASN A 366 -38.01 -32.07 -10.42
CA ASN A 366 -38.76 -31.48 -11.52
C ASN A 366 -38.65 -29.96 -11.52
N LEU A 367 -38.31 -29.36 -10.38
CA LEU A 367 -38.10 -27.93 -10.30
C LEU A 367 -36.74 -27.50 -10.84
N VAL A 368 -35.80 -28.44 -10.94
CA VAL A 368 -34.41 -28.12 -11.28
C VAL A 368 -34.17 -28.44 -12.75
N ASP A 369 -33.75 -27.41 -13.48
CA ASP A 369 -33.33 -27.58 -14.88
C ASP A 369 -32.20 -28.58 -14.95
N ASP A 370 -32.21 -29.41 -16.00
CA ASP A 370 -31.25 -30.50 -16.09
C ASP A 370 -29.82 -30.00 -16.25
N LYS A 371 -29.63 -28.76 -16.69
CA LYS A 371 -28.28 -28.22 -16.78
C LYS A 371 -27.60 -28.11 -15.42
N PHE A 372 -28.38 -28.04 -14.34
CA PHE A 372 -27.87 -27.93 -12.98
C PHE A 372 -27.61 -29.26 -12.30
N LEU A 373 -28.03 -30.38 -12.91
CA LEU A 373 -28.03 -31.67 -12.25
C LEU A 373 -26.81 -32.49 -12.68
N LYS A 374 -26.11 -33.05 -11.71
CA LYS A 374 -24.97 -33.94 -11.96
C LYS A 374 -25.21 -35.27 -11.27
N CYS A 375 -24.65 -36.34 -11.83
CA CYS A 375 -24.71 -37.64 -11.17
C CYS A 375 -23.82 -37.68 -9.93
N TRP A 376 -24.32 -38.33 -8.89
CA TRP A 376 -23.69 -38.33 -7.58
C TRP A 376 -23.56 -39.76 -7.09
N ILE A 377 -22.35 -40.16 -6.70
CA ILE A 377 -22.13 -41.49 -6.15
C ILE A 377 -21.46 -41.40 -4.79
N LYS A 378 -21.61 -42.47 -4.02
CA LYS A 378 -20.94 -42.61 -2.73
C LYS A 378 -19.87 -43.68 -2.86
N SER A 379 -19.03 -43.78 -1.82
CA SER A 379 -17.92 -44.73 -1.86
C SER A 379 -18.40 -46.16 -2.08
N LYS A 380 -19.57 -46.53 -1.55
CA LYS A 380 -20.07 -47.89 -1.74
C LYS A 380 -20.35 -48.21 -3.20
N ASN A 381 -20.49 -47.19 -4.06
CA ASN A 381 -20.80 -47.42 -5.46
C ASN A 381 -19.57 -47.80 -6.28
N ILE A 382 -18.36 -47.64 -5.71
CA ILE A 382 -17.14 -47.98 -6.41
C ILE A 382 -16.85 -49.45 -6.17
N ASN A 383 -16.74 -50.21 -7.25
CA ASN A 383 -16.27 -51.58 -7.25
C ASN A 383 -14.91 -51.62 -7.93
N LYS A 384 -14.29 -52.78 -7.95
CA LYS A 384 -13.15 -52.95 -8.84
C LYS A 384 -13.63 -52.77 -10.28
N TYR A 385 -12.93 -51.90 -11.01
CA TYR A 385 -13.06 -51.64 -12.45
C TYR A 385 -14.27 -50.83 -12.91
N ILE A 386 -15.37 -50.77 -12.17
CA ILE A 386 -16.56 -50.09 -12.66
C ILE A 386 -17.39 -49.60 -11.50
N VAL A 387 -18.21 -48.57 -11.78
CA VAL A 387 -19.00 -47.86 -10.80
C VAL A 387 -20.45 -48.26 -10.96
N ASP A 388 -21.16 -48.46 -9.85
CA ASP A 388 -22.59 -48.70 -9.91
C ASP A 388 -23.28 -47.51 -10.58
N LYS A 389 -24.44 -47.78 -11.20
CA LYS A 389 -25.27 -46.69 -11.70
C LYS A 389 -25.64 -45.78 -10.53
N SER A 390 -25.61 -44.47 -10.77
CA SER A 390 -25.85 -43.55 -9.66
C SER A 390 -27.33 -43.49 -9.31
N GLU A 391 -27.59 -43.30 -8.01
CA GLU A 391 -28.94 -43.17 -7.52
C GLU A 391 -29.22 -41.79 -6.96
N TYR A 392 -28.26 -40.87 -7.02
CA TYR A 392 -28.42 -39.54 -6.46
C TYR A 392 -28.04 -38.49 -7.49
N ARG A 393 -28.54 -37.29 -7.25
CA ARG A 393 -28.24 -36.13 -8.08
C ARG A 393 -27.71 -34.99 -7.22
N LEU A 394 -26.70 -34.29 -7.73
CA LEU A 394 -26.20 -33.09 -7.10
C LEU A 394 -26.74 -31.88 -7.86
N ILE A 395 -27.26 -30.90 -7.12
CA ILE A 395 -27.64 -29.61 -7.70
C ILE A 395 -26.39 -28.74 -7.70
N TYR A 396 -25.78 -28.55 -8.87
CA TYR A 396 -24.57 -27.75 -8.96
C TYR A 396 -24.98 -26.29 -8.85
N SER A 397 -25.24 -25.86 -7.62
CA SER A 397 -25.87 -24.57 -7.39
C SER A 397 -24.98 -23.41 -7.78
N ASN A 398 -23.67 -23.62 -7.93
CA ASN A 398 -22.80 -22.52 -8.33
C ASN A 398 -23.22 -21.91 -9.65
N ASP A 399 -23.85 -22.69 -10.52
CA ASP A 399 -24.24 -22.17 -11.83
C ASP A 399 -25.55 -21.40 -11.79
N ILE A 400 -26.21 -21.30 -10.64
CA ILE A 400 -27.41 -20.47 -10.50
C ILE A 400 -26.97 -19.02 -10.40
N ASP A 401 -27.34 -18.21 -11.41
CA ASP A 401 -26.77 -16.87 -11.56
C ASP A 401 -27.21 -15.94 -10.45
N ASN A 402 -28.51 -15.86 -10.17
CA ASN A 402 -29.01 -14.97 -9.13
C ASN A 402 -30.23 -15.57 -8.46
N GLU A 403 -30.61 -14.98 -7.33
CA GLU A 403 -31.70 -15.48 -6.49
C GLU A 403 -33.09 -15.28 -7.10
N ASN A 404 -33.23 -14.42 -8.11
CA ASN A 404 -34.54 -14.06 -8.63
C ASN A 404 -34.95 -14.88 -9.85
N THR A 405 -33.99 -15.40 -10.62
CA THR A 405 -34.30 -16.17 -11.81
C THR A 405 -34.78 -17.58 -11.47
N ASN A 406 -34.20 -18.19 -10.43
CA ASN A 406 -34.53 -19.55 -10.02
C ASN A 406 -35.07 -19.58 -8.60
N LYS A 407 -35.99 -18.68 -8.27
CA LYS A 407 -36.45 -18.54 -6.89
C LYS A 407 -37.01 -19.85 -6.34
N ARG A 408 -37.66 -20.64 -7.20
CA ARG A 408 -38.34 -21.84 -6.74
C ARG A 408 -37.35 -22.86 -6.17
N ILE A 409 -36.20 -23.04 -6.83
CA ILE A 409 -35.18 -23.96 -6.34
C ILE A 409 -34.67 -23.52 -4.98
N LEU A 410 -34.39 -22.21 -4.84
CA LEU A 410 -33.84 -21.71 -3.59
C LEU A 410 -34.86 -21.82 -2.46
N ASP A 411 -36.13 -21.51 -2.73
CA ASP A 411 -37.12 -21.47 -1.67
C ASP A 411 -37.52 -22.88 -1.23
N GLU A 412 -37.63 -23.82 -2.18
CA GLU A 412 -38.27 -25.09 -1.89
C GLU A 412 -37.31 -26.26 -1.71
N ILE A 413 -36.05 -26.12 -2.10
CA ILE A 413 -35.10 -27.24 -1.95
C ILE A 413 -33.94 -26.82 -1.05
N ILE A 414 -33.13 -25.89 -1.52
CA ILE A 414 -31.91 -25.51 -0.82
C ILE A 414 -32.24 -24.69 0.42
N GLY A 415 -33.22 -23.78 0.32
CA GLY A 415 -33.51 -22.87 1.42
C GLY A 415 -33.98 -23.53 2.71
N LEU A 416 -34.40 -24.80 2.64
CA LEU A 416 -34.78 -25.50 3.86
C LEU A 416 -33.61 -25.68 4.82
N TYR A 417 -32.38 -25.47 4.36
CA TYR A 417 -31.21 -25.61 5.20
C TYR A 417 -30.41 -24.30 5.22
N LYS A 418 -31.09 -23.17 5.00
CA LYS A 418 -30.37 -21.91 4.86
C LYS A 418 -29.55 -21.57 6.10
N THR A 419 -30.11 -21.79 7.29
CA THR A 419 -29.38 -21.48 8.52
C THR A 419 -28.08 -22.26 8.60
N LYS A 420 -28.12 -23.57 8.36
CA LYS A 420 -26.88 -24.34 8.37
C LYS A 420 -25.94 -23.92 7.25
N LEU A 421 -26.49 -23.61 6.07
CA LEU A 421 -25.63 -23.18 4.98
C LEU A 421 -24.93 -21.88 5.31
N GLU A 422 -25.64 -20.96 5.99
CA GLU A 422 -25.03 -19.67 6.33
C GLU A 422 -23.97 -19.78 7.39
N ASN A 423 -23.90 -20.90 8.11
CA ASN A 423 -22.89 -21.02 9.14
C ASN A 423 -21.57 -21.58 8.62
N ARG A 424 -21.52 -21.99 7.35
CA ARG A 424 -20.27 -22.46 6.78
C ARG A 424 -19.27 -21.32 6.70
N ARG A 425 -17.98 -21.68 6.81
CA ARG A 425 -16.94 -20.67 7.00
C ARG A 425 -16.95 -19.63 5.88
N GLU A 426 -16.98 -20.09 4.63
CA GLU A 426 -16.92 -19.15 3.51
C GLU A 426 -18.21 -18.37 3.31
N CYS A 427 -19.32 -18.81 3.89
CA CYS A 427 -20.52 -17.98 3.88
C CYS A 427 -20.42 -16.85 4.90
N LYS A 428 -19.90 -17.13 6.09
CA LYS A 428 -19.76 -16.08 7.11
C LYS A 428 -18.79 -15.01 6.67
N SER A 429 -17.78 -15.36 5.88
CA SER A 429 -16.79 -14.39 5.41
C SER A 429 -17.19 -13.74 4.08
N GLY A 430 -18.28 -14.20 3.46
CA GLY A 430 -18.75 -13.58 2.24
C GLY A 430 -18.19 -14.18 0.96
N ILE A 431 -17.34 -15.20 1.05
CA ILE A 431 -16.76 -15.72 -0.18
C ILE A 431 -17.76 -16.57 -0.94
N ARG A 432 -18.74 -17.13 -0.24
CA ARG A 432 -19.74 -18.01 -0.80
C ARG A 432 -21.12 -17.42 -0.55
N LYS A 433 -21.97 -17.44 -1.58
CA LYS A 433 -23.36 -17.09 -1.34
C LYS A 433 -23.99 -18.22 -0.51
N TRP A 434 -25.08 -17.89 0.18
CA TRP A 434 -25.64 -18.86 1.12
C TRP A 434 -26.05 -20.15 0.41
N TYR A 435 -26.44 -20.06 -0.87
CA TYR A 435 -26.89 -21.23 -1.61
C TYR A 435 -25.79 -21.91 -2.41
N GLU A 436 -24.57 -21.39 -2.41
CA GLU A 436 -23.52 -21.98 -3.23
C GLU A 436 -22.88 -23.18 -2.54
N LEU A 437 -22.28 -24.04 -3.35
CA LEU A 437 -21.47 -25.13 -2.80
C LEU A 437 -20.20 -24.56 -2.17
N GLN A 438 -19.83 -25.11 -1.01
CA GLN A 438 -18.68 -24.59 -0.30
C GLN A 438 -17.39 -24.80 -1.09
N TRP A 439 -17.16 -26.02 -1.59
CA TRP A 439 -16.00 -26.31 -2.43
C TRP A 439 -16.50 -27.05 -3.67
N GLY A 440 -16.91 -26.28 -4.67
CA GLY A 440 -17.47 -26.84 -5.89
C GLY A 440 -16.45 -27.30 -6.89
N ARG A 441 -15.17 -27.05 -6.65
CA ARG A 441 -14.09 -27.57 -7.49
C ARG A 441 -14.32 -27.05 -8.92
N GLU A 442 -13.94 -27.86 -9.90
CA GLU A 442 -14.07 -27.50 -11.31
C GLU A 442 -14.81 -28.64 -12.01
N LYS A 443 -15.98 -28.33 -12.56
CA LYS A 443 -16.79 -29.35 -13.23
C LYS A 443 -16.00 -30.11 -14.29
N LEU A 444 -15.14 -29.40 -15.03
CA LEU A 444 -14.40 -30.02 -16.13
C LEU A 444 -13.50 -31.16 -15.67
N PHE A 445 -13.10 -31.18 -14.40
CA PHE A 445 -12.30 -32.30 -13.92
C PHE A 445 -13.15 -33.55 -13.75
N PHE A 446 -14.44 -33.38 -13.43
CA PHE A 446 -15.32 -34.53 -13.25
C PHE A 446 -15.93 -35.02 -14.55
N GLU A 447 -16.22 -34.12 -15.48
CA GLU A 447 -16.95 -34.46 -16.70
C GLU A 447 -15.97 -34.91 -17.78
N ARG A 448 -15.31 -36.02 -17.48
CA ARG A 448 -14.33 -36.63 -18.36
C ARG A 448 -14.10 -38.05 -17.89
N LYS A 449 -13.51 -38.87 -18.76
CA LYS A 449 -13.10 -40.20 -18.36
C LYS A 449 -12.06 -40.08 -17.26
N LYS A 450 -12.22 -40.86 -16.19
CA LYS A 450 -11.32 -40.75 -15.06
C LYS A 450 -11.39 -42.04 -14.26
N ILE A 451 -10.51 -42.14 -13.27
CA ILE A 451 -10.50 -43.27 -12.36
C ILE A 451 -10.95 -42.78 -11.00
N MET A 452 -11.82 -43.56 -10.35
CA MET A 452 -12.35 -43.22 -9.04
C MET A 452 -12.10 -44.38 -8.09
N TYR A 453 -11.89 -44.04 -6.81
CA TYR A 453 -11.69 -45.04 -5.77
C TYR A 453 -12.25 -44.52 -4.46
N PRO A 454 -12.72 -45.42 -3.59
CA PRO A 454 -13.29 -44.97 -2.30
C PRO A 454 -12.20 -44.46 -1.38
N TYR A 455 -12.57 -43.54 -0.48
CA TYR A 455 -11.55 -42.93 0.37
C TYR A 455 -11.14 -43.82 1.53
N LYS A 456 -11.98 -44.79 1.89
CA LYS A 456 -11.70 -45.73 2.95
C LYS A 456 -12.26 -47.07 2.49
N SER A 457 -11.44 -48.10 2.52
CA SER A 457 -11.86 -49.40 1.98
C SER A 457 -11.01 -50.51 2.59
N ASN A 458 -11.52 -51.74 2.44
CA ASN A 458 -10.80 -52.92 2.88
C ASN A 458 -9.81 -53.43 1.83
N GLU A 459 -9.89 -52.95 0.60
CA GLU A 459 -9.08 -53.47 -0.49
C GLU A 459 -9.02 -52.42 -1.58
N ASN A 460 -8.08 -52.60 -2.51
CA ASN A 460 -8.00 -51.72 -3.67
C ASN A 460 -9.26 -51.85 -4.51
N ARG A 461 -9.95 -50.73 -4.73
CA ARG A 461 -11.14 -50.71 -5.59
C ARG A 461 -10.99 -49.47 -6.48
N PHE A 462 -10.34 -49.64 -7.62
CA PHE A 462 -10.16 -48.57 -8.58
C PHE A 462 -11.04 -48.85 -9.79
N ALA A 463 -11.91 -47.90 -10.12
CA ALA A 463 -12.87 -48.06 -11.19
C ALA A 463 -12.68 -46.99 -12.25
N ILE A 464 -12.98 -47.34 -13.50
CA ILE A 464 -13.05 -46.36 -14.58
C ILE A 464 -14.47 -45.79 -14.61
N ASP A 465 -14.59 -44.48 -14.45
CA ASP A 465 -15.88 -43.82 -14.54
C ASP A 465 -16.11 -43.40 -15.98
N TYR A 466 -17.20 -43.91 -16.57
CA TYR A 466 -17.60 -43.53 -17.91
C TYR A 466 -18.71 -42.49 -17.95
N ASP A 467 -19.30 -42.14 -16.80
CA ASP A 467 -20.58 -41.45 -16.78
C ASP A 467 -20.50 -40.07 -16.14
N ASN A 468 -19.32 -39.44 -16.13
CA ASN A 468 -19.15 -38.08 -15.59
C ASN A 468 -19.72 -37.99 -14.18
N ASN A 469 -19.42 -38.99 -13.36
CA ASN A 469 -19.96 -39.00 -12.00
C ASN A 469 -19.28 -37.95 -11.14
N PHE A 470 -20.09 -37.18 -10.43
CA PHE A 470 -19.59 -36.38 -9.34
C PHE A 470 -19.68 -37.18 -8.05
N SER A 471 -18.95 -36.72 -7.03
CA SER A 471 -18.95 -37.40 -5.75
C SER A 471 -18.47 -36.41 -4.71
N SER A 472 -18.70 -36.76 -3.44
CA SER A 472 -18.16 -36.02 -2.32
C SER A 472 -16.71 -36.47 -2.04
N ALA A 473 -16.19 -36.08 -0.88
CA ALA A 473 -14.81 -36.38 -0.52
C ALA A 473 -14.60 -37.83 -0.08
N ASP A 474 -15.64 -38.65 -0.04
CA ASP A 474 -15.45 -40.07 0.22
C ASP A 474 -14.98 -40.84 -1.00
N VAL A 475 -14.86 -40.17 -2.14
CA VAL A 475 -14.38 -40.78 -3.38
C VAL A 475 -13.33 -39.85 -3.98
N TYR A 476 -12.16 -40.40 -4.32
CA TYR A 476 -11.12 -39.61 -4.95
C TYR A 476 -11.05 -39.94 -6.44
N SER A 477 -10.51 -39.01 -7.21
CA SER A 477 -10.45 -39.17 -8.66
C SER A 477 -9.09 -38.79 -9.19
N PHE A 478 -8.68 -39.44 -10.28
CA PHE A 478 -7.56 -38.93 -11.06
C PHE A 478 -7.81 -39.24 -12.52
N PHE A 479 -7.17 -38.44 -13.37
CA PHE A 479 -7.13 -38.67 -14.80
C PHE A 479 -5.68 -38.61 -15.25
N ILE A 480 -5.42 -39.19 -16.39
CA ILE A 480 -4.06 -39.34 -16.88
C ILE A 480 -3.62 -38.07 -17.57
N LYS A 481 -2.40 -37.62 -17.27
CA LYS A 481 -1.84 -36.46 -17.96
C LYS A 481 -1.75 -36.79 -19.44
N GLU A 482 -1.91 -35.78 -20.28
CA GLU A 482 -1.97 -36.03 -21.72
C GLU A 482 -0.67 -36.66 -22.22
N GLU A 483 0.47 -36.22 -21.70
CA GLU A 483 1.74 -36.70 -22.23
C GLU A 483 2.02 -38.15 -21.88
N TYR A 484 1.29 -38.74 -20.92
CA TYR A 484 1.47 -40.15 -20.56
C TYR A 484 0.38 -41.05 -21.13
N LEU A 485 -0.53 -40.51 -21.95
CA LEU A 485 -1.63 -41.31 -22.47
C LEU A 485 -1.16 -42.41 -23.41
N ASP A 486 -0.08 -42.17 -24.16
CA ASP A 486 0.42 -43.21 -25.06
C ASP A 486 1.26 -44.25 -24.36
N LYS A 487 1.64 -44.03 -23.10
CA LYS A 487 2.34 -45.05 -22.31
C LYS A 487 1.40 -45.83 -21.41
N PHE A 488 0.39 -45.19 -20.84
CA PHE A 488 -0.52 -45.85 -19.92
C PHE A 488 -1.96 -45.56 -20.30
N SER A 489 -2.81 -46.57 -20.22
CA SER A 489 -4.23 -46.45 -20.50
C SER A 489 -5.01 -46.68 -19.22
N TYR A 490 -6.23 -46.15 -19.16
CA TYR A 490 -7.05 -46.37 -17.97
C TYR A 490 -7.30 -47.86 -17.76
N GLU A 491 -7.48 -48.61 -18.85
CA GLU A 491 -7.74 -50.03 -18.75
C GLU A 491 -6.54 -50.78 -18.16
N TYR A 492 -5.33 -50.44 -18.57
CA TYR A 492 -4.15 -51.06 -17.96
C TYR A 492 -4.05 -50.69 -16.47
N LEU A 493 -4.27 -49.43 -16.14
CA LEU A 493 -4.06 -48.96 -14.77
C LEU A 493 -5.01 -49.65 -13.78
N VAL A 494 -6.29 -49.76 -14.14
CA VAL A 494 -7.19 -50.44 -13.22
C VAL A 494 -6.84 -51.92 -13.12
N GLY A 495 -6.25 -52.49 -14.18
CA GLY A 495 -5.83 -53.87 -14.12
C GLY A 495 -4.78 -54.11 -13.03
N ILE A 496 -3.70 -53.35 -13.05
CA ILE A 496 -2.66 -53.62 -12.05
C ILE A 496 -3.06 -53.10 -10.67
N LEU A 497 -3.73 -51.94 -10.60
CA LEU A 497 -4.08 -51.38 -9.29
C LEU A 497 -5.06 -52.28 -8.54
N ASN A 498 -5.89 -53.02 -9.25
CA ASN A 498 -6.83 -53.93 -8.60
C ASN A 498 -6.24 -55.32 -8.36
N SER A 499 -4.99 -55.56 -8.75
CA SER A 499 -4.41 -56.89 -8.63
C SER A 499 -4.09 -57.22 -7.17
N SER A 500 -3.98 -58.52 -6.90
CA SER A 500 -3.58 -58.96 -5.57
C SER A 500 -2.21 -58.42 -5.20
N VAL A 501 -1.33 -58.30 -6.18
CA VAL A 501 0.00 -57.77 -5.90
C VAL A 501 -0.10 -56.35 -5.36
N TYR A 502 -0.86 -55.50 -6.05
CA TYR A 502 -0.94 -54.11 -5.65
C TYR A 502 -1.81 -53.89 -4.42
N ASP A 503 -2.75 -54.79 -4.15
CA ASP A 503 -3.47 -54.69 -2.89
C ASP A 503 -2.52 -54.90 -1.72
N LYS A 504 -1.70 -55.95 -1.77
CA LYS A 504 -0.67 -56.16 -0.76
C LYS A 504 0.37 -55.05 -0.80
N TYR A 505 0.76 -54.63 -2.00
CA TYR A 505 1.79 -53.60 -2.13
C TYR A 505 1.36 -52.31 -1.46
N PHE A 506 0.15 -51.83 -1.76
CA PHE A 506 -0.33 -50.59 -1.16
C PHE A 506 -0.47 -50.72 0.35
N LYS A 507 -1.00 -51.84 0.83
CA LYS A 507 -1.28 -51.95 2.26
C LYS A 507 -0.03 -51.99 3.13
N ILE A 508 1.15 -52.18 2.54
CA ILE A 508 2.39 -52.18 3.33
C ILE A 508 2.60 -50.83 4.01
N THR A 509 2.35 -49.74 3.30
CA THR A 509 2.61 -48.41 3.81
C THR A 509 1.34 -47.58 4.03
N ALA A 510 0.17 -48.14 3.74
CA ALA A 510 -1.08 -47.41 3.91
C ALA A 510 -1.37 -47.20 5.40
N LYS A 511 -2.34 -46.32 5.66
CA LYS A 511 -2.70 -45.89 7.01
C LYS A 511 -3.88 -46.73 7.49
N LYS A 512 -3.63 -47.64 8.43
CA LYS A 512 -4.67 -48.52 8.96
C LYS A 512 -5.58 -47.73 9.89
N MET A 513 -6.88 -47.67 9.57
CA MET A 513 -7.83 -46.79 10.25
C MET A 513 -8.69 -47.51 11.29
N SER A 514 -9.39 -48.56 10.88
CA SER A 514 -10.16 -49.39 11.80
C SER A 514 -10.19 -50.78 11.22
N LYS A 515 -10.91 -51.69 11.88
CA LYS A 515 -10.89 -53.09 11.46
C LYS A 515 -11.30 -53.19 10.00
N ASN A 516 -10.38 -53.68 9.18
CA ASN A 516 -10.58 -53.84 7.73
C ASN A 516 -10.86 -52.51 7.03
N ILE A 517 -10.24 -51.42 7.48
CA ILE A 517 -10.34 -50.14 6.78
C ILE A 517 -8.96 -49.53 6.68
N TYR A 518 -8.55 -49.21 5.45
CA TYR A 518 -7.38 -48.40 5.18
C TYR A 518 -7.81 -47.09 4.55
N ASP A 519 -7.02 -46.05 4.78
CA ASP A 519 -7.20 -44.81 4.04
C ASP A 519 -6.69 -45.01 2.62
N TYR A 520 -7.53 -44.71 1.65
CA TYR A 520 -7.10 -44.58 0.26
C TYR A 520 -7.18 -43.09 -0.07
N TYR A 521 -6.13 -42.36 0.30
CA TYR A 521 -6.04 -40.93 0.09
C TYR A 521 -4.87 -40.60 -0.82
N PRO A 522 -4.97 -39.50 -1.59
CA PRO A 522 -3.90 -39.18 -2.53
C PRO A 522 -2.52 -39.08 -1.91
N ASN A 523 -2.41 -38.67 -0.64
CA ASN A 523 -1.07 -38.53 -0.05
C ASN A 523 -0.33 -39.85 0.02
N LYS A 524 -1.03 -40.98 -0.09
CA LYS A 524 -0.35 -42.25 -0.29
C LYS A 524 -0.71 -42.93 -1.62
N VAL A 525 -1.94 -42.80 -2.10
CA VAL A 525 -2.31 -43.44 -3.36
C VAL A 525 -1.46 -42.90 -4.50
N MET A 526 -1.18 -41.61 -4.47
CA MET A 526 -0.38 -41.03 -5.54
C MET A 526 1.10 -41.40 -5.45
N LYS A 527 1.53 -42.01 -4.35
CA LYS A 527 2.91 -42.51 -4.26
C LYS A 527 3.05 -43.91 -4.82
N ILE A 528 1.94 -44.55 -5.21
CA ILE A 528 2.01 -45.90 -5.78
C ILE A 528 2.80 -45.87 -7.08
N ARG A 529 3.79 -46.76 -7.18
CA ARG A 529 4.66 -46.84 -8.34
C ARG A 529 4.14 -47.89 -9.31
N ILE A 530 4.28 -47.61 -10.60
CA ILE A 530 3.72 -48.43 -11.67
C ILE A 530 4.84 -48.71 -12.65
N PHE A 531 4.64 -49.77 -13.43
CA PHE A 531 5.64 -50.22 -14.38
C PHE A 531 5.01 -50.38 -15.74
N ARG A 532 5.85 -50.60 -16.73
CA ARG A 532 5.39 -50.86 -18.09
C ARG A 532 6.44 -51.73 -18.76
N ASP A 533 6.05 -52.92 -19.21
CA ASP A 533 7.00 -53.88 -19.77
C ASP A 533 6.28 -54.75 -20.80
N ASN A 534 6.87 -55.92 -21.09
CA ASN A 534 6.36 -56.82 -22.12
C ASN A 534 4.98 -57.36 -21.79
N ASN A 535 4.57 -57.36 -20.53
CA ASN A 535 3.26 -57.86 -20.18
C ASN A 535 2.17 -56.80 -20.32
N TYR A 536 2.53 -55.58 -20.75
CA TYR A 536 1.56 -54.51 -20.82
C TYR A 536 0.35 -54.89 -21.66
N GLU A 537 0.58 -55.38 -22.89
CA GLU A 537 -0.53 -55.65 -23.79
C GLU A 537 -1.45 -56.71 -23.21
N GLU A 538 -0.88 -57.78 -22.63
CA GLU A 538 -1.72 -58.86 -22.12
C GLU A 538 -2.48 -58.45 -20.86
N ILE A 539 -1.83 -57.70 -19.96
CA ILE A 539 -2.51 -57.21 -18.78
C ILE A 539 -3.69 -56.31 -19.18
N GLU A 540 -3.43 -55.39 -20.13
CA GLU A 540 -4.49 -54.49 -20.58
C GLU A 540 -5.63 -55.26 -21.22
N ASN A 541 -5.29 -56.29 -22.00
CA ASN A 541 -6.35 -57.07 -22.64
C ASN A 541 -7.22 -57.79 -21.61
N LEU A 542 -6.61 -58.37 -20.58
CA LEU A 542 -7.38 -59.04 -19.53
C LEU A 542 -8.28 -58.05 -18.80
N SER A 543 -7.79 -56.83 -18.59
CA SER A 543 -8.59 -55.82 -17.93
C SER A 543 -9.85 -55.50 -18.72
N LYS A 544 -9.72 -55.39 -20.05
CA LYS A 544 -10.89 -55.13 -20.90
C LYS A 544 -11.89 -56.27 -20.83
N GLN A 545 -11.42 -57.52 -20.78
CA GLN A 545 -12.34 -58.64 -20.66
C GLN A 545 -13.11 -58.57 -19.35
N ILE A 546 -12.43 -58.24 -18.26
CA ILE A 546 -13.11 -58.09 -16.99
C ILE A 546 -14.15 -56.98 -17.07
N ILE A 547 -13.75 -55.81 -17.61
CA ILE A 547 -14.68 -54.71 -17.73
C ILE A 547 -15.88 -55.10 -18.58
N SER A 548 -15.62 -55.82 -19.67
CA SER A 548 -16.72 -56.22 -20.54
C SER A 548 -17.71 -57.14 -19.81
N ILE A 549 -17.20 -58.12 -19.07
CA ILE A 549 -18.10 -59.02 -18.35
C ILE A 549 -18.86 -58.27 -17.27
N LEU A 550 -18.18 -57.41 -16.52
CA LEU A 550 -18.80 -56.71 -15.40
C LEU A 550 -19.92 -55.78 -15.85
N LEU A 551 -19.88 -55.32 -17.09
CA LEU A 551 -20.90 -54.44 -17.61
C LEU A 551 -22.05 -55.17 -18.30
N ASN A 552 -21.97 -56.48 -18.47
CA ASN A 552 -23.04 -57.16 -19.19
C ASN A 552 -24.23 -57.42 -18.26
N LYS A 553 -25.36 -57.79 -18.87
CA LYS A 553 -26.58 -58.01 -18.11
C LYS A 553 -26.51 -59.28 -17.27
N SER A 554 -26.21 -60.42 -17.90
CA SER A 554 -26.06 -61.68 -17.18
C SER A 554 -24.58 -61.82 -16.87
N ILE A 555 -24.20 -61.42 -15.65
CA ILE A 555 -22.80 -61.43 -15.26
C ILE A 555 -22.47 -62.79 -14.67
N ASP A 556 -21.53 -63.49 -15.30
CA ASP A 556 -20.94 -64.70 -14.73
C ASP A 556 -19.68 -64.22 -14.04
N LYS A 557 -19.83 -63.85 -12.77
CA LYS A 557 -18.72 -63.27 -12.02
C LYS A 557 -17.53 -64.22 -11.94
N GLY A 558 -17.77 -65.52 -11.98
CA GLY A 558 -16.69 -66.48 -11.77
C GLY A 558 -15.57 -66.37 -12.78
N LYS A 559 -15.90 -66.18 -14.06
CA LYS A 559 -14.83 -66.04 -15.05
C LYS A 559 -13.96 -64.82 -14.74
N VAL A 560 -14.54 -63.76 -14.18
CA VAL A 560 -13.75 -62.59 -13.79
C VAL A 560 -12.66 -63.01 -12.80
N GLU A 561 -13.00 -63.86 -11.84
CA GLU A 561 -12.00 -64.30 -10.88
C GLU A 561 -10.88 -65.05 -11.58
N LYS A 562 -11.22 -65.90 -12.55
CA LYS A 562 -10.18 -66.63 -13.28
C LYS A 562 -9.28 -65.67 -14.05
N LEU A 563 -9.87 -64.67 -14.71
CA LEU A 563 -9.06 -63.68 -15.43
C LEU A 563 -8.17 -62.89 -14.48
N GLN A 564 -8.70 -62.56 -13.30
CA GLN A 564 -7.91 -61.82 -12.32
C GLN A 564 -6.71 -62.65 -11.85
N ILE A 565 -6.91 -63.96 -11.66
CA ILE A 565 -5.79 -64.81 -11.26
C ILE A 565 -4.73 -64.82 -12.35
N LYS A 566 -5.15 -64.97 -13.61
CA LYS A 566 -4.19 -64.93 -14.71
C LYS A 566 -3.46 -63.60 -14.76
N MET A 567 -4.18 -62.49 -14.54
CA MET A 567 -3.51 -61.20 -14.53
C MET A 567 -2.53 -61.09 -13.38
N ASP A 568 -2.90 -61.55 -12.18
CA ASP A 568 -1.97 -61.49 -11.05
C ASP A 568 -0.69 -62.23 -11.36
N ASN A 569 -0.78 -63.39 -12.02
CA ASN A 569 0.44 -64.13 -12.37
C ASN A 569 1.30 -63.34 -13.32
N LEU A 570 0.69 -62.62 -14.27
CA LEU A 570 1.45 -61.78 -15.18
C LEU A 570 2.18 -60.68 -14.43
N ILE A 571 1.50 -60.05 -13.47
CA ILE A 571 2.11 -58.98 -12.70
C ILE A 571 3.25 -59.53 -11.84
N MET A 572 3.03 -60.67 -11.18
CA MET A 572 4.12 -61.27 -10.41
C MET A 572 5.29 -61.64 -11.30
N ASP A 573 5.02 -62.16 -12.50
CA ASP A 573 6.09 -62.40 -13.45
C ASP A 573 6.82 -61.11 -13.78
N SER A 574 6.09 -60.02 -13.99
CA SER A 574 6.72 -58.77 -14.38
C SER A 574 7.62 -58.23 -13.28
N LEU A 575 7.17 -58.27 -12.04
CA LEU A 575 7.90 -57.66 -10.94
C LEU A 575 8.91 -58.61 -10.31
N GLY A 576 8.99 -59.85 -10.79
CA GLY A 576 9.96 -60.80 -10.28
C GLY A 576 9.73 -61.25 -8.84
N ILE A 577 8.48 -61.51 -8.47
CA ILE A 577 8.19 -61.96 -7.12
C ILE A 577 7.60 -63.37 -7.18
N SER B 27 -10.76 24.24 -2.84
CA SER B 27 -10.42 23.13 -3.71
C SER B 27 -9.12 23.43 -4.48
N GLY B 28 -8.01 22.91 -3.98
CA GLY B 28 -6.69 23.23 -4.51
C GLY B 28 -6.37 22.57 -5.84
N ILE B 29 -6.23 21.24 -5.84
CA ILE B 29 -5.88 20.51 -7.04
C ILE B 29 -7.04 19.67 -7.59
N TYR B 30 -8.02 19.29 -6.75
CA TYR B 30 -9.19 18.54 -7.18
C TYR B 30 -10.37 19.45 -7.49
N TYR B 31 -10.13 20.76 -7.65
CA TYR B 31 -11.18 21.71 -8.01
C TYR B 31 -11.80 21.31 -9.34
N THR B 32 -13.11 21.26 -9.36
CA THR B 32 -13.86 20.96 -10.57
C THR B 32 -13.89 22.18 -11.49
N PRO B 33 -13.67 22.00 -12.80
CA PRO B 33 -13.72 23.15 -13.71
C PRO B 33 -15.06 23.86 -13.67
N LYS B 34 -15.03 25.19 -13.81
CA LYS B 34 -16.23 25.98 -13.62
C LYS B 34 -17.30 25.65 -14.65
N ILE B 35 -16.89 25.37 -15.90
CA ILE B 35 -17.88 25.07 -16.93
C ILE B 35 -18.64 23.79 -16.59
N ILE B 36 -17.99 22.86 -15.86
CA ILE B 36 -18.66 21.67 -15.36
C ILE B 36 -19.62 22.02 -14.23
N VAL B 37 -19.15 22.80 -13.24
CA VAL B 37 -20.00 23.15 -12.10
C VAL B 37 -21.25 23.91 -12.58
N ASP B 38 -21.05 24.88 -13.46
CA ASP B 38 -22.18 25.62 -14.01
C ASP B 38 -23.18 24.69 -14.68
N TYR B 39 -22.68 23.72 -15.47
CA TYR B 39 -23.57 22.81 -16.18
C TYR B 39 -24.35 21.93 -15.21
N ILE B 40 -23.66 21.38 -14.21
CA ILE B 40 -24.32 20.47 -13.28
C ILE B 40 -25.38 21.19 -12.47
N VAL B 41 -25.08 22.41 -12.00
CA VAL B 41 -26.04 23.17 -11.20
C VAL B 41 -27.24 23.58 -12.06
N LYS B 42 -27.00 24.05 -13.28
CA LYS B 42 -28.11 24.39 -14.17
C LYS B 42 -28.93 23.14 -14.54
N LYS B 43 -28.27 21.98 -14.65
CA LYS B 43 -28.99 20.75 -14.97
C LYS B 43 -30.07 20.44 -13.93
N THR B 44 -29.80 20.74 -12.67
CA THR B 44 -30.77 20.39 -11.64
C THR B 44 -31.82 21.47 -11.42
N LEU B 45 -31.44 22.75 -11.51
CA LEU B 45 -32.30 23.84 -11.06
C LEU B 45 -32.98 24.60 -12.19
N LYS B 46 -32.66 24.32 -13.46
CA LYS B 46 -33.11 25.21 -14.52
C LYS B 46 -34.63 25.21 -14.68
N ASN B 47 -35.29 24.11 -14.34
CA ASN B 47 -36.73 23.99 -14.53
C ASN B 47 -37.47 23.94 -13.22
N HIS B 48 -36.88 24.44 -12.14
CA HIS B 48 -37.53 24.42 -10.84
C HIS B 48 -38.61 25.51 -10.79
N ASP B 49 -39.76 25.14 -10.25
CA ASP B 49 -40.88 26.07 -10.07
C ASP B 49 -40.78 26.68 -8.67
N ILE B 50 -40.18 27.87 -8.59
CA ILE B 50 -39.98 28.49 -7.29
C ILE B 50 -41.29 28.96 -6.68
N ILE B 51 -42.31 29.25 -7.50
CA ILE B 51 -43.60 29.64 -6.93
C ILE B 51 -44.28 28.45 -6.26
N LYS B 52 -44.30 27.30 -6.94
CA LYS B 52 -44.94 26.12 -6.36
C LYS B 52 -44.19 25.64 -5.13
N ASN B 53 -42.86 25.57 -5.20
CA ASN B 53 -42.01 25.17 -4.07
C ASN B 53 -40.90 26.19 -3.85
N PRO B 54 -41.13 27.18 -3.00
CA PRO B 54 -40.09 28.14 -2.64
C PRO B 54 -39.09 27.64 -1.61
N TYR B 55 -39.14 26.36 -1.23
CA TYR B 55 -38.22 25.79 -0.25
C TYR B 55 -37.52 24.56 -0.83
N PRO B 56 -36.75 24.73 -1.91
CA PRO B 56 -35.99 23.58 -2.41
C PRO B 56 -34.76 23.36 -1.55
N ARG B 57 -34.48 22.10 -1.25
CA ARG B 57 -33.30 21.73 -0.49
C ARG B 57 -32.24 21.22 -1.47
N ILE B 58 -31.10 21.90 -1.52
CA ILE B 58 -30.02 21.55 -2.42
C ILE B 58 -28.83 21.16 -1.54
N LEU B 59 -28.31 19.95 -1.76
CA LEU B 59 -27.29 19.36 -0.91
C LEU B 59 -26.06 18.99 -1.71
N ASP B 60 -24.88 19.24 -1.14
CA ASP B 60 -23.61 18.67 -1.60
C ASP B 60 -22.98 17.90 -0.45
N ILE B 61 -22.90 16.58 -0.57
CA ILE B 61 -22.39 15.76 0.55
C ILE B 61 -20.87 15.70 0.59
N SER B 62 -20.19 16.30 -0.38
CA SER B 62 -18.74 16.47 -0.35
C SER B 62 -18.40 17.90 -0.79
N CYS B 63 -19.04 18.89 -0.14
CA CYS B 63 -19.08 20.25 -0.67
C CYS B 63 -17.72 20.94 -0.72
N GLY B 64 -16.75 20.47 0.06
CA GLY B 64 -15.44 21.11 0.06
C GLY B 64 -15.54 22.56 0.45
N CYS B 65 -14.82 23.41 -0.30
CA CYS B 65 -14.87 24.85 -0.11
C CYS B 65 -16.13 25.47 -0.70
N GLY B 66 -16.89 24.70 -1.45
CA GLY B 66 -18.17 25.16 -1.97
C GLY B 66 -18.16 25.56 -3.43
N ASN B 67 -17.39 24.87 -4.28
CA ASN B 67 -17.45 25.19 -5.71
C ASN B 67 -18.88 25.08 -6.23
N PHE B 68 -19.61 24.05 -5.78
CA PHE B 68 -20.99 23.87 -6.24
C PHE B 68 -21.97 24.74 -5.47
N LEU B 69 -21.88 24.73 -4.13
CA LEU B 69 -22.91 25.40 -3.35
C LEU B 69 -22.89 26.91 -3.55
N LEU B 70 -21.72 27.49 -3.76
CA LEU B 70 -21.67 28.91 -4.07
C LEU B 70 -22.34 29.20 -5.40
N GLU B 71 -22.20 28.30 -6.37
CA GLU B 71 -22.93 28.47 -7.62
C GLU B 71 -24.42 28.28 -7.41
N VAL B 72 -24.79 27.34 -6.54
CA VAL B 72 -26.20 27.16 -6.19
C VAL B 72 -26.76 28.45 -5.59
N TYR B 73 -25.99 29.10 -4.70
CA TYR B 73 -26.48 30.34 -4.10
C TYR B 73 -26.79 31.38 -5.16
N ASP B 74 -25.88 31.58 -6.11
CA ASP B 74 -26.10 32.57 -7.17
C ASP B 74 -27.32 32.22 -8.01
N ILE B 75 -27.45 30.94 -8.40
CA ILE B 75 -28.59 30.54 -9.21
C ILE B 75 -29.89 30.70 -8.43
N LEU B 76 -29.91 30.28 -7.17
CA LEU B 76 -31.10 30.45 -6.35
C LEU B 76 -31.44 31.92 -6.11
N TYR B 77 -30.44 32.76 -5.85
CA TYR B 77 -30.72 34.16 -5.55
C TYR B 77 -31.44 34.82 -6.71
N ASP B 78 -30.98 34.58 -7.94
CA ASP B 78 -31.66 35.13 -9.12
C ASP B 78 -33.06 34.55 -9.25
N LEU B 79 -33.20 33.26 -8.97
CA LEU B 79 -34.50 32.60 -9.12
C LEU B 79 -35.52 33.24 -8.20
N PHE B 80 -35.14 33.46 -6.94
CA PHE B 80 -36.04 34.13 -6.00
C PHE B 80 -36.29 35.57 -6.41
N GLU B 81 -35.24 36.30 -6.81
CA GLU B 81 -35.37 37.73 -7.10
C GLU B 81 -36.32 37.98 -8.28
N GLU B 82 -36.22 37.18 -9.34
CA GLU B 82 -37.09 37.38 -10.49
C GLU B 82 -38.56 37.08 -10.18
N ASN B 83 -38.84 36.36 -9.10
CA ASN B 83 -40.21 35.98 -8.76
C ASN B 83 -40.61 36.47 -7.38
N ILE B 84 -39.93 37.48 -6.84
CA ILE B 84 -40.16 37.87 -5.46
C ILE B 84 -41.58 38.41 -5.27
N TYR B 85 -42.09 39.16 -6.25
CA TYR B 85 -43.42 39.73 -6.07
C TYR B 85 -44.50 38.68 -6.18
N GLU B 86 -44.31 37.67 -7.05
CA GLU B 86 -45.26 36.56 -7.12
C GLU B 86 -45.27 35.77 -5.81
N LEU B 87 -44.09 35.53 -5.22
CA LEU B 87 -44.03 34.87 -3.92
C LEU B 87 -44.69 35.71 -2.84
N LYS B 88 -44.45 37.03 -2.86
CA LYS B 88 -45.00 37.93 -1.85
C LYS B 88 -46.52 37.92 -1.87
N LYS B 89 -47.11 37.79 -3.07
CA LYS B 89 -48.56 37.79 -3.23
C LYS B 89 -49.16 36.45 -2.79
N LYS B 90 -48.51 35.33 -3.15
CA LYS B 90 -49.03 33.99 -2.86
C LYS B 90 -48.82 33.57 -1.41
N TYR B 91 -47.79 34.09 -0.76
CA TYR B 91 -47.40 33.71 0.59
C TYR B 91 -47.40 34.94 1.47
N ASP B 92 -46.79 34.83 2.66
CA ASP B 92 -46.70 35.96 3.60
C ASP B 92 -46.00 37.16 2.98
N GLU B 93 -46.73 38.27 2.79
CA GLU B 93 -46.15 39.41 2.07
C GLU B 93 -45.07 40.13 2.87
N ASN B 94 -44.99 39.90 4.17
CA ASN B 94 -43.92 40.53 4.95
C ASN B 94 -42.63 39.72 4.89
N TYR B 95 -42.72 38.41 4.75
CA TYR B 95 -41.52 37.58 4.71
C TYR B 95 -40.77 37.74 3.39
N TRP B 96 -41.50 37.85 2.28
CA TRP B 96 -40.89 37.78 0.96
C TRP B 96 -40.50 39.17 0.48
N THR B 97 -39.31 39.61 0.87
CA THR B 97 -38.70 40.83 0.38
C THR B 97 -37.34 40.48 -0.20
N VAL B 98 -36.84 41.35 -1.09
CA VAL B 98 -35.51 41.09 -1.65
C VAL B 98 -34.48 41.05 -0.54
N ASP B 99 -34.65 41.90 0.47
CA ASP B 99 -33.72 41.93 1.59
C ASP B 99 -33.70 40.62 2.37
N ASN B 100 -34.72 39.78 2.24
CA ASN B 100 -34.80 38.55 3.02
C ASN B 100 -34.36 37.31 2.24
N ILE B 101 -34.00 37.44 0.96
CA ILE B 101 -33.64 36.25 0.19
C ILE B 101 -32.40 35.58 0.77
N HIS B 102 -31.39 36.38 1.11
CA HIS B 102 -30.13 35.82 1.61
C HIS B 102 -30.35 34.94 2.83
N ARG B 103 -31.07 35.46 3.84
CA ARG B 103 -31.36 34.63 5.02
C ARG B 103 -32.20 33.42 4.64
N HIS B 104 -33.18 33.60 3.75
CA HIS B 104 -34.05 32.48 3.39
C HIS B 104 -33.26 31.35 2.74
N ILE B 105 -32.34 31.70 1.82
CA ILE B 105 -31.55 30.70 1.13
C ILE B 105 -30.70 29.90 2.13
N LEU B 106 -30.03 30.61 3.02
CA LEU B 106 -29.12 29.93 3.94
C LEU B 106 -29.87 29.15 5.01
N ASN B 107 -31.05 29.61 5.42
CA ASN B 107 -31.75 28.88 6.48
C ASN B 107 -32.41 27.61 5.96
N TYR B 108 -32.94 27.63 4.73
CA TYR B 108 -33.83 26.58 4.28
C TYR B 108 -33.37 25.84 3.03
N CYS B 109 -32.41 26.35 2.29
CA CYS B 109 -32.19 25.83 0.94
C CYS B 109 -30.85 25.18 0.72
N ILE B 110 -29.76 25.74 1.24
CA ILE B 110 -28.43 25.24 0.95
C ILE B 110 -27.96 24.35 2.10
N TYR B 111 -27.53 23.14 1.76
CA TYR B 111 -27.01 22.16 2.72
C TYR B 111 -25.69 21.63 2.20
N GLY B 112 -24.71 21.53 3.09
CA GLY B 112 -23.41 21.01 2.72
C GLY B 112 -22.86 20.11 3.79
N ALA B 113 -22.03 19.15 3.36
CA ALA B 113 -21.33 18.25 4.28
C ALA B 113 -19.90 18.01 3.81
N ASP B 114 -19.00 17.87 4.79
CA ASP B 114 -17.61 17.54 4.50
C ASP B 114 -16.91 17.11 5.80
N ILE B 115 -15.92 16.21 5.68
CA ILE B 115 -15.15 15.82 6.86
C ILE B 115 -14.11 16.86 7.22
N ASP B 116 -13.80 17.79 6.31
CA ASP B 116 -12.73 18.75 6.52
C ASP B 116 -13.31 20.01 7.18
N GLU B 117 -12.93 20.25 8.44
CA GLU B 117 -13.48 21.41 9.15
C GLU B 117 -12.94 22.71 8.59
N LYS B 118 -11.69 22.71 8.11
CA LYS B 118 -11.16 23.93 7.50
C LYS B 118 -11.98 24.32 6.28
N ALA B 119 -12.39 23.32 5.48
CA ALA B 119 -13.21 23.57 4.30
C ALA B 119 -14.60 24.10 4.67
N ILE B 120 -15.24 23.46 5.66
CA ILE B 120 -16.56 23.90 6.07
C ILE B 120 -16.51 25.32 6.61
N SER B 121 -15.49 25.63 7.43
CA SER B 121 -15.39 26.97 7.98
C SER B 121 -15.17 28.01 6.87
N ILE B 122 -14.39 27.66 5.84
CA ILE B 122 -14.19 28.57 4.72
C ILE B 122 -15.48 28.74 3.93
N LEU B 123 -16.20 27.65 3.67
CA LEU B 123 -17.48 27.77 2.97
C LEU B 123 -18.46 28.61 3.77
N LYS B 124 -18.47 28.44 5.09
CA LYS B 124 -19.36 29.23 5.93
C LYS B 124 -19.09 30.72 5.76
N ASP B 125 -17.81 31.11 5.72
CA ASP B 125 -17.50 32.51 5.51
C ASP B 125 -17.90 32.99 4.12
N SER B 126 -17.70 32.15 3.09
CA SER B 126 -18.07 32.56 1.74
C SER B 126 -19.56 32.78 1.62
N LEU B 127 -20.37 31.86 2.16
CA LEU B 127 -21.82 32.02 2.11
C LEU B 127 -22.26 33.23 2.93
N THR B 128 -21.59 33.49 4.05
CA THR B 128 -21.90 34.67 4.84
C THR B 128 -21.58 35.96 4.07
N ASN B 129 -20.48 35.96 3.32
CA ASN B 129 -20.03 37.14 2.59
C ASN B 129 -20.80 37.37 1.31
N LYS B 130 -21.85 36.59 1.07
CA LYS B 130 -22.71 36.79 -0.10
C LYS B 130 -23.66 37.96 0.10
N LYS B 131 -23.73 38.50 1.31
CA LYS B 131 -24.61 39.61 1.64
C LYS B 131 -23.93 40.97 1.52
N VAL B 132 -22.63 41.03 1.83
CA VAL B 132 -21.82 42.26 1.81
C VAL B 132 -22.27 43.20 2.92
N VAL B 133 -23.58 43.38 3.09
CA VAL B 133 -24.12 44.16 4.19
C VAL B 133 -24.00 43.31 5.46
N ASN B 134 -23.02 43.61 6.30
CA ASN B 134 -22.80 42.88 7.54
C ASN B 134 -23.63 43.48 8.67
N ASP B 135 -24.01 42.62 9.62
CA ASP B 135 -24.91 42.97 10.71
C ASP B 135 -26.24 43.48 10.17
N LEU B 136 -26.94 42.58 9.45
CA LEU B 136 -28.22 42.91 8.83
C LEU B 136 -29.34 42.99 9.86
N ASP B 137 -29.64 41.86 10.50
CA ASP B 137 -30.62 41.81 11.58
C ASP B 137 -29.98 41.57 12.95
N GLU B 138 -28.64 41.44 12.99
CA GLU B 138 -27.86 41.23 14.20
C GLU B 138 -28.08 39.84 14.78
N SER B 139 -29.02 39.09 14.22
CA SER B 139 -29.26 37.71 14.61
C SER B 139 -28.42 36.82 13.70
N ASP B 140 -27.61 35.95 14.31
CA ASP B 140 -26.74 35.08 13.53
C ASP B 140 -27.57 34.20 12.59
N ILE B 141 -27.10 34.08 11.36
CA ILE B 141 -27.81 33.33 10.32
C ILE B 141 -27.50 31.85 10.49
N LYS B 142 -28.55 31.01 10.44
CA LYS B 142 -28.38 29.58 10.66
C LYS B 142 -28.04 28.93 9.33
N ILE B 143 -26.81 28.43 9.22
CA ILE B 143 -26.32 27.79 8.01
C ILE B 143 -26.37 26.28 8.18
N ASN B 144 -26.80 25.58 7.14
CA ASN B 144 -26.90 24.12 7.19
C ASN B 144 -25.65 23.46 6.62
N LEU B 145 -24.56 23.63 7.36
CA LEU B 145 -23.29 22.98 7.04
C LEU B 145 -22.93 21.97 8.12
N PHE B 146 -22.49 20.80 7.71
CA PHE B 146 -22.16 19.73 8.64
C PHE B 146 -20.73 19.28 8.40
N CYS B 147 -19.96 19.22 9.48
CA CYS B 147 -18.61 18.68 9.45
C CYS B 147 -18.70 17.25 9.99
N CYS B 148 -18.75 16.27 9.08
CA CYS B 148 -19.04 14.90 9.45
C CYS B 148 -18.67 13.99 8.29
N ASP B 149 -18.74 12.69 8.54
CA ASP B 149 -18.64 11.67 7.49
C ASP B 149 -20.00 11.52 6.83
N SER B 150 -20.12 11.93 5.58
CA SER B 150 -21.43 11.91 4.92
C SER B 150 -22.00 10.50 4.83
N LEU B 151 -21.14 9.49 4.67
CA LEU B 151 -21.64 8.13 4.60
C LEU B 151 -22.12 7.60 5.94
N LYS B 152 -21.80 8.29 7.04
CA LYS B 152 -22.26 7.84 8.35
C LYS B 152 -23.40 8.68 8.91
N LYS B 153 -23.61 9.91 8.41
CA LYS B 153 -24.61 10.80 9.00
C LYS B 153 -26.03 10.28 8.82
N LYS B 154 -26.80 10.27 9.92
CA LYS B 154 -28.23 9.97 9.88
C LYS B 154 -29.00 11.22 9.49
N TRP B 155 -29.62 11.19 8.30
CA TRP B 155 -30.37 12.32 7.77
C TRP B 155 -31.85 12.24 8.15
N ARG B 156 -32.43 13.35 8.63
CA ARG B 156 -33.81 13.29 9.09
C ARG B 156 -34.83 13.46 7.97
N TYR B 157 -34.41 13.87 6.77
CA TYR B 157 -35.33 14.06 5.67
C TYR B 157 -34.54 13.99 4.37
N LYS B 158 -35.26 13.82 3.27
CA LYS B 158 -34.61 13.71 1.97
C LYS B 158 -34.46 15.09 1.33
N PHE B 159 -33.85 15.15 0.14
CA PHE B 159 -33.45 16.41 -0.46
C PHE B 159 -33.93 16.51 -1.90
N ASP B 160 -34.28 17.74 -2.30
CA ASP B 160 -34.83 17.96 -3.63
C ASP B 160 -33.77 17.83 -4.70
N TYR B 161 -32.57 18.32 -4.45
CA TYR B 161 -31.51 18.32 -5.44
C TYR B 161 -30.19 18.01 -4.77
N ILE B 162 -29.35 17.23 -5.45
CA ILE B 162 -28.04 16.85 -4.95
C ILE B 162 -27.03 17.03 -6.07
N VAL B 163 -25.96 17.76 -5.80
CA VAL B 163 -24.90 18.05 -6.76
C VAL B 163 -23.55 17.86 -6.08
N GLY B 164 -22.51 17.69 -6.89
CA GLY B 164 -21.17 17.78 -6.36
C GLY B 164 -20.21 16.80 -6.99
N ASN B 165 -19.01 16.73 -6.41
CA ASN B 165 -17.92 15.91 -6.92
C ASN B 165 -17.34 15.11 -5.77
N PRO B 166 -17.73 13.84 -5.63
CA PRO B 166 -17.36 13.04 -4.44
C PRO B 166 -15.90 12.62 -4.47
N PRO B 167 -15.37 12.15 -3.33
CA PRO B 167 -13.99 11.63 -3.33
C PRO B 167 -13.91 10.33 -4.12
N TYR B 168 -12.78 10.15 -4.81
CA TYR B 168 -12.48 8.87 -5.46
C TYR B 168 -11.32 8.27 -4.69
N ILE B 169 -11.55 7.12 -4.06
CA ILE B 169 -10.49 6.39 -3.36
C ILE B 169 -10.66 4.91 -3.64
N GLY B 170 -9.63 4.31 -4.26
CA GLY B 170 -9.67 2.91 -4.63
C GLY B 170 -9.25 1.98 -3.50
N HIS B 171 -9.13 0.71 -3.85
CA HIS B 171 -8.94 -0.32 -2.83
C HIS B 171 -7.58 -0.22 -2.15
N LYS B 172 -6.55 0.28 -2.84
CA LYS B 172 -5.23 0.39 -2.23
C LYS B 172 -5.13 1.54 -1.24
N LYS B 173 -5.70 2.70 -1.57
CA LYS B 173 -5.44 3.89 -0.77
C LYS B 173 -6.43 4.08 0.37
N LEU B 174 -7.51 3.31 0.41
CA LEU B 174 -8.52 3.45 1.44
C LEU B 174 -8.12 2.67 2.68
N GLU B 175 -8.34 3.25 3.86
CA GLU B 175 -7.97 2.60 5.11
C GLU B 175 -8.73 1.30 5.31
N LYS B 176 -8.01 0.26 5.75
CA LYS B 176 -8.65 -1.04 5.91
C LYS B 176 -9.73 -1.02 6.99
N LYS B 177 -9.49 -0.32 8.10
CA LYS B 177 -10.51 -0.26 9.15
C LYS B 177 -11.79 0.39 8.64
N TYR B 178 -11.69 1.37 7.75
CA TYR B 178 -12.88 2.01 7.19
C TYR B 178 -13.60 1.07 6.24
N LYS B 179 -12.85 0.24 5.51
CA LYS B 179 -13.46 -0.67 4.55
C LYS B 179 -14.37 -1.69 5.24
N LYS B 180 -14.06 -2.05 6.50
CA LYS B 180 -14.96 -2.92 7.24
C LYS B 180 -16.34 -2.29 7.39
N PHE B 181 -16.39 -0.98 7.62
CA PHE B 181 -17.67 -0.28 7.68
C PHE B 181 -18.37 -0.29 6.32
N LEU B 182 -17.65 0.00 5.24
CA LEU B 182 -18.27 0.02 3.92
C LEU B 182 -18.78 -1.36 3.52
N LEU B 183 -17.98 -2.41 3.80
CA LEU B 183 -18.38 -3.76 3.41
C LEU B 183 -19.62 -4.21 4.17
N GLU B 184 -19.86 -3.67 5.37
CA GLU B 184 -21.06 -4.01 6.12
C GLU B 184 -22.26 -3.18 5.68
N LYS B 185 -22.10 -1.86 5.59
CA LYS B 185 -23.24 -0.98 5.43
C LYS B 185 -23.51 -0.55 4.00
N TYR B 186 -22.58 -0.79 3.08
CA TYR B 186 -22.72 -0.38 1.69
C TYR B 186 -22.54 -1.57 0.75
N SER B 187 -22.90 -2.76 1.23
CA SER B 187 -22.63 -3.98 0.48
C SER B 187 -23.37 -4.03 -0.85
N GLU B 188 -24.52 -3.36 -0.96
CA GLU B 188 -25.26 -3.39 -2.21
C GLU B 188 -24.46 -2.80 -3.36
N VAL B 189 -23.47 -1.95 -3.09
CA VAL B 189 -22.60 -1.40 -4.13
C VAL B 189 -21.12 -1.55 -3.86
N TYR B 190 -20.67 -1.85 -2.62
CA TYR B 190 -19.24 -1.88 -2.31
C TYR B 190 -18.82 -3.30 -1.89
N LYS B 191 -18.00 -3.95 -2.72
CA LYS B 191 -17.34 -5.22 -2.42
C LYS B 191 -15.99 -5.23 -3.11
N ASP B 192 -15.10 -6.10 -2.62
CA ASP B 192 -13.85 -6.41 -3.31
C ASP B 192 -13.07 -5.14 -3.68
N LYS B 193 -12.81 -4.92 -4.97
CA LYS B 193 -12.00 -3.80 -5.43
C LYS B 193 -12.84 -2.57 -5.80
N ALA B 194 -14.01 -2.41 -5.20
CA ALA B 194 -14.87 -1.27 -5.49
C ALA B 194 -14.23 0.03 -5.02
N ASP B 195 -14.82 1.15 -5.43
CA ASP B 195 -14.28 2.45 -5.06
C ASP B 195 -15.20 3.16 -4.08
N LEU B 196 -14.62 4.11 -3.34
CA LEU B 196 -15.40 4.85 -2.34
C LEU B 196 -16.56 5.59 -2.99
N TYR B 197 -16.35 6.17 -4.18
CA TYR B 197 -17.42 6.95 -4.79
C TYR B 197 -18.62 6.10 -5.17
N PHE B 198 -18.46 4.78 -5.23
CA PHE B 198 -19.64 3.92 -5.35
C PHE B 198 -20.60 4.21 -4.21
N CYS B 199 -20.07 4.30 -3.00
CA CYS B 199 -20.89 4.52 -1.81
C CYS B 199 -21.56 5.90 -1.84
N PHE B 200 -20.93 6.88 -2.48
CA PHE B 200 -21.57 8.19 -2.57
C PHE B 200 -22.75 8.16 -3.53
N TYR B 201 -22.63 7.43 -4.64
CA TYR B 201 -23.80 7.22 -5.48
C TYR B 201 -24.95 6.64 -4.65
N LYS B 202 -24.67 5.59 -3.88
CA LYS B 202 -25.74 4.98 -3.10
C LYS B 202 -26.30 5.95 -2.07
N LYS B 203 -25.43 6.69 -1.37
CA LYS B 203 -25.93 7.61 -0.36
C LYS B 203 -26.79 8.69 -1.00
N ILE B 204 -26.32 9.24 -2.13
CA ILE B 204 -27.04 10.30 -2.84
C ILE B 204 -28.42 9.79 -3.29
N ILE B 205 -28.45 8.60 -3.89
CA ILE B 205 -29.71 8.02 -4.35
C ILE B 205 -30.65 7.81 -3.17
N ASP B 206 -30.13 7.36 -2.03
CA ASP B 206 -30.97 7.00 -0.90
C ASP B 206 -31.65 8.20 -0.27
N ILE B 207 -31.00 9.36 -0.24
CA ILE B 207 -31.57 10.53 0.40
C ILE B 207 -32.15 11.52 -0.62
N LEU B 208 -32.38 11.08 -1.85
CA LEU B 208 -32.99 11.93 -2.86
C LEU B 208 -34.50 11.85 -2.73
N LYS B 209 -35.14 13.01 -2.61
CA LYS B 209 -36.58 13.09 -2.46
C LYS B 209 -37.27 12.59 -3.73
N GLN B 210 -38.50 12.10 -3.59
CA GLN B 210 -39.29 11.75 -4.76
C GLN B 210 -39.47 12.97 -5.65
N GLY B 211 -39.20 12.79 -6.93
CA GLY B 211 -39.22 13.89 -7.86
C GLY B 211 -37.96 14.72 -7.89
N GLY B 212 -36.98 14.38 -7.07
CA GLY B 212 -35.75 15.15 -7.04
C GLY B 212 -34.80 14.78 -8.16
N ILE B 213 -33.78 15.59 -8.32
CA ILE B 213 -32.78 15.42 -9.36
C ILE B 213 -31.41 15.45 -8.70
N GLY B 214 -30.56 14.48 -9.06
CA GLY B 214 -29.17 14.49 -8.66
C GLY B 214 -28.29 14.58 -9.88
N SER B 215 -27.12 15.20 -9.70
CA SER B 215 -26.19 15.32 -10.82
C SER B 215 -24.77 15.43 -10.25
N VAL B 216 -23.89 14.52 -10.64
CA VAL B 216 -22.55 14.42 -10.08
C VAL B 216 -21.53 14.21 -11.20
N ILE B 217 -20.27 14.47 -10.89
CA ILE B 217 -19.16 14.09 -11.75
C ILE B 217 -18.30 13.09 -10.99
N THR B 218 -18.07 11.93 -11.58
CA THR B 218 -17.34 10.86 -10.92
C THR B 218 -16.39 10.26 -11.95
N PRO B 219 -15.55 9.32 -11.58
CA PRO B 219 -14.80 8.59 -12.61
C PRO B 219 -15.76 7.84 -13.53
N ARG B 220 -15.32 7.60 -14.76
CA ARG B 220 -16.14 6.90 -15.73
C ARG B 220 -16.06 5.38 -15.59
N TYR B 221 -15.11 4.86 -14.82
CA TYR B 221 -14.78 3.44 -14.90
C TYR B 221 -15.94 2.55 -14.46
N PHE B 222 -16.80 3.03 -13.57
CA PHE B 222 -17.91 2.19 -13.12
C PHE B 222 -18.88 1.84 -14.26
N LEU B 223 -18.83 2.56 -15.37
CA LEU B 223 -19.72 2.26 -16.49
C LEU B 223 -19.41 0.91 -17.10
N GLU B 224 -18.15 0.47 -17.02
CA GLU B 224 -17.72 -0.77 -17.66
C GLU B 224 -17.03 -1.76 -16.73
N SER B 225 -16.54 -1.33 -15.57
CA SER B 225 -15.67 -2.19 -14.77
C SER B 225 -16.42 -3.35 -14.15
N LEU B 226 -15.67 -4.41 -13.86
CA LEU B 226 -16.21 -5.56 -13.13
C LEU B 226 -16.66 -5.17 -11.73
N SER B 227 -15.90 -4.29 -11.08
CA SER B 227 -16.25 -3.87 -9.72
C SER B 227 -17.56 -3.11 -9.69
N GLY B 228 -17.90 -2.42 -10.78
CA GLY B 228 -19.08 -1.58 -10.81
C GLY B 228 -20.39 -2.29 -11.08
N LYS B 229 -20.37 -3.63 -11.19
CA LYS B 229 -21.57 -4.36 -11.55
C LYS B 229 -22.72 -4.07 -10.58
N ASP B 230 -22.48 -4.20 -9.28
CA ASP B 230 -23.56 -3.96 -8.31
C ASP B 230 -24.02 -2.51 -8.34
N LEU B 231 -23.09 -1.56 -8.52
CA LEU B 231 -23.48 -0.15 -8.55
C LEU B 231 -24.37 0.18 -9.74
N ARG B 232 -24.03 -0.36 -10.92
CA ARG B 232 -24.88 -0.17 -12.09
C ARG B 232 -26.27 -0.73 -11.86
N GLU B 233 -26.38 -1.94 -11.29
CA GLU B 233 -27.68 -2.49 -10.97
C GLU B 233 -28.43 -1.63 -9.97
N TYR B 234 -27.71 -1.04 -9.00
CA TYR B 234 -28.36 -0.18 -8.00
C TYR B 234 -28.89 1.09 -8.64
N ILE B 235 -28.10 1.73 -9.52
CA ILE B 235 -28.55 2.94 -10.21
C ILE B 235 -29.75 2.63 -11.10
N LYS B 236 -29.60 1.60 -11.94
CA LYS B 236 -30.65 1.25 -12.90
C LYS B 236 -31.99 1.00 -12.23
N SER B 237 -31.99 0.44 -11.04
CA SER B 237 -33.21 -0.02 -10.41
C SER B 237 -33.82 0.98 -9.42
N ASN B 238 -33.16 2.10 -9.16
CA ASN B 238 -33.64 3.04 -8.16
C ASN B 238 -33.84 4.47 -8.67
N VAL B 239 -33.21 4.87 -9.76
CA VAL B 239 -33.44 6.18 -10.34
C VAL B 239 -33.63 6.05 -11.84
N ASN B 240 -34.17 7.11 -12.44
CA ASN B 240 -34.17 7.24 -13.89
C ASN B 240 -32.94 8.05 -14.29
N VAL B 241 -32.03 7.45 -15.05
CA VAL B 241 -30.86 8.16 -15.54
C VAL B 241 -31.30 9.07 -16.68
N GLN B 242 -31.20 10.38 -16.47
CA GLN B 242 -31.55 11.35 -17.50
C GLN B 242 -30.48 11.41 -18.59
N GLU B 243 -29.20 11.46 -18.19
CA GLU B 243 -28.16 11.82 -19.14
C GLU B 243 -26.81 11.31 -18.65
N ILE B 244 -25.99 10.82 -19.57
CA ILE B 244 -24.61 10.46 -19.29
C ILE B 244 -23.70 11.20 -20.25
N VAL B 245 -22.82 12.04 -19.71
CA VAL B 245 -21.78 12.69 -20.49
C VAL B 245 -20.48 11.96 -20.21
N ASP B 246 -19.97 11.27 -21.21
CA ASP B 246 -18.77 10.44 -21.09
C ASP B 246 -17.65 11.16 -21.81
N PHE B 247 -16.65 11.58 -21.06
CA PHE B 247 -15.48 12.23 -21.62
C PHE B 247 -14.41 11.24 -22.05
N LEU B 248 -14.70 9.94 -21.99
CA LEU B 248 -13.77 8.88 -22.39
C LEU B 248 -12.44 9.17 -21.71
N GLY B 249 -11.32 9.14 -22.41
CA GLY B 249 -10.01 9.34 -21.83
C GLY B 249 -9.58 10.78 -21.72
N ALA B 250 -10.48 11.74 -21.97
CA ALA B 250 -10.10 13.14 -21.96
C ALA B 250 -9.69 13.57 -20.56
N ASN B 251 -8.79 14.55 -20.50
CA ASN B 251 -8.22 15.02 -19.23
C ASN B 251 -8.99 16.26 -18.76
N ILE B 252 -9.99 16.03 -17.91
CA ILE B 252 -10.82 17.11 -17.37
C ILE B 252 -10.14 17.81 -16.20
N PHE B 253 -9.49 17.06 -15.33
CA PHE B 253 -8.79 17.63 -14.18
C PHE B 253 -7.30 17.75 -14.49
N LYS B 254 -6.80 18.98 -14.53
CA LYS B 254 -5.39 19.22 -14.84
C LYS B 254 -4.51 18.53 -13.80
N ASN B 255 -3.50 17.79 -14.30
CA ASN B 255 -2.53 17.08 -13.46
C ASN B 255 -3.18 15.98 -12.61
N ILE B 256 -4.29 15.42 -13.07
CA ILE B 256 -4.93 14.28 -12.42
C ILE B 256 -5.08 13.17 -13.43
N GLY B 257 -4.63 11.97 -13.06
CA GLY B 257 -4.78 10.83 -13.94
C GLY B 257 -6.09 10.11 -13.70
N VAL B 258 -7.22 10.72 -14.07
CA VAL B 258 -8.52 10.08 -13.97
C VAL B 258 -9.34 10.46 -15.20
N SER B 259 -10.27 9.59 -15.58
CA SER B 259 -11.16 9.81 -16.71
C SER B 259 -12.60 9.91 -16.20
N SER B 260 -13.32 10.92 -16.71
CA SER B 260 -14.49 11.44 -16.01
C SER B 260 -15.78 11.24 -16.80
N CYS B 261 -16.88 11.26 -16.05
CA CYS B 261 -18.23 11.29 -16.63
C CYS B 261 -19.15 12.11 -15.73
N ILE B 262 -20.25 12.58 -16.30
CA ILE B 262 -21.28 13.34 -15.58
C ILE B 262 -22.58 12.55 -15.66
N LEU B 263 -23.13 12.19 -14.51
CA LEU B 263 -24.37 11.46 -14.45
C LEU B 263 -25.46 12.36 -13.89
N THR B 264 -26.59 12.43 -14.59
CA THR B 264 -27.78 13.13 -14.10
C THR B 264 -28.92 12.13 -14.03
N PHE B 265 -29.61 12.11 -12.90
CA PHE B 265 -30.66 11.15 -12.64
C PHE B 265 -31.74 11.80 -11.79
N ASP B 266 -32.93 11.22 -11.80
CA ASP B 266 -34.03 11.76 -11.03
C ASP B 266 -34.84 10.63 -10.42
N LYS B 267 -35.77 11.00 -9.54
CA LYS B 267 -36.78 10.09 -9.04
C LYS B 267 -38.18 10.57 -9.41
N LYS B 268 -38.33 11.09 -10.63
CA LYS B 268 -39.63 11.52 -11.12
C LYS B 268 -40.43 10.31 -11.61
N LYS B 269 -41.76 10.45 -11.64
CA LYS B 269 -42.56 9.38 -12.25
C LYS B 269 -42.43 9.47 -13.77
N THR B 270 -41.46 8.75 -14.32
CA THR B 270 -41.13 8.76 -15.74
C THR B 270 -41.78 7.57 -16.41
N LYS B 271 -42.18 7.74 -17.67
CA LYS B 271 -42.80 6.66 -18.43
C LYS B 271 -41.86 6.02 -19.44
N GLU B 272 -41.38 6.81 -20.42
CA GLU B 272 -40.52 6.24 -21.47
C GLU B 272 -39.11 5.89 -20.96
N THR B 273 -38.56 6.71 -20.06
CA THR B 273 -37.23 6.55 -19.47
C THR B 273 -36.15 6.15 -20.50
N TYR B 274 -35.80 7.09 -21.38
CA TYR B 274 -34.62 6.98 -22.24
C TYR B 274 -33.49 7.85 -21.73
N ILE B 275 -32.26 7.38 -21.89
CA ILE B 275 -31.04 8.08 -21.44
C ILE B 275 -30.47 8.89 -22.59
N ASP B 276 -30.12 10.14 -22.32
CA ASP B 276 -29.32 10.92 -23.27
C ASP B 276 -27.84 10.61 -23.04
N VAL B 277 -27.18 10.04 -24.04
CA VAL B 277 -25.77 9.71 -23.94
C VAL B 277 -24.99 10.62 -24.86
N PHE B 278 -24.04 11.38 -24.29
CA PHE B 278 -23.16 12.25 -25.04
C PHE B 278 -21.77 11.66 -24.89
N LYS B 279 -21.27 11.08 -25.97
CA LYS B 279 -19.94 10.46 -26.00
C LYS B 279 -19.00 11.37 -26.79
N ILE B 280 -17.85 11.69 -26.20
CA ILE B 280 -16.92 12.59 -26.85
C ILE B 280 -16.27 11.88 -28.04
N LYS B 281 -16.04 12.62 -29.12
CA LYS B 281 -15.51 12.01 -30.34
C LYS B 281 -13.98 12.01 -30.38
N ASN B 282 -13.36 13.09 -29.95
CA ASN B 282 -11.90 13.22 -29.94
C ASN B 282 -11.49 13.64 -28.53
N GLU B 283 -10.59 12.85 -27.93
CA GLU B 283 -10.23 13.04 -26.54
C GLU B 283 -9.28 14.21 -26.29
N ASP B 284 -8.71 14.81 -27.33
CA ASP B 284 -7.74 15.88 -27.15
C ASP B 284 -8.38 17.25 -27.07
N ILE B 285 -9.71 17.32 -27.07
CA ILE B 285 -10.39 18.61 -27.15
C ILE B 285 -10.27 19.35 -25.82
N CYS B 286 -10.10 20.67 -25.91
CA CYS B 286 -10.13 21.55 -24.75
C CYS B 286 -11.58 21.84 -24.35
N ILE B 287 -11.85 21.76 -23.05
CA ILE B 287 -13.21 21.83 -22.55
C ILE B 287 -13.77 23.26 -22.61
N ASN B 288 -12.89 24.26 -22.74
CA ASN B 288 -13.25 25.67 -22.71
C ASN B 288 -13.45 26.27 -24.11
N LYS B 289 -13.71 25.45 -25.13
CA LYS B 289 -13.86 26.01 -26.47
C LYS B 289 -15.07 26.93 -26.57
N PHE B 290 -16.07 26.73 -25.70
CA PHE B 290 -17.26 27.56 -25.65
C PHE B 290 -17.39 28.10 -24.22
N GLU B 291 -18.16 29.17 -24.09
CA GLU B 291 -18.41 29.73 -22.77
C GLU B 291 -19.19 28.75 -21.89
N THR B 292 -19.95 27.84 -22.51
CA THR B 292 -20.86 26.93 -21.83
C THR B 292 -20.66 25.50 -22.31
N LEU B 293 -20.84 24.54 -21.39
CA LEU B 293 -20.67 23.14 -21.74
C LEU B 293 -21.77 22.65 -22.68
N GLU B 294 -22.98 23.20 -22.59
CA GLU B 294 -24.06 22.74 -23.45
C GLU B 294 -23.72 22.95 -24.91
N GLU B 295 -23.06 24.07 -25.23
CA GLU B 295 -22.62 24.29 -26.59
C GLU B 295 -21.63 23.21 -27.04
N LEU B 296 -20.75 22.77 -26.15
CA LEU B 296 -19.81 21.71 -26.51
C LEU B 296 -20.54 20.41 -26.82
N LEU B 297 -21.53 20.06 -26.00
CA LEU B 297 -22.26 18.81 -26.19
C LEU B 297 -23.03 18.80 -27.49
N LYS B 298 -23.64 19.94 -27.85
CA LYS B 298 -24.42 20.02 -29.08
C LYS B 298 -23.55 20.16 -30.32
N SER B 299 -22.24 20.33 -30.13
CA SER B 299 -21.33 20.56 -31.24
C SER B 299 -20.92 19.24 -31.89
N SER B 300 -20.09 19.36 -32.92
CA SER B 300 -19.56 18.21 -33.63
C SER B 300 -18.52 17.45 -32.83
N LYS B 301 -18.12 17.97 -31.66
CA LYS B 301 -17.13 17.31 -30.83
C LYS B 301 -17.72 16.18 -30.00
N PHE B 302 -19.04 16.05 -29.97
CA PHE B 302 -19.73 15.05 -29.19
C PHE B 302 -20.75 14.32 -30.04
N GLU B 303 -20.84 13.02 -29.83
CA GLU B 303 -21.88 12.20 -30.41
C GLU B 303 -23.02 12.08 -29.41
N HIS B 304 -24.24 12.12 -29.90
CA HIS B 304 -25.41 11.92 -29.05
C HIS B 304 -26.21 10.73 -29.54
N PHE B 305 -26.70 9.93 -28.60
CA PHE B 305 -27.67 8.90 -28.91
C PHE B 305 -28.42 8.54 -27.64
N ASN B 306 -29.50 7.78 -27.79
CA ASN B 306 -30.37 7.40 -26.68
C ASN B 306 -30.24 5.91 -26.39
N ILE B 307 -30.31 5.56 -25.10
CA ILE B 307 -30.34 4.19 -24.63
C ILE B 307 -31.60 4.01 -23.78
N ASN B 308 -32.36 2.94 -24.06
CA ASN B 308 -33.52 2.63 -23.24
C ASN B 308 -33.04 2.00 -21.94
N GLN B 309 -33.31 2.68 -20.81
CA GLN B 309 -32.79 2.18 -19.54
C GLN B 309 -33.40 0.84 -19.18
N ARG B 310 -34.67 0.65 -19.53
CA ARG B 310 -35.34 -0.60 -19.23
C ARG B 310 -34.69 -1.79 -19.95
N LEU B 311 -33.94 -1.54 -21.03
CA LEU B 311 -33.32 -2.61 -21.81
C LEU B 311 -31.87 -2.86 -21.41
N LEU B 312 -31.38 -2.21 -20.36
CA LEU B 312 -30.03 -2.44 -19.89
C LEU B 312 -29.92 -3.76 -19.15
N SER B 313 -28.89 -4.53 -19.49
CA SER B 313 -28.54 -5.75 -18.76
C SER B 313 -27.65 -5.40 -17.57
N ASP B 314 -27.01 -6.42 -16.97
CA ASP B 314 -26.02 -6.16 -15.93
C ASP B 314 -24.81 -5.41 -16.48
N GLU B 315 -24.60 -5.47 -17.79
CA GLU B 315 -23.60 -4.64 -18.45
C GLU B 315 -24.33 -3.51 -19.17
N TRP B 316 -23.73 -2.32 -19.14
CA TRP B 316 -24.28 -1.16 -19.82
C TRP B 316 -23.49 -0.95 -21.09
N ILE B 317 -24.08 -1.34 -22.22
CA ILE B 317 -23.44 -1.18 -23.52
C ILE B 317 -24.02 0.08 -24.13
N LEU B 318 -23.34 1.18 -23.90
CA LEU B 318 -23.78 2.51 -24.30
C LEU B 318 -23.06 2.84 -25.61
N VAL B 319 -23.65 2.40 -26.72
CA VAL B 319 -23.11 2.58 -28.06
C VAL B 319 -24.25 2.92 -29.00
N ASN B 320 -23.90 3.45 -30.17
CA ASN B 320 -24.91 3.78 -31.17
C ASN B 320 -25.44 2.51 -31.83
N LYS B 321 -26.47 2.68 -32.66
CA LYS B 321 -27.16 1.53 -33.23
C LYS B 321 -26.24 0.71 -34.13
N ASP B 322 -25.36 1.38 -34.89
CA ASP B 322 -24.43 0.65 -35.75
C ASP B 322 -23.56 -0.28 -34.93
N ASP B 323 -23.00 0.22 -33.82
CA ASP B 323 -22.13 -0.62 -33.00
C ASP B 323 -22.89 -1.77 -32.37
N GLU B 324 -24.12 -1.53 -31.92
CA GLU B 324 -24.92 -2.60 -31.34
C GLU B 324 -25.13 -3.75 -32.32
N THR B 325 -25.48 -3.42 -33.57
CA THR B 325 -25.68 -4.46 -34.57
C THR B 325 -24.37 -5.18 -34.88
N PHE B 326 -23.29 -4.42 -35.02
CA PHE B 326 -21.96 -5.00 -35.24
C PHE B 326 -21.61 -5.95 -34.10
N TYR B 327 -21.75 -5.49 -32.86
CA TYR B 327 -21.43 -6.33 -31.71
C TYR B 327 -22.33 -7.56 -31.66
N ASN B 328 -23.63 -7.39 -31.90
CA ASN B 328 -24.53 -8.52 -31.83
C ASN B 328 -24.23 -9.55 -32.92
N LYS B 329 -23.89 -9.10 -34.12
CA LYS B 329 -23.57 -10.03 -35.20
C LYS B 329 -22.40 -10.92 -34.80
N ILE B 330 -21.34 -10.33 -34.28
CA ILE B 330 -20.17 -11.11 -33.92
C ILE B 330 -20.49 -12.06 -32.77
N GLN B 331 -21.21 -11.57 -31.75
CA GLN B 331 -21.55 -12.41 -30.61
C GLN B 331 -22.35 -13.64 -31.06
N GLU B 332 -23.30 -13.45 -31.98
CA GLU B 332 -24.13 -14.55 -32.42
C GLU B 332 -23.35 -15.56 -33.25
N LYS B 333 -22.46 -15.10 -34.12
CA LYS B 333 -21.77 -16.02 -35.02
C LYS B 333 -20.80 -16.91 -34.25
N CYS B 334 -20.10 -16.36 -33.27
CA CYS B 334 -19.01 -17.07 -32.60
C CYS B 334 -19.58 -18.06 -31.61
N LYS B 335 -19.21 -19.32 -31.75
CA LYS B 335 -19.75 -20.36 -30.88
C LYS B 335 -18.92 -20.58 -29.62
N TYR B 336 -17.71 -20.01 -29.56
CA TYR B 336 -16.80 -20.22 -28.45
C TYR B 336 -16.35 -18.87 -27.90
N SER B 337 -15.92 -18.88 -26.64
CA SER B 337 -15.24 -17.76 -26.03
C SER B 337 -13.84 -18.20 -25.65
N LEU B 338 -12.94 -17.23 -25.49
CA LEU B 338 -11.57 -17.57 -25.08
C LEU B 338 -11.57 -18.35 -23.77
N GLU B 339 -12.42 -17.96 -22.83
CA GLU B 339 -12.46 -18.69 -21.56
C GLU B 339 -12.73 -20.17 -21.79
N ASP B 340 -13.53 -20.51 -22.81
CA ASP B 340 -13.84 -21.90 -23.10
C ASP B 340 -12.59 -22.69 -23.47
N ILE B 341 -11.70 -22.10 -24.26
CA ILE B 341 -10.62 -22.85 -24.89
C ILE B 341 -9.27 -22.61 -24.24
N ALA B 342 -9.18 -21.71 -23.28
CA ALA B 342 -7.87 -21.28 -22.81
C ALA B 342 -7.78 -21.29 -21.29
N ILE B 343 -6.55 -21.46 -20.81
CA ILE B 343 -6.19 -21.22 -19.42
C ILE B 343 -5.50 -19.87 -19.38
N SER B 344 -6.03 -18.95 -18.58
CA SER B 344 -5.55 -17.59 -18.46
C SER B 344 -4.87 -17.37 -17.12
N PHE B 345 -3.87 -16.47 -17.08
CA PHE B 345 -3.24 -16.18 -15.80
C PHE B 345 -2.50 -14.85 -15.82
N GLN B 346 -2.47 -14.20 -14.65
CA GLN B 346 -1.69 -12.99 -14.44
C GLN B 346 -0.21 -13.33 -14.27
N GLY B 347 0.63 -12.36 -14.54
CA GLY B 347 2.07 -12.56 -14.44
C GLY B 347 2.57 -12.63 -13.00
N ILE B 348 3.89 -12.75 -12.90
CA ILE B 348 4.57 -12.74 -11.61
C ILE B 348 4.34 -11.42 -10.89
N ILE B 349 4.12 -11.49 -9.59
CA ILE B 349 4.12 -10.32 -8.73
C ILE B 349 5.20 -10.54 -7.68
N THR B 350 6.37 -9.95 -7.88
CA THR B 350 7.46 -10.17 -6.93
C THR B 350 7.16 -9.53 -5.59
N GLY B 351 6.50 -8.38 -5.60
CA GLY B 351 6.34 -7.58 -4.42
C GLY B 351 7.39 -6.52 -4.23
N CYS B 352 8.55 -6.68 -4.88
CA CYS B 352 9.55 -5.60 -4.96
C CYS B 352 10.45 -5.91 -6.15
N ASP B 353 10.14 -5.30 -7.31
CA ASP B 353 10.84 -5.67 -8.53
C ASP B 353 12.33 -5.36 -8.45
N LYS B 354 12.69 -4.26 -7.79
CA LYS B 354 14.08 -3.86 -7.75
C LYS B 354 14.95 -4.92 -7.08
N ALA B 355 14.34 -5.82 -6.30
CA ALA B 355 15.09 -6.85 -5.62
C ALA B 355 15.34 -8.08 -6.49
N PHE B 356 14.54 -8.28 -7.54
CA PHE B 356 14.58 -9.52 -8.31
C PHE B 356 14.84 -9.34 -9.79
N ILE B 357 14.71 -8.13 -10.34
CA ILE B 357 14.82 -7.89 -11.77
C ILE B 357 16.13 -7.19 -12.02
N LEU B 358 16.92 -7.71 -12.94
CA LEU B 358 18.19 -7.10 -13.28
C LEU B 358 18.24 -6.85 -14.77
N SER B 359 18.92 -5.78 -15.16
CA SER B 359 19.23 -5.59 -16.57
C SER B 359 20.13 -6.74 -17.02
N LYS B 360 19.88 -7.26 -18.22
CA LYS B 360 20.65 -8.44 -18.59
C LYS B 360 22.13 -8.13 -18.75
N ASP B 361 22.48 -6.85 -18.85
CA ASP B 361 23.88 -6.42 -18.86
C ASP B 361 24.45 -6.12 -17.47
N ASP B 362 23.66 -6.26 -16.42
CA ASP B 362 24.12 -5.97 -15.06
C ASP B 362 25.12 -7.01 -14.58
N VAL B 363 26.20 -6.53 -13.96
CA VAL B 363 27.28 -7.41 -13.52
C VAL B 363 26.88 -8.32 -12.37
N LYS B 364 25.88 -7.95 -11.57
CA LYS B 364 25.47 -8.80 -10.46
C LYS B 364 24.88 -10.13 -10.92
N LEU B 365 24.51 -10.25 -12.20
CA LEU B 365 24.01 -11.53 -12.71
C LEU B 365 25.06 -12.63 -12.68
N ASN B 366 26.34 -12.28 -12.55
CA ASN B 366 27.38 -13.29 -12.45
C ASN B 366 27.31 -14.07 -11.15
N LEU B 367 26.69 -13.50 -10.12
CA LEU B 367 26.52 -14.19 -8.85
C LEU B 367 25.38 -15.21 -8.88
N VAL B 368 24.50 -15.11 -9.87
CA VAL B 368 23.29 -15.92 -9.92
C VAL B 368 23.51 -17.08 -10.89
N ASP B 369 23.39 -18.30 -10.40
CA ASP B 369 23.42 -19.45 -11.26
C ASP B 369 22.31 -19.35 -12.30
N ASP B 370 22.61 -19.78 -13.53
CA ASP B 370 21.64 -19.63 -14.62
C ASP B 370 20.36 -20.43 -14.39
N LYS B 371 20.40 -21.44 -13.52
CA LYS B 371 19.21 -22.20 -13.20
C LYS B 371 18.14 -21.35 -12.52
N PHE B 372 18.53 -20.23 -11.91
CA PHE B 372 17.59 -19.34 -11.25
C PHE B 372 17.01 -18.27 -12.17
N LEU B 373 17.58 -18.06 -13.35
CA LEU B 373 17.29 -16.88 -14.15
C LEU B 373 16.26 -17.16 -15.24
N LYS B 374 15.28 -16.25 -15.35
CA LYS B 374 14.25 -16.31 -16.38
C LYS B 374 14.28 -15.02 -17.20
N CYS B 375 13.87 -15.11 -18.46
CA CYS B 375 13.70 -13.92 -19.28
C CYS B 375 12.48 -13.12 -18.81
N TRP B 376 12.59 -11.80 -18.85
CA TRP B 376 11.61 -10.89 -18.28
C TRP B 376 11.25 -9.84 -19.32
N ILE B 377 9.96 -9.69 -19.60
CA ILE B 377 9.51 -8.66 -20.54
C ILE B 377 8.52 -7.74 -19.85
N LYS B 378 8.40 -6.54 -20.40
CA LYS B 378 7.43 -5.54 -19.97
C LYS B 378 6.35 -5.38 -21.03
N SER B 379 5.29 -4.65 -20.67
CA SER B 379 4.15 -4.51 -21.59
C SER B 379 4.58 -3.93 -22.92
N LYS B 380 5.57 -3.03 -22.93
CA LYS B 380 6.00 -2.41 -24.18
C LYS B 380 6.62 -3.43 -25.13
N ASN B 381 7.02 -4.60 -24.65
CA ASN B 381 7.68 -5.55 -25.53
C ASN B 381 6.71 -6.32 -26.41
N ILE B 382 5.40 -6.25 -26.13
CA ILE B 382 4.43 -7.02 -26.89
C ILE B 382 4.03 -6.24 -28.15
N ASN B 383 4.22 -6.86 -29.29
CA ASN B 383 3.66 -6.35 -30.54
C ASN B 383 2.56 -7.30 -30.98
N LYS B 384 1.94 -6.95 -32.10
CA LYS B 384 1.11 -7.92 -32.78
C LYS B 384 1.99 -9.09 -33.23
N TYR B 385 1.58 -10.29 -32.85
CA TYR B 385 2.12 -11.59 -33.26
C TYR B 385 3.44 -12.02 -32.64
N ILE B 386 4.30 -11.12 -32.16
CA ILE B 386 5.62 -11.52 -31.68
C ILE B 386 6.10 -10.54 -30.62
N VAL B 387 7.01 -11.04 -29.77
CA VAL B 387 7.53 -10.33 -28.61
C VAL B 387 8.94 -9.84 -28.91
N ASP B 388 9.22 -8.60 -28.53
CA ASP B 388 10.57 -8.07 -28.60
C ASP B 388 11.51 -8.89 -27.73
N LYS B 389 12.79 -8.87 -28.07
CA LYS B 389 13.80 -9.52 -27.25
C LYS B 389 13.78 -8.96 -25.83
N SER B 390 13.91 -9.84 -24.84
CA SER B 390 13.85 -9.38 -23.46
C SER B 390 15.15 -8.67 -23.08
N GLU B 391 15.02 -7.62 -22.28
CA GLU B 391 16.14 -6.82 -21.82
C GLU B 391 16.39 -6.98 -20.32
N TYR B 392 15.60 -7.80 -19.64
CA TYR B 392 15.71 -7.98 -18.20
C TYR B 392 15.73 -9.46 -17.86
N ARG B 393 16.27 -9.77 -16.69
CA ARG B 393 16.28 -11.12 -16.17
C ARG B 393 15.64 -11.14 -14.78
N LEU B 394 14.84 -12.16 -14.53
CA LEU B 394 14.22 -12.36 -13.24
C LEU B 394 14.96 -13.44 -12.48
N ILE B 395 15.27 -13.17 -11.20
CA ILE B 395 15.82 -14.17 -10.30
C ILE B 395 14.63 -14.89 -9.68
N TYR B 396 14.35 -16.12 -10.12
CA TYR B 396 13.22 -16.89 -9.60
C TYR B 396 13.63 -17.43 -8.22
N SER B 397 13.58 -16.54 -7.23
CA SER B 397 14.18 -16.83 -5.93
C SER B 397 13.49 -17.95 -5.18
N ASN B 398 12.26 -18.33 -5.57
CA ASN B 398 11.60 -19.45 -4.91
C ASN B 398 12.42 -20.73 -5.01
N ASP B 399 13.28 -20.83 -6.01
CA ASP B 399 14.08 -22.03 -6.23
C ASP B 399 15.32 -22.08 -5.36
N ILE B 400 15.58 -21.03 -4.58
CA ILE B 400 16.68 -21.00 -3.63
C ILE B 400 16.25 -21.78 -2.38
N ASP B 401 16.92 -22.91 -2.13
CA ASP B 401 16.43 -23.89 -1.15
C ASP B 401 16.55 -23.38 0.27
N ASN B 402 17.73 -22.88 0.65
CA ASN B 402 17.99 -22.42 2.01
C ASN B 402 18.87 -21.18 1.94
N GLU B 403 18.95 -20.47 3.06
CA GLU B 403 19.69 -19.22 3.11
C GLU B 403 21.20 -19.41 3.08
N ASN B 404 21.71 -20.61 3.36
CA ASN B 404 23.15 -20.81 3.51
C ASN B 404 23.82 -21.33 2.26
N THR B 405 23.09 -22.04 1.39
CA THR B 405 23.71 -22.62 0.19
C THR B 405 23.97 -21.56 -0.88
N ASN B 406 23.10 -20.57 -1.00
CA ASN B 406 23.23 -19.53 -2.02
C ASN B 406 23.40 -18.17 -1.33
N LYS B 407 24.28 -18.12 -0.33
CA LYS B 407 24.38 -16.93 0.52
C LYS B 407 24.68 -15.66 -0.27
N ARG B 408 25.53 -15.76 -1.29
CA ARG B 408 26.00 -14.56 -1.98
C ARG B 408 24.84 -13.81 -2.65
N ILE B 409 23.90 -14.54 -3.25
CA ILE B 409 22.75 -13.90 -3.90
C ILE B 409 21.92 -13.14 -2.87
N LEU B 410 21.64 -13.76 -1.73
CA LEU B 410 20.78 -13.11 -0.73
C LEU B 410 21.43 -11.88 -0.14
N ASP B 411 22.74 -11.92 0.11
CA ASP B 411 23.39 -10.79 0.77
C ASP B 411 23.56 -9.60 -0.17
N GLU B 412 23.91 -9.87 -1.44
CA GLU B 412 24.38 -8.80 -2.31
C GLU B 412 23.36 -8.32 -3.33
N ILE B 413 22.29 -9.08 -3.60
CA ILE B 413 21.31 -8.64 -4.57
C ILE B 413 19.94 -8.45 -3.90
N ILE B 414 19.36 -9.56 -3.42
CA ILE B 414 17.99 -9.50 -2.92
C ILE B 414 17.94 -8.79 -1.58
N GLY B 415 18.90 -9.07 -0.69
CA GLY B 415 18.86 -8.55 0.66
C GLY B 415 18.94 -7.03 0.74
N LEU B 416 19.33 -6.37 -0.34
CA LEU B 416 19.38 -4.92 -0.36
C LEU B 416 18.02 -4.31 -0.12
N TYR B 417 16.95 -5.10 -0.26
CA TYR B 417 15.59 -4.63 -0.05
C TYR B 417 14.88 -5.47 1.00
N LYS B 418 15.65 -6.05 1.93
CA LYS B 418 15.07 -6.99 2.89
C LYS B 418 13.96 -6.34 3.70
N THR B 419 14.17 -5.10 4.14
CA THR B 419 13.15 -4.41 4.91
C THR B 419 11.86 -4.26 4.10
N LYS B 420 11.98 -3.82 2.85
CA LYS B 420 10.79 -3.69 2.02
C LYS B 420 10.13 -5.05 1.80
N LEU B 421 10.96 -6.09 1.58
CA LEU B 421 10.44 -7.44 1.36
C LEU B 421 9.72 -7.98 2.59
N GLU B 422 10.24 -7.67 3.78
CA GLU B 422 9.62 -8.18 4.99
C GLU B 422 8.28 -7.54 5.31
N ASN B 423 7.95 -6.41 4.67
CA ASN B 423 6.68 -5.73 4.91
C ASN B 423 5.55 -6.29 4.07
N ARG B 424 5.83 -7.19 3.14
CA ARG B 424 4.81 -7.81 2.33
C ARG B 424 3.92 -8.71 3.20
N ARG B 425 2.64 -8.79 2.82
CA ARG B 425 1.64 -9.40 3.70
C ARG B 425 2.01 -10.83 4.06
N GLU B 426 2.40 -11.63 3.07
CA GLU B 426 2.66 -13.04 3.32
C GLU B 426 3.97 -13.29 4.04
N CYS B 427 4.89 -12.33 4.07
CA CYS B 427 6.07 -12.43 4.92
C CYS B 427 5.73 -12.13 6.38
N LYS B 428 4.89 -11.11 6.60
CA LYS B 428 4.49 -10.78 7.96
C LYS B 428 3.68 -11.90 8.61
N SER B 429 2.96 -12.71 7.80
CA SER B 429 2.22 -13.84 8.32
C SER B 429 3.03 -15.13 8.39
N GLY B 430 4.24 -15.12 7.84
CA GLY B 430 5.18 -16.22 7.97
C GLY B 430 5.08 -17.32 6.92
N ILE B 431 4.12 -17.24 6.00
CA ILE B 431 4.00 -18.30 4.99
C ILE B 431 4.97 -18.10 3.84
N ARG B 432 5.50 -16.90 3.64
CA ARG B 432 6.44 -16.60 2.57
C ARG B 432 7.78 -16.19 3.19
N LYS B 433 8.87 -16.76 2.68
CA LYS B 433 10.18 -16.32 3.16
C LYS B 433 10.47 -14.91 2.65
N TRP B 434 11.32 -14.19 3.38
CA TRP B 434 11.56 -12.79 3.06
C TRP B 434 12.16 -12.61 1.68
N TYR B 435 12.94 -13.58 1.22
CA TYR B 435 13.63 -13.47 -0.06
C TYR B 435 12.84 -14.10 -1.20
N GLU B 436 11.68 -14.70 -0.92
CA GLU B 436 10.90 -15.36 -1.96
C GLU B 436 10.03 -14.37 -2.72
N LEU B 437 9.65 -14.75 -3.93
CA LEU B 437 8.68 -13.98 -4.68
C LEU B 437 7.33 -14.03 -3.99
N GLN B 438 6.65 -12.90 -3.91
CA GLN B 438 5.38 -12.84 -3.20
C GLN B 438 4.34 -13.74 -3.86
N TRP B 439 4.17 -13.61 -5.18
CA TRP B 439 3.25 -14.46 -5.94
C TRP B 439 4.05 -14.97 -7.14
N GLY B 440 4.75 -16.08 -6.94
CA GLY B 440 5.64 -16.62 -7.96
C GLY B 440 4.96 -17.46 -9.00
N ARG B 441 3.65 -17.68 -8.84
CA ARG B 441 2.81 -18.38 -9.82
C ARG B 441 3.41 -19.76 -10.05
N GLU B 442 3.29 -20.26 -11.28
CA GLU B 442 3.72 -21.60 -11.64
C GLU B 442 4.60 -21.55 -12.87
N LYS B 443 5.86 -21.96 -12.71
CA LYS B 443 6.79 -21.94 -13.84
C LYS B 443 6.25 -22.72 -15.04
N LEU B 444 5.58 -23.85 -14.80
CA LEU B 444 5.08 -24.66 -15.90
C LEU B 444 4.10 -23.91 -16.80
N PHE B 445 3.46 -22.87 -16.28
CA PHE B 445 2.57 -22.06 -17.10
C PHE B 445 3.33 -21.09 -18.00
N PHE B 446 4.48 -20.58 -17.54
CA PHE B 446 5.25 -19.63 -18.33
C PHE B 446 6.21 -20.31 -19.30
N GLU B 447 6.80 -21.45 -18.91
CA GLU B 447 7.81 -22.11 -19.73
C GLU B 447 7.16 -23.10 -20.70
N ARG B 448 6.37 -22.53 -21.61
CA ARG B 448 5.67 -23.25 -22.66
C ARG B 448 5.29 -22.22 -23.72
N LYS B 449 4.96 -22.72 -24.91
CA LYS B 449 4.37 -21.84 -25.92
C LYS B 449 3.07 -21.26 -25.40
N LYS B 450 2.88 -19.96 -25.55
CA LYS B 450 1.69 -19.30 -25.02
C LYS B 450 1.49 -17.98 -25.74
N ILE B 451 0.37 -17.33 -25.45
CA ILE B 451 0.04 -16.02 -26.00
C ILE B 451 0.12 -15.00 -24.88
N MET B 452 0.74 -13.85 -25.17
CA MET B 452 0.91 -12.80 -24.18
C MET B 452 0.40 -11.48 -24.75
N TYR B 453 -0.15 -10.64 -23.88
CA TYR B 453 -0.66 -9.35 -24.33
C TYR B 453 -0.50 -8.30 -23.23
N PRO B 454 -0.33 -7.03 -23.60
CA PRO B 454 -0.17 -5.98 -22.58
C PRO B 454 -1.47 -5.76 -21.82
N TYR B 455 -1.34 -5.37 -20.56
CA TYR B 455 -2.54 -5.19 -19.74
C TYR B 455 -3.21 -3.85 -20.02
N LYS B 456 -2.50 -2.90 -20.59
CA LYS B 456 -3.04 -1.61 -20.94
C LYS B 456 -2.42 -1.20 -22.26
N SER B 457 -3.25 -0.89 -23.25
CA SER B 457 -2.74 -0.62 -24.59
C SER B 457 -3.77 0.19 -25.35
N ASN B 458 -3.33 0.72 -26.49
CA ASN B 458 -4.20 1.46 -27.40
C ASN B 458 -4.94 0.57 -28.39
N GLU B 459 -4.52 -0.69 -28.55
CA GLU B 459 -5.04 -1.57 -29.59
C GLU B 459 -4.75 -3.02 -29.20
N ASN B 460 -5.41 -3.95 -29.88
CA ASN B 460 -5.15 -5.37 -29.67
C ASN B 460 -3.70 -5.69 -30.04
N ARG B 461 -2.95 -6.24 -29.09
CA ARG B 461 -1.58 -6.68 -29.32
C ARG B 461 -1.41 -8.06 -28.68
N PHE B 462 -1.72 -9.11 -29.46
CA PHE B 462 -1.57 -10.49 -28.99
C PHE B 462 -0.39 -11.14 -29.70
N ALA B 463 0.55 -11.66 -28.93
CA ALA B 463 1.77 -12.22 -29.47
C ALA B 463 1.93 -13.67 -29.03
N ILE B 464 2.52 -14.47 -29.91
CA ILE B 464 2.93 -15.82 -29.55
C ILE B 464 4.32 -15.73 -28.95
N ASP B 465 4.45 -16.19 -27.71
CA ASP B 465 5.75 -16.27 -27.05
C ASP B 465 6.37 -17.63 -27.31
N TYR B 466 7.54 -17.64 -27.93
CA TYR B 466 8.32 -18.86 -28.14
C TYR B 466 9.45 -19.00 -27.13
N ASP B 467 9.68 -17.98 -26.29
CA ASP B 467 10.94 -17.85 -25.56
C ASP B 467 10.77 -17.97 -24.04
N ASN B 468 9.68 -18.58 -23.57
CA ASN B 468 9.45 -18.77 -22.14
C ASN B 468 9.63 -17.45 -21.38
N ASN B 469 9.06 -16.38 -21.92
CA ASN B 469 9.20 -15.09 -21.27
C ASN B 469 8.35 -15.06 -20.01
N PHE B 470 8.93 -14.59 -18.91
CA PHE B 470 8.15 -14.23 -17.74
C PHE B 470 7.84 -12.74 -17.80
N SER B 471 6.88 -12.32 -16.97
CA SER B 471 6.50 -10.92 -16.95
C SER B 471 5.80 -10.64 -15.62
N SER B 472 5.71 -9.37 -15.28
CA SER B 472 4.94 -8.94 -14.13
C SER B 472 3.47 -8.82 -14.53
N ALA B 473 2.65 -8.19 -13.70
CA ALA B 473 1.22 -8.12 -13.96
C ALA B 473 0.87 -7.11 -15.03
N ASP B 474 1.85 -6.45 -15.64
CA ASP B 474 1.57 -5.60 -16.80
C ASP B 474 1.41 -6.40 -18.09
N VAL B 475 1.57 -7.72 -18.05
CA VAL B 475 1.40 -8.60 -19.21
C VAL B 475 0.60 -9.82 -18.76
N TYR B 476 -0.43 -10.17 -19.53
CA TYR B 476 -1.21 -11.36 -19.24
C TYR B 476 -0.88 -12.46 -20.26
N SER B 477 -1.16 -13.69 -19.88
CA SER B 477 -0.85 -14.84 -20.70
C SER B 477 -2.02 -15.81 -20.72
N PHE B 478 -2.13 -16.54 -21.83
CA PHE B 478 -2.96 -17.71 -21.82
C PHE B 478 -2.36 -18.74 -22.76
N PHE B 479 -2.69 -19.99 -22.52
CA PHE B 479 -2.37 -21.06 -23.44
C PHE B 479 -3.65 -21.85 -23.69
N ILE B 480 -3.65 -22.62 -24.76
CA ILE B 480 -4.86 -23.29 -25.21
C ILE B 480 -5.01 -24.60 -24.44
N LYS B 481 -6.22 -24.85 -23.94
CA LYS B 481 -6.49 -26.10 -23.26
C LYS B 481 -6.28 -27.28 -24.21
N GLU B 482 -5.87 -28.40 -23.61
CA GLU B 482 -5.49 -29.56 -24.41
C GLU B 482 -6.65 -30.04 -25.28
N GLU B 483 -7.87 -30.00 -24.75
CA GLU B 483 -9.01 -30.51 -25.50
C GLU B 483 -9.42 -29.62 -26.67
N TYR B 484 -8.94 -28.38 -26.72
CA TYR B 484 -9.25 -27.50 -27.85
C TYR B 484 -8.11 -27.35 -28.84
N LEU B 485 -6.99 -28.03 -28.62
CA LEU B 485 -5.81 -27.84 -29.47
C LEU B 485 -6.05 -28.28 -30.91
N ASP B 486 -6.88 -29.30 -31.12
CA ASP B 486 -7.17 -29.71 -32.49
C ASP B 486 -8.24 -28.85 -33.16
N LYS B 487 -8.90 -27.97 -32.42
CA LYS B 487 -9.86 -27.03 -33.01
C LYS B 487 -9.25 -25.65 -33.24
N PHE B 488 -8.38 -25.20 -32.35
CA PHE B 488 -7.80 -23.87 -32.42
C PHE B 488 -6.29 -23.93 -32.24
N SER B 489 -5.57 -23.13 -33.04
CA SER B 489 -4.13 -23.03 -32.97
C SER B 489 -3.74 -21.62 -32.56
N TYR B 490 -2.53 -21.50 -32.01
CA TYR B 490 -2.03 -20.19 -31.60
C TYR B 490 -1.96 -19.24 -32.78
N GLU B 491 -1.53 -19.74 -33.94
CA GLU B 491 -1.41 -18.90 -35.11
C GLU B 491 -2.78 -18.41 -35.60
N TYR B 492 -3.80 -19.27 -35.59
CA TYR B 492 -5.14 -18.80 -35.95
C TYR B 492 -5.63 -17.77 -34.93
N LEU B 493 -5.40 -18.02 -33.65
CA LEU B 493 -5.92 -17.12 -32.62
C LEU B 493 -5.30 -15.73 -32.73
N VAL B 494 -3.97 -15.64 -32.86
CA VAL B 494 -3.39 -14.30 -32.95
C VAL B 494 -3.82 -13.64 -34.24
N GLY B 495 -4.11 -14.44 -35.27
CA GLY B 495 -4.62 -13.88 -36.51
C GLY B 495 -5.93 -13.15 -36.35
N ILE B 496 -6.89 -13.78 -35.68
CA ILE B 496 -8.18 -13.13 -35.54
C ILE B 496 -8.13 -12.05 -34.44
N LEU B 497 -7.39 -12.31 -33.34
CA LEU B 497 -7.35 -11.35 -32.24
C LEU B 497 -6.66 -10.05 -32.63
N ASN B 498 -5.70 -10.08 -33.56
CA ASN B 498 -5.02 -8.88 -33.99
C ASN B 498 -5.69 -8.19 -35.17
N SER B 499 -6.82 -8.72 -35.65
CA SER B 499 -7.44 -8.14 -36.84
C SER B 499 -8.13 -6.82 -36.52
N SER B 500 -8.33 -6.02 -37.56
CA SER B 500 -9.07 -4.77 -37.40
C SER B 500 -10.47 -5.02 -36.84
N VAL B 501 -11.08 -6.14 -37.22
CA VAL B 501 -12.42 -6.48 -36.74
C VAL B 501 -12.41 -6.67 -35.23
N TYR B 502 -11.48 -7.47 -34.72
CA TYR B 502 -11.47 -7.75 -33.29
C TYR B 502 -10.98 -6.59 -32.46
N ASP B 503 -10.17 -5.71 -33.03
CA ASP B 503 -9.81 -4.48 -32.33
C ASP B 503 -11.04 -3.61 -32.11
N LYS B 504 -11.81 -3.38 -33.17
CA LYS B 504 -13.05 -2.64 -33.02
C LYS B 504 -14.02 -3.37 -32.11
N TYR B 505 -14.09 -4.70 -32.25
CA TYR B 505 -15.03 -5.51 -31.47
C TYR B 505 -14.74 -5.43 -29.98
N PHE B 506 -13.48 -5.62 -29.60
CA PHE B 506 -13.13 -5.61 -28.18
C PHE B 506 -13.45 -4.27 -27.56
N LYS B 507 -13.15 -3.18 -28.26
CA LYS B 507 -13.32 -1.84 -27.73
C LYS B 507 -14.78 -1.43 -27.59
N ILE B 508 -15.72 -2.22 -28.10
CA ILE B 508 -17.13 -1.89 -27.91
C ILE B 508 -17.45 -1.84 -26.42
N THR B 509 -16.96 -2.84 -25.67
CA THR B 509 -17.25 -2.99 -24.26
C THR B 509 -16.04 -2.87 -23.36
N ALA B 510 -14.85 -2.62 -23.91
CA ALA B 510 -13.64 -2.58 -23.10
C ALA B 510 -13.68 -1.38 -22.16
N LYS B 511 -12.78 -1.40 -21.17
CA LYS B 511 -12.75 -0.40 -20.11
C LYS B 511 -11.75 0.69 -20.50
N LYS B 512 -12.26 1.86 -20.86
CA LYS B 512 -11.40 2.97 -21.27
C LYS B 512 -10.78 3.60 -20.02
N MET B 513 -9.44 3.59 -19.94
CA MET B 513 -8.71 3.98 -18.74
C MET B 513 -8.20 5.42 -18.79
N SER B 514 -7.45 5.75 -19.84
CA SER B 514 -6.94 7.09 -20.05
C SER B 514 -6.79 7.29 -21.56
N LYS B 515 -6.24 8.44 -21.96
CA LYS B 515 -6.15 8.78 -23.37
C LYS B 515 -5.40 7.70 -24.13
N ASN B 516 -6.08 7.08 -25.10
CA ASN B 516 -5.53 5.98 -25.91
C ASN B 516 -5.10 4.78 -25.06
N ILE B 517 -5.79 4.50 -23.96
CA ILE B 517 -5.50 3.31 -23.15
C ILE B 517 -6.80 2.60 -22.78
N TYR B 518 -6.89 1.31 -23.12
CA TYR B 518 -7.93 0.42 -22.63
C TYR B 518 -7.28 -0.63 -21.74
N ASP B 519 -8.04 -1.11 -20.76
CA ASP B 519 -7.61 -2.26 -20.00
C ASP B 519 -7.76 -3.51 -20.86
N TYR B 520 -6.67 -4.25 -21.03
CA TYR B 520 -6.74 -5.59 -21.60
C TYR B 520 -6.53 -6.57 -20.45
N TYR B 521 -7.60 -6.82 -19.73
CA TYR B 521 -7.57 -7.71 -18.58
C TYR B 521 -8.44 -8.94 -18.85
N PRO B 522 -8.11 -10.06 -18.22
CA PRO B 522 -8.90 -11.28 -18.45
C PRO B 522 -10.39 -11.11 -18.22
N ASN B 523 -10.81 -10.26 -17.28
CA ASN B 523 -12.25 -10.17 -17.01
C ASN B 523 -13.01 -9.67 -18.23
N LYS B 524 -12.34 -9.07 -19.19
CA LYS B 524 -12.98 -8.82 -20.47
C LYS B 524 -12.32 -9.55 -21.64
N VAL B 525 -11.00 -9.74 -21.63
CA VAL B 525 -10.36 -10.43 -22.75
C VAL B 525 -10.85 -11.87 -22.82
N MET B 526 -11.04 -12.52 -21.68
CA MET B 526 -11.49 -13.90 -21.73
C MET B 526 -12.95 -14.03 -22.14
N LYS B 527 -13.69 -12.92 -22.19
CA LYS B 527 -15.05 -12.92 -22.72
C LYS B 527 -15.11 -12.68 -24.21
N ILE B 528 -13.95 -12.44 -24.84
CA ILE B 528 -13.91 -12.29 -26.29
C ILE B 528 -14.38 -13.57 -26.96
N ARG B 529 -15.33 -13.45 -27.88
CA ARG B 529 -15.87 -14.62 -28.57
C ARG B 529 -15.16 -14.85 -29.89
N ILE B 530 -14.93 -16.13 -30.21
CA ILE B 530 -14.15 -16.54 -31.37
C ILE B 530 -14.95 -17.58 -32.12
N PHE B 531 -14.64 -17.73 -33.40
CA PHE B 531 -15.39 -18.62 -34.28
C PHE B 531 -14.42 -19.53 -35.03
N ARG B 532 -14.99 -20.51 -35.72
CA ARG B 532 -14.22 -21.35 -36.64
C ARG B 532 -15.17 -21.82 -37.73
N ASP B 533 -14.81 -21.55 -38.97
CA ASP B 533 -15.67 -21.84 -40.10
C ASP B 533 -14.76 -22.16 -41.29
N ASN B 534 -15.31 -22.11 -42.50
CA ASN B 534 -14.57 -22.52 -43.69
C ASN B 534 -13.34 -21.67 -43.97
N ASN B 535 -13.22 -20.49 -43.37
CA ASN B 535 -12.07 -19.61 -43.57
C ASN B 535 -10.88 -19.93 -42.66
N TYR B 536 -11.01 -20.92 -41.77
CA TYR B 536 -9.95 -21.18 -40.78
C TYR B 536 -8.60 -21.41 -41.45
N GLU B 537 -8.55 -22.28 -42.46
CA GLU B 537 -7.26 -22.64 -43.02
C GLU B 537 -6.56 -21.44 -43.63
N GLU B 538 -7.30 -20.59 -44.35
CA GLU B 538 -6.68 -19.44 -45.00
C GLU B 538 -6.28 -18.38 -43.99
N ILE B 539 -7.13 -18.13 -42.99
CA ILE B 539 -6.77 -17.18 -41.94
C ILE B 539 -5.49 -17.62 -41.25
N GLU B 540 -5.42 -18.91 -40.90
CA GLU B 540 -4.24 -19.42 -40.22
C GLU B 540 -2.99 -19.29 -41.07
N ASN B 541 -3.11 -19.59 -42.37
CA ASN B 541 -1.97 -19.49 -43.25
C ASN B 541 -1.48 -18.06 -43.37
N LEU B 542 -2.40 -17.11 -43.47
CA LEU B 542 -2.01 -15.70 -43.54
C LEU B 542 -1.28 -15.28 -42.28
N SER B 543 -1.76 -15.75 -41.12
CA SER B 543 -1.08 -15.45 -39.86
C SER B 543 0.31 -16.04 -39.82
N LYS B 544 0.46 -17.29 -40.29
CA LYS B 544 1.78 -17.90 -40.30
C LYS B 544 2.74 -17.14 -41.21
N GLN B 545 2.25 -16.66 -42.36
CA GLN B 545 3.12 -15.89 -43.25
C GLN B 545 3.58 -14.60 -42.61
N ILE B 546 2.68 -13.92 -41.91
CA ILE B 546 3.05 -12.67 -41.22
C ILE B 546 4.13 -12.94 -40.19
N ILE B 547 3.93 -13.99 -39.38
CA ILE B 547 4.91 -14.34 -38.35
C ILE B 547 6.27 -14.61 -38.99
N SER B 548 6.28 -15.32 -40.12
CA SER B 548 7.53 -15.61 -40.80
C SER B 548 8.22 -14.32 -41.22
N ILE B 549 7.45 -13.37 -41.75
CA ILE B 549 8.03 -12.11 -42.19
C ILE B 549 8.55 -11.31 -41.01
N LEU B 550 7.79 -11.28 -39.92
CA LEU B 550 8.19 -10.47 -38.77
C LEU B 550 9.46 -11.02 -38.12
N LEU B 551 9.72 -12.32 -38.24
CA LEU B 551 10.90 -12.94 -37.67
C LEU B 551 12.08 -12.96 -38.64
N ASN B 552 11.90 -12.49 -39.86
CA ASN B 552 12.94 -12.51 -40.86
C ASN B 552 13.92 -11.35 -40.62
N LYS B 553 15.05 -11.39 -41.34
CA LYS B 553 16.06 -10.36 -41.19
C LYS B 553 15.58 -9.04 -41.80
N SER B 554 15.20 -9.07 -43.08
CA SER B 554 14.68 -7.91 -43.79
C SER B 554 13.16 -7.96 -43.71
N ILE B 555 12.59 -7.10 -42.86
CA ILE B 555 11.15 -7.05 -42.67
C ILE B 555 10.53 -6.11 -43.70
N ASP B 556 9.62 -6.65 -44.50
CA ASP B 556 8.83 -5.87 -45.46
C ASP B 556 7.51 -5.50 -44.79
N LYS B 557 7.47 -4.31 -44.18
CA LYS B 557 6.24 -3.88 -43.53
C LYS B 557 5.10 -3.80 -44.53
N GLY B 558 5.42 -3.46 -45.78
CA GLY B 558 4.38 -3.36 -46.81
C GLY B 558 3.71 -4.69 -47.10
N LYS B 559 4.50 -5.77 -47.22
CA LYS B 559 3.93 -7.08 -47.48
C LYS B 559 3.07 -7.56 -46.31
N VAL B 560 3.48 -7.26 -45.08
CA VAL B 560 2.67 -7.65 -43.94
C VAL B 560 1.32 -6.96 -43.98
N GLU B 561 1.31 -5.67 -44.32
CA GLU B 561 0.06 -4.92 -44.35
C GLU B 561 -0.90 -5.49 -45.38
N LYS B 562 -0.38 -5.88 -46.56
CA LYS B 562 -1.24 -6.47 -47.57
C LYS B 562 -1.84 -7.79 -47.08
N LEU B 563 -1.02 -8.62 -46.40
CA LEU B 563 -1.52 -9.86 -45.82
C LEU B 563 -2.53 -9.59 -44.72
N GLN B 564 -2.30 -8.55 -43.91
CA GLN B 564 -3.22 -8.23 -42.84
C GLN B 564 -4.58 -7.79 -43.38
N ILE B 565 -4.58 -6.98 -44.43
CA ILE B 565 -5.84 -6.55 -45.04
C ILE B 565 -6.58 -7.76 -45.61
N LYS B 566 -5.85 -8.65 -46.27
CA LYS B 566 -6.46 -9.85 -46.81
C LYS B 566 -7.09 -10.67 -45.70
N MET B 567 -6.41 -10.78 -44.55
CA MET B 567 -6.99 -11.49 -43.42
C MET B 567 -8.20 -10.76 -42.85
N ASP B 568 -8.11 -9.43 -42.72
CA ASP B 568 -9.25 -8.67 -42.18
C ASP B 568 -10.51 -8.91 -43.01
N ASN B 569 -10.37 -8.92 -44.33
CA ASN B 569 -11.53 -9.13 -45.20
C ASN B 569 -12.13 -10.51 -45.01
N LEU B 570 -11.29 -11.55 -44.85
CA LEU B 570 -11.81 -12.89 -44.61
C LEU B 570 -12.59 -12.96 -43.30
N ILE B 571 -12.07 -12.31 -42.25
CA ILE B 571 -12.79 -12.29 -40.98
C ILE B 571 -14.08 -11.51 -41.12
N MET B 572 -14.05 -10.39 -41.86
CA MET B 572 -15.29 -9.65 -42.08
C MET B 572 -16.30 -10.50 -42.82
N ASP B 573 -15.83 -11.25 -43.82
CA ASP B 573 -16.70 -12.17 -44.55
C ASP B 573 -17.27 -13.23 -43.62
N SER B 574 -16.45 -13.77 -42.72
CA SER B 574 -16.92 -14.84 -41.84
C SER B 574 -18.03 -14.36 -40.90
N LEU B 575 -17.89 -13.17 -40.33
CA LEU B 575 -18.86 -12.69 -39.36
C LEU B 575 -20.01 -11.91 -40.00
N GLY B 576 -20.00 -11.75 -41.33
CA GLY B 576 -21.08 -11.09 -42.02
C GLY B 576 -21.23 -9.62 -41.72
N ILE B 577 -20.12 -8.90 -41.59
CA ILE B 577 -20.13 -7.46 -41.34
C ILE B 577 -19.44 -6.71 -42.48
N TYR C 31 36.58 40.04 6.97
CA TYR C 31 36.83 40.13 8.41
C TYR C 31 35.73 40.91 9.13
N THR C 32 35.22 40.32 10.19
CA THR C 32 34.19 40.92 11.03
C THR C 32 34.80 41.99 11.94
N PRO C 33 34.14 43.14 12.08
CA PRO C 33 34.67 44.22 12.92
C PRO C 33 34.85 43.77 14.37
N LYS C 34 35.89 44.33 15.01
CA LYS C 34 36.31 43.83 16.32
C LYS C 34 35.21 44.00 17.37
N ILE C 35 34.46 45.10 17.30
CA ILE C 35 33.41 45.33 18.29
C ILE C 35 32.28 44.31 18.13
N ILE C 36 32.01 43.84 16.90
CA ILE C 36 31.01 42.79 16.72
C ILE C 36 31.52 41.47 17.29
N VAL C 37 32.78 41.14 17.01
CA VAL C 37 33.35 39.89 17.52
C VAL C 37 33.28 39.86 19.04
N ASP C 38 33.73 40.94 19.69
CA ASP C 38 33.70 41.00 21.15
C ASP C 38 32.29 40.84 21.68
N TYR C 39 31.32 41.50 21.06
CA TYR C 39 29.94 41.44 21.53
C TYR C 39 29.39 40.03 21.49
N ILE C 40 29.68 39.30 20.41
CA ILE C 40 29.17 37.93 20.26
C ILE C 40 29.82 37.01 21.29
N VAL C 41 31.13 37.18 21.53
CA VAL C 41 31.80 36.36 22.52
C VAL C 41 31.23 36.67 23.92
N LYS C 42 30.98 37.96 24.19
CA LYS C 42 30.33 38.32 25.44
C LYS C 42 28.95 37.70 25.57
N LYS C 43 28.19 37.66 24.47
CA LYS C 43 26.82 37.17 24.53
C LYS C 43 26.76 35.71 24.97
N THR C 44 27.76 34.91 24.57
CA THR C 44 27.76 33.49 24.93
C THR C 44 28.45 33.21 26.28
N LEU C 45 29.53 33.92 26.60
CA LEU C 45 30.39 33.54 27.72
C LEU C 45 30.22 34.41 28.96
N LYS C 46 29.38 35.45 28.92
CA LYS C 46 29.36 36.44 29.99
C LYS C 46 28.96 35.84 31.33
N ASN C 47 28.12 34.80 31.31
CA ASN C 47 27.57 34.21 32.53
C ASN C 47 28.01 32.76 32.74
N HIS C 48 29.12 32.33 32.14
CA HIS C 48 29.56 30.96 32.35
C HIS C 48 30.17 30.80 33.74
N ASP C 49 29.81 29.70 34.40
CA ASP C 49 30.34 29.35 35.72
C ASP C 49 31.52 28.42 35.53
N ILE C 50 32.74 28.98 35.61
CA ILE C 50 33.94 28.19 35.39
C ILE C 50 34.24 27.23 36.54
N ILE C 51 33.76 27.52 37.77
CA ILE C 51 34.00 26.60 38.88
C ILE C 51 33.16 25.33 38.71
N LYS C 52 31.88 25.48 38.34
CA LYS C 52 31.03 24.30 38.13
C LYS C 52 31.50 23.49 36.93
N ASN C 53 31.75 24.15 35.80
CA ASN C 53 32.21 23.48 34.59
C ASN C 53 33.48 24.16 34.12
N PRO C 54 34.65 23.68 34.54
CA PRO C 54 35.91 24.18 34.00
C PRO C 54 36.28 23.59 32.64
N TYR C 55 35.38 22.86 31.98
CA TYR C 55 35.66 22.25 30.68
C TYR C 55 34.63 22.70 29.65
N PRO C 56 34.51 24.00 29.39
CA PRO C 56 33.55 24.46 28.39
C PRO C 56 34.08 24.28 26.97
N ARG C 57 33.20 23.85 26.08
CA ARG C 57 33.55 23.66 24.67
C ARG C 57 32.92 24.74 23.81
N ILE C 58 33.76 25.57 23.20
CA ILE C 58 33.35 26.71 22.38
C ILE C 58 33.82 26.44 20.96
N LEU C 59 32.90 26.56 20.00
CA LEU C 59 33.13 26.17 18.62
C LEU C 59 32.88 27.35 17.69
N ASP C 60 33.71 27.47 16.65
CA ASP C 60 33.46 28.33 15.51
C ASP C 60 33.44 27.45 14.27
N ILE C 61 32.27 27.33 13.63
CA ILE C 61 32.10 26.41 12.50
C ILE C 61 32.63 26.96 11.19
N SER C 62 32.92 28.26 11.13
CA SER C 62 33.51 28.91 9.96
C SER C 62 34.61 29.87 10.43
N CYS C 63 35.55 29.34 11.21
CA CYS C 63 36.44 30.18 12.02
C CYS C 63 37.34 31.08 11.19
N GLY C 64 37.57 30.75 9.92
CA GLY C 64 38.46 31.57 9.12
C GLY C 64 39.84 31.61 9.75
N CYS C 65 40.42 32.81 9.79
CA CYS C 65 41.70 32.98 10.46
C CYS C 65 41.58 33.01 11.97
N GLY C 66 40.35 33.07 12.50
CA GLY C 66 40.12 33.02 13.93
C GLY C 66 39.82 34.36 14.57
N ASN C 67 39.09 35.23 13.86
CA ASN C 67 38.69 36.51 14.45
C ASN C 67 37.90 36.29 15.74
N PHE C 68 37.04 35.28 15.76
CA PHE C 68 36.25 35.00 16.95
C PHE C 68 37.03 34.16 17.96
N LEU C 69 37.68 33.09 17.50
CA LEU C 69 38.30 32.14 18.42
C LEU C 69 39.47 32.75 19.18
N LEU C 70 40.22 33.64 18.55
CA LEU C 70 41.32 34.31 19.25
C LEU C 70 40.79 35.17 20.40
N GLU C 71 39.65 35.81 20.20
CA GLU C 71 39.02 36.54 21.29
C GLU C 71 38.49 35.59 22.36
N VAL C 72 38.02 34.41 21.94
CA VAL C 72 37.59 33.39 22.90
C VAL C 72 38.75 32.98 23.81
N TYR C 73 39.95 32.80 23.24
CA TYR C 73 41.11 32.43 24.06
C TYR C 73 41.40 33.51 25.09
N ASP C 74 41.41 34.78 24.67
CA ASP C 74 41.71 35.87 25.59
C ASP C 74 40.69 35.95 26.72
N ILE C 75 39.40 35.81 26.39
CA ILE C 75 38.36 35.86 27.42
C ILE C 75 38.50 34.66 28.35
N LEU C 76 38.76 33.47 27.79
CA LEU C 76 38.95 32.28 28.62
C LEU C 76 40.17 32.43 29.51
N TYR C 77 41.27 32.96 28.96
CA TYR C 77 42.51 33.08 29.74
C TYR C 77 42.29 33.95 30.98
N ASP C 78 41.62 35.08 30.81
CA ASP C 78 41.29 35.93 31.96
C ASP C 78 40.35 35.22 32.93
N LEU C 79 39.37 34.49 32.41
CA LEU C 79 38.40 33.80 33.26
C LEU C 79 39.07 32.77 34.16
N PHE C 80 39.96 31.95 33.60
CA PHE C 80 40.68 30.98 34.40
C PHE C 80 41.61 31.67 35.40
N GLU C 81 42.29 32.73 34.97
CA GLU C 81 43.24 33.41 35.84
C GLU C 81 42.55 34.03 37.05
N GLU C 82 41.39 34.64 36.84
CA GLU C 82 40.64 35.26 37.95
C GLU C 82 40.10 34.23 38.93
N ASN C 83 40.01 32.95 38.54
CA ASN C 83 39.43 31.90 39.36
C ASN C 83 40.42 30.78 39.65
N ILE C 84 41.72 31.05 39.56
CA ILE C 84 42.71 29.98 39.64
C ILE C 84 42.74 29.36 41.03
N TYR C 85 42.58 30.17 42.09
CA TYR C 85 42.70 29.64 43.44
C TYR C 85 41.49 28.79 43.84
N GLU C 86 40.29 29.16 43.39
CA GLU C 86 39.12 28.34 43.66
C GLU C 86 39.22 26.99 42.97
N LEU C 87 39.73 26.97 41.73
CA LEU C 87 39.94 25.70 41.04
C LEU C 87 40.94 24.83 41.76
N LYS C 88 42.03 25.43 42.27
CA LYS C 88 43.04 24.65 42.99
C LYS C 88 42.46 24.03 44.26
N LYS C 89 41.56 24.74 44.94
CA LYS C 89 40.95 24.20 46.15
C LYS C 89 39.86 23.17 45.82
N LYS C 90 39.00 23.47 44.84
CA LYS C 90 37.86 22.60 44.54
C LYS C 90 38.27 21.37 43.75
N TYR C 91 39.33 21.45 42.96
CA TYR C 91 39.79 20.40 42.09
C TYR C 91 41.26 20.10 42.40
N ASP C 92 41.91 19.36 41.50
CA ASP C 92 43.31 19.01 41.66
C ASP C 92 44.18 20.25 41.83
N GLU C 93 44.75 20.43 43.04
CA GLU C 93 45.49 21.64 43.33
C GLU C 93 46.79 21.73 42.54
N ASN C 94 47.28 20.62 41.98
CA ASN C 94 48.46 20.65 41.13
C ASN C 94 48.12 20.84 39.65
N TYR C 95 46.98 20.33 39.19
CA TYR C 95 46.63 20.47 37.77
C TYR C 95 46.27 21.90 37.42
N TRP C 96 45.55 22.59 38.30
CA TRP C 96 45.03 23.93 38.03
C TRP C 96 46.09 24.93 38.49
N THR C 97 47.04 25.21 37.61
CA THR C 97 48.04 26.24 37.82
C THR C 97 48.01 27.23 36.66
N VAL C 98 48.49 28.46 36.93
CA VAL C 98 48.51 29.48 35.89
C VAL C 98 49.40 29.06 34.72
N ASP C 99 50.49 28.33 35.02
CA ASP C 99 51.40 27.88 33.97
C ASP C 99 50.75 26.90 32.99
N ASN C 100 49.67 26.24 33.38
CA ASN C 100 49.00 25.26 32.53
C ASN C 100 47.75 25.79 31.83
N ILE C 101 47.38 27.05 32.05
CA ILE C 101 46.14 27.59 31.49
C ILE C 101 46.17 27.57 29.97
N HIS C 102 47.31 27.97 29.39
CA HIS C 102 47.46 27.98 27.94
C HIS C 102 47.21 26.60 27.34
N ARG C 103 47.86 25.57 27.88
CA ARG C 103 47.63 24.21 27.40
C ARG C 103 46.18 23.78 27.64
N HIS C 104 45.62 24.12 28.80
CA HIS C 104 44.25 23.70 29.12
C HIS C 104 43.24 24.27 28.14
N ILE C 105 43.39 25.56 27.81
CA ILE C 105 42.47 26.21 26.87
C ILE C 105 42.55 25.54 25.51
N LEU C 106 43.77 25.29 25.03
CA LEU C 106 43.95 24.76 23.68
C LEU C 106 43.58 23.29 23.57
N ASN C 107 43.78 22.51 24.64
CA ASN C 107 43.53 21.07 24.58
C ASN C 107 42.06 20.72 24.76
N TYR C 108 41.33 21.44 25.60
CA TYR C 108 40.01 21.01 26.03
C TYR C 108 38.86 21.97 25.69
N CYS C 109 39.14 23.22 25.31
CA CYS C 109 38.09 24.25 25.30
C CYS C 109 37.78 24.83 23.93
N ILE C 110 38.77 25.08 23.08
CA ILE C 110 38.59 25.80 21.82
C ILE C 110 38.53 24.81 20.66
N TYR C 111 37.50 24.96 19.81
CA TYR C 111 37.31 24.14 18.61
C TYR C 111 36.99 25.02 17.41
N GLY C 112 37.64 24.75 16.28
CA GLY C 112 37.39 25.49 15.06
C GLY C 112 37.38 24.60 13.84
N ALA C 113 36.61 25.02 12.83
CA ALA C 113 36.54 24.30 11.56
C ALA C 113 36.49 25.28 10.40
N ASP C 114 37.09 24.89 9.28
CA ASP C 114 37.07 25.69 8.05
C ASP C 114 37.54 24.82 6.89
N ILE C 115 37.00 25.09 5.70
CA ILE C 115 37.40 24.35 4.51
C ILE C 115 38.75 24.82 3.96
N ASP C 116 39.23 25.99 4.36
CA ASP C 116 40.45 26.57 3.82
C ASP C 116 41.64 26.14 4.67
N GLU C 117 42.55 25.36 4.08
CA GLU C 117 43.70 24.87 4.84
C GLU C 117 44.69 25.98 5.17
N LYS C 118 44.82 26.99 4.31
CA LYS C 118 45.69 28.12 4.61
C LYS C 118 45.21 28.88 5.84
N ALA C 119 43.89 29.04 5.99
CA ALA C 119 43.34 29.74 7.15
C ALA C 119 43.61 28.98 8.44
N ILE C 120 43.40 27.67 8.45
CA ILE C 120 43.63 26.88 9.65
C ILE C 120 45.11 26.93 10.05
N SER C 121 46.00 26.90 9.07
CA SER C 121 47.44 26.96 9.36
C SER C 121 47.80 28.29 10.03
N ILE C 122 47.21 29.39 9.58
CA ILE C 122 47.46 30.68 10.22
C ILE C 122 46.92 30.68 11.65
N LEU C 123 45.72 30.16 11.84
CA LEU C 123 45.14 30.10 13.18
C LEU C 123 45.96 29.21 14.11
N LYS C 124 46.41 28.06 13.61
CA LYS C 124 47.24 27.17 14.43
C LYS C 124 48.54 27.85 14.83
N ASP C 125 49.17 28.57 13.90
CA ASP C 125 50.37 29.34 14.21
C ASP C 125 50.05 30.48 15.16
N SER C 126 48.91 31.14 14.98
CA SER C 126 48.52 32.22 15.87
C SER C 126 48.25 31.72 17.28
N LEU C 127 47.53 30.59 17.42
CA LEU C 127 47.23 30.03 18.73
C LEU C 127 48.49 29.54 19.43
N THR C 128 49.47 29.02 18.69
CA THR C 128 50.73 28.64 19.30
C THR C 128 51.45 29.86 19.87
N ASN C 129 51.38 31.00 19.17
CA ASN C 129 52.03 32.24 19.59
C ASN C 129 51.26 33.00 20.65
N LYS C 130 50.13 32.48 21.14
CA LYS C 130 49.37 33.13 22.21
C LYS C 130 49.97 32.85 23.58
N ILE C 141 51.07 20.15 22.49
CA ILE C 141 49.65 20.46 22.71
C ILE C 141 48.84 20.28 21.43
N LYS C 142 47.73 19.56 21.54
CA LYS C 142 46.87 19.28 20.40
C LYS C 142 45.75 20.31 20.34
N ILE C 143 45.72 21.11 19.28
CA ILE C 143 44.67 22.11 19.08
C ILE C 143 43.60 21.49 18.22
N ASN C 144 42.34 21.72 18.58
CA ASN C 144 41.20 21.06 17.92
C ASN C 144 40.69 21.90 16.76
N LEU C 145 41.49 21.92 15.70
CA LEU C 145 41.13 22.58 14.45
C LEU C 145 40.96 21.53 13.36
N PHE C 146 39.90 21.66 12.57
CA PHE C 146 39.58 20.68 11.53
C PHE C 146 39.45 21.39 10.19
N CYS C 147 40.12 20.88 9.16
CA CYS C 147 39.99 21.39 7.80
C CYS C 147 39.01 20.49 7.06
N CYS C 148 37.77 20.93 6.96
CA CYS C 148 36.69 20.08 6.46
C CYS C 148 35.50 20.96 6.10
N ASP C 149 34.51 20.33 5.49
CA ASP C 149 33.22 20.97 5.26
C ASP C 149 32.39 20.83 6.52
N SER C 150 32.08 21.97 7.16
CA SER C 150 31.39 21.95 8.44
C SER C 150 30.01 21.33 8.34
N LEU C 151 29.34 21.49 7.19
CA LEU C 151 28.02 20.87 7.01
C LEU C 151 28.11 19.36 6.81
N LYS C 152 29.31 18.82 6.55
CA LYS C 152 29.50 17.39 6.34
C LYS C 152 30.18 16.67 7.50
N LYS C 153 30.93 17.38 8.36
CA LYS C 153 31.64 16.70 9.44
C LYS C 153 30.65 16.12 10.45
N LYS C 154 30.80 14.84 10.73
CA LYS C 154 30.02 14.19 11.77
C LYS C 154 30.67 14.47 13.13
N TRP C 155 29.98 15.18 14.00
CA TRP C 155 30.51 15.51 15.32
C TRP C 155 30.13 14.44 16.33
N ARG C 156 31.13 13.97 17.09
CA ARG C 156 30.92 12.89 18.04
C ARG C 156 30.39 13.39 19.38
N TYR C 157 30.38 14.70 19.59
CA TYR C 157 29.87 15.30 20.81
C TYR C 157 29.43 16.73 20.51
N LYS C 158 28.55 17.25 21.36
CA LYS C 158 27.99 18.57 21.17
C LYS C 158 28.83 19.63 21.90
N PHE C 159 28.41 20.89 21.82
CA PHE C 159 29.22 22.02 22.26
C PHE C 159 28.43 22.93 23.19
N ASP C 160 29.13 23.50 24.17
CA ASP C 160 28.48 24.39 25.13
C ASP C 160 28.17 25.74 24.49
N TYR C 161 29.07 26.25 23.66
CA TYR C 161 28.91 27.58 23.08
C TYR C 161 29.38 27.57 21.63
N ILE C 162 28.63 28.25 20.76
CA ILE C 162 28.95 28.33 19.33
C ILE C 162 28.87 29.79 18.90
N VAL C 163 29.94 30.27 18.24
CA VAL C 163 30.03 31.65 17.77
C VAL C 163 30.58 31.66 16.35
N GLY C 164 30.38 32.79 15.66
CA GLY C 164 31.08 33.03 14.42
C GLY C 164 30.24 33.75 13.39
N ASN C 165 30.79 33.83 12.18
CA ASN C 165 30.22 34.57 11.04
C ASN C 165 30.27 33.67 9.80
N PRO C 166 29.17 32.97 9.49
CA PRO C 166 29.20 31.94 8.43
C PRO C 166 29.25 32.55 7.04
N PRO C 167 29.57 31.75 6.01
CA PRO C 167 29.53 32.27 4.64
C PRO C 167 28.11 32.51 4.15
N TYR C 168 27.92 33.57 3.38
CA TYR C 168 26.65 33.85 2.71
C TYR C 168 26.86 33.64 1.22
N ILE C 169 26.16 32.67 0.66
CA ILE C 169 26.23 32.39 -0.78
C ILE C 169 24.81 32.10 -1.26
N GLY C 170 24.30 32.94 -2.15
CA GLY C 170 22.94 32.84 -2.61
C GLY C 170 22.78 31.83 -3.72
N HIS C 171 21.58 31.82 -4.30
CA HIS C 171 21.22 30.77 -5.24
C HIS C 171 22.00 30.88 -6.54
N LYS C 172 22.38 32.09 -6.96
CA LYS C 172 23.11 32.26 -8.21
C LYS C 172 24.56 31.82 -8.09
N LYS C 173 25.21 32.13 -6.96
CA LYS C 173 26.66 31.96 -6.85
C LYS C 173 27.06 30.58 -6.33
N LEU C 174 26.12 29.79 -5.80
CA LEU C 174 26.44 28.50 -5.22
C LEU C 174 26.49 27.42 -6.30
N GLU C 175 27.50 26.54 -6.22
CA GLU C 175 27.69 25.49 -7.23
C GLU C 175 26.52 24.52 -7.22
N LYS C 176 26.04 24.18 -8.42
CA LYS C 176 24.82 23.38 -8.52
C LYS C 176 25.01 21.99 -7.92
N LYS C 177 26.19 21.39 -8.09
CA LYS C 177 26.43 20.06 -7.51
C LYS C 177 26.33 20.10 -5.99
N TYR C 178 26.78 21.19 -5.37
CA TYR C 178 26.69 21.30 -3.92
C TYR C 178 25.24 21.46 -3.47
N LYS C 179 24.42 22.15 -4.28
CA LYS C 179 23.01 22.33 -3.94
C LYS C 179 22.26 21.01 -3.87
N LYS C 180 22.66 20.02 -4.68
CA LYS C 180 22.03 18.69 -4.61
C LYS C 180 22.23 18.08 -3.23
N PHE C 181 23.41 18.27 -2.65
CA PHE C 181 23.66 17.82 -1.28
C PHE C 181 22.80 18.58 -0.27
N LEU C 182 22.70 19.90 -0.41
CA LEU C 182 21.91 20.68 0.53
C LEU C 182 20.43 20.32 0.47
N LEU C 183 19.91 20.10 -0.74
CA LEU C 183 18.50 19.78 -0.89
C LEU C 183 18.12 18.43 -0.28
N GLU C 184 19.07 17.49 -0.17
CA GLU C 184 18.72 16.21 0.43
C GLU C 184 18.80 16.26 1.96
N LYS C 185 19.92 16.74 2.50
CA LYS C 185 20.20 16.62 3.93
C LYS C 185 19.86 17.87 4.73
N TYR C 186 19.57 18.99 4.07
CA TYR C 186 19.24 20.23 4.77
C TYR C 186 17.89 20.78 4.33
N SER C 187 16.99 19.88 3.92
CA SER C 187 15.71 20.28 3.35
C SER C 187 14.83 21.02 4.35
N GLU C 188 15.03 20.79 5.65
CA GLU C 188 14.23 21.45 6.67
C GLU C 188 14.39 22.98 6.63
N VAL C 189 15.49 23.49 6.07
CA VAL C 189 15.65 24.94 5.94
C VAL C 189 16.07 25.38 4.53
N TYR C 190 16.53 24.50 3.64
CA TYR C 190 17.06 24.93 2.35
C TYR C 190 16.16 24.43 1.22
N LYS C 191 15.51 25.35 0.53
CA LYS C 191 14.75 25.07 -0.68
C LYS C 191 14.88 26.26 -1.61
N ASP C 192 14.65 26.02 -2.90
CA ASP C 192 14.42 27.08 -3.87
C ASP C 192 15.51 28.16 -3.82
N LYS C 193 15.15 29.41 -3.53
CA LYS C 193 16.13 30.51 -3.56
C LYS C 193 16.80 30.75 -2.21
N ALA C 194 16.89 29.74 -1.35
CA ALA C 194 17.50 29.89 -0.04
C ALA C 194 19.00 30.16 -0.16
N ASP C 195 19.59 30.58 0.96
CA ASP C 195 21.01 30.90 1.02
C ASP C 195 21.76 29.86 1.85
N LEU C 196 23.07 29.79 1.61
CA LEU C 196 23.91 28.83 2.33
C LEU C 196 23.90 29.10 3.84
N TYR C 197 23.85 30.38 4.24
CA TYR C 197 23.89 30.67 5.67
C TYR C 197 22.65 30.15 6.40
N PHE C 198 21.58 29.80 5.67
CA PHE C 198 20.47 29.09 6.30
C PHE C 198 20.95 27.77 6.90
N CYS C 199 21.74 27.01 6.14
CA CYS C 199 22.17 25.69 6.57
C CYS C 199 23.11 25.75 7.77
N PHE C 200 23.88 26.83 7.92
CA PHE C 200 24.76 26.94 9.08
C PHE C 200 23.96 27.15 10.37
N TYR C 201 22.88 27.94 10.31
CA TYR C 201 21.96 28.03 11.45
C TYR C 201 21.47 26.66 11.88
N LYS C 202 21.03 25.84 10.92
CA LYS C 202 20.51 24.52 11.28
C LYS C 202 21.63 23.65 11.86
N LYS C 203 22.82 23.68 11.25
CA LYS C 203 23.92 22.88 11.76
C LYS C 203 24.32 23.32 13.17
N ILE C 204 24.40 24.64 13.39
CA ILE C 204 24.78 25.17 14.70
C ILE C 204 23.77 24.74 15.75
N ILE C 205 22.48 24.89 15.45
CA ILE C 205 21.44 24.50 16.40
C ILE C 205 21.51 23.01 16.72
N ASP C 206 21.77 22.18 15.69
CA ASP C 206 21.74 20.73 15.87
C ASP C 206 22.88 20.24 16.76
N ILE C 207 24.06 20.85 16.68
CA ILE C 207 25.21 20.39 17.44
C ILE C 207 25.41 21.24 18.71
N LEU C 208 24.39 21.97 19.13
CA LEU C 208 24.44 22.73 20.36
C LEU C 208 23.98 21.85 21.51
N LYS C 209 24.80 21.75 22.56
CA LYS C 209 24.44 20.96 23.71
C LYS C 209 23.23 21.58 24.41
N GLN C 210 22.47 20.75 25.10
CA GLN C 210 21.33 21.24 25.87
C GLN C 210 21.81 22.22 26.93
N GLY C 211 21.15 23.38 27.00
CA GLY C 211 21.55 24.45 27.88
C GLY C 211 22.67 25.35 27.36
N GLY C 212 23.17 25.09 26.14
CA GLY C 212 24.22 25.90 25.57
C GLY C 212 23.67 27.16 24.92
N ILE C 213 24.59 28.05 24.52
CA ILE C 213 24.23 29.33 23.93
C ILE C 213 24.97 29.51 22.62
N GLY C 214 24.25 29.92 21.58
CA GLY C 214 24.86 30.29 20.31
C GLY C 214 24.61 31.75 19.97
N SER C 215 25.56 32.33 19.24
CA SER C 215 25.48 33.74 18.83
C SER C 215 26.22 33.93 17.52
N VAL C 216 25.54 34.43 16.49
CA VAL C 216 26.13 34.56 15.16
C VAL C 216 25.76 35.91 14.57
N ILE C 217 26.51 36.32 13.55
CA ILE C 217 26.14 37.43 12.69
C ILE C 217 25.97 36.89 11.28
N THR C 218 24.79 37.14 10.69
CA THR C 218 24.40 36.65 9.38
C THR C 218 23.72 37.79 8.64
N PRO C 219 23.30 37.63 7.39
CA PRO C 219 22.45 38.66 6.78
C PRO C 219 21.11 38.73 7.51
N ARG C 220 20.49 39.90 7.40
CA ARG C 220 19.21 40.11 8.08
C ARG C 220 18.01 39.56 7.30
N TYR C 221 18.18 39.25 6.01
CA TYR C 221 17.03 39.09 5.12
C TYR C 221 16.13 37.93 5.52
N PHE C 222 16.67 36.90 6.16
CA PHE C 222 15.84 35.75 6.52
C PHE C 222 14.75 36.11 7.54
N LEU C 223 14.86 37.27 8.20
CA LEU C 223 13.83 37.67 9.16
C LEU C 223 12.50 37.96 8.48
N GLU C 224 12.53 38.39 7.21
CA GLU C 224 11.31 38.77 6.50
C GLU C 224 11.11 38.02 5.18
N SER C 225 12.15 37.44 4.60
CA SER C 225 12.06 36.95 3.23
C SER C 225 11.16 35.72 3.15
N LEU C 226 10.63 35.50 1.94
CA LEU C 226 9.86 34.29 1.67
C LEU C 226 10.72 33.03 1.80
N SER C 227 11.97 33.10 1.36
CA SER C 227 12.85 31.94 1.44
C SER C 227 13.14 31.55 2.88
N GLY C 228 13.09 32.51 3.80
CA GLY C 228 13.40 32.22 5.18
C GLY C 228 12.28 31.62 5.99
N LYS C 229 11.11 31.35 5.39
CA LYS C 229 9.96 30.88 6.17
C LYS C 229 10.28 29.60 6.93
N ASP C 230 10.84 28.61 6.25
CA ASP C 230 11.16 27.34 6.90
C ASP C 230 12.25 27.51 7.95
N LEU C 231 13.23 28.39 7.71
CA LEU C 231 14.29 28.62 8.69
C LEU C 231 13.74 29.25 9.96
N ARG C 232 12.87 30.25 9.84
CA ARG C 232 12.26 30.85 11.02
C ARG C 232 11.47 29.83 11.81
N GLU C 233 10.68 29.00 11.12
CA GLU C 233 9.96 27.92 11.79
C GLU C 233 10.94 26.97 12.47
N TYR C 234 12.07 26.67 11.81
CA TYR C 234 13.06 25.81 12.43
C TYR C 234 13.69 26.48 13.65
N ILE C 235 14.06 27.76 13.53
CA ILE C 235 14.67 28.47 14.65
C ILE C 235 13.68 28.59 15.81
N LYS C 236 12.46 29.05 15.50
CA LYS C 236 11.46 29.29 16.53
C LYS C 236 11.17 28.02 17.34
N SER C 237 11.24 26.85 16.70
CA SER C 237 10.79 25.61 17.32
C SER C 237 11.91 24.83 18.00
N ASN C 238 13.17 25.26 17.91
CA ASN C 238 14.28 24.48 18.44
C ASN C 238 15.15 25.22 19.45
N VAL C 239 15.15 26.55 19.46
CA VAL C 239 15.90 27.30 20.45
C VAL C 239 15.01 28.39 21.02
N ASN C 240 15.43 28.94 22.15
CA ASN C 240 14.86 30.16 22.67
C ASN C 240 15.68 31.31 22.12
N VAL C 241 15.02 32.19 21.35
CA VAL C 241 15.71 33.37 20.82
C VAL C 241 15.84 34.37 21.96
N GLN C 242 17.08 34.62 22.39
CA GLN C 242 17.33 35.58 23.45
C GLN C 242 17.22 37.01 22.94
N GLU C 243 17.86 37.31 21.81
CA GLU C 243 18.07 38.69 21.41
C GLU C 243 18.30 38.77 19.89
N ILE C 244 17.75 39.80 19.27
CA ILE C 244 17.99 40.08 17.86
C ILE C 244 18.47 41.52 17.75
N VAL C 245 19.66 41.70 17.21
CA VAL C 245 20.18 43.03 16.89
C VAL C 245 20.06 43.21 15.38
N ASP C 246 19.19 44.11 14.95
CA ASP C 246 18.92 44.34 13.52
C ASP C 246 19.52 45.68 13.13
N PHE C 247 20.53 45.64 12.26
CA PHE C 247 21.17 46.86 11.78
C PHE C 247 20.47 47.45 10.57
N LEU C 248 19.36 46.87 10.13
CA LEU C 248 18.56 47.33 8.99
C LEU C 248 19.52 47.59 7.83
N GLY C 249 19.44 48.72 7.14
CA GLY C 249 20.25 48.93 5.97
C GLY C 249 21.64 49.44 6.23
N ALA C 250 22.08 49.49 7.48
CA ALA C 250 23.39 50.01 7.83
C ALA C 250 24.49 49.12 7.25
N ASN C 251 25.62 49.74 6.92
CA ASN C 251 26.75 49.08 6.27
C ASN C 251 27.78 48.68 7.33
N ILE C 252 27.69 47.43 7.79
CA ILE C 252 28.59 46.93 8.83
C ILE C 252 29.94 46.50 8.24
N PHE C 253 29.91 45.86 7.07
CA PHE C 253 31.13 45.40 6.40
C PHE C 253 31.54 46.38 5.31
N LYS C 254 32.69 47.01 5.48
CA LYS C 254 33.16 48.03 4.54
C LYS C 254 33.35 47.44 3.14
N ASN C 255 32.82 48.14 2.14
CA ASN C 255 32.91 47.73 0.73
C ASN C 255 32.24 46.38 0.48
N ILE C 256 31.24 46.05 1.29
CA ILE C 256 30.41 44.86 1.11
C ILE C 256 28.95 45.31 1.05
N GLY C 257 28.23 44.87 0.04
CA GLY C 257 26.82 45.19 -0.06
C GLY C 257 25.91 44.18 0.61
N VAL C 258 25.95 44.10 1.94
CA VAL C 258 25.10 43.21 2.70
C VAL C 258 24.61 43.94 3.95
N SER C 259 23.43 43.55 4.42
CA SER C 259 22.83 44.10 5.63
C SER C 259 22.69 43.00 6.67
N SER C 260 23.11 43.29 7.90
CA SER C 260 23.46 42.26 8.87
C SER C 260 22.56 42.28 10.11
N CYS C 261 22.55 41.15 10.82
CA CYS C 261 21.93 41.07 12.13
C CYS C 261 22.70 40.10 13.00
N ILE C 262 22.48 40.19 14.30
CA ILE C 262 23.10 39.31 15.30
C ILE C 262 21.99 38.54 16.01
N LEU C 263 22.05 37.20 15.94
CA LEU C 263 21.10 36.33 16.62
C LEU C 263 21.78 35.63 17.79
N THR C 264 21.19 35.74 18.97
CA THR C 264 21.67 35.03 20.15
C THR C 264 20.54 34.14 20.67
N PHE C 265 20.84 32.87 20.90
CA PHE C 265 19.80 31.90 21.24
C PHE C 265 20.38 30.83 22.16
N ASP C 266 19.49 30.13 22.86
CA ASP C 266 19.90 29.10 23.79
C ASP C 266 18.96 27.91 23.70
N LYS C 267 19.36 26.82 24.35
CA LYS C 267 18.53 25.64 24.58
C LYS C 267 18.33 25.42 26.08
N LYS C 268 18.14 26.52 26.80
CA LYS C 268 17.91 26.50 28.24
C LYS C 268 16.46 26.14 28.55
N LYS C 269 16.21 25.79 29.81
CA LYS C 269 14.86 25.47 30.28
C LYS C 269 13.98 26.70 30.15
N THR C 270 13.07 26.67 29.16
CA THR C 270 12.26 27.82 28.78
C THR C 270 11.75 28.59 30.00
N LYS C 271 11.85 29.91 29.90
CA LYS C 271 11.48 30.94 30.85
C LYS C 271 10.31 31.73 30.28
N GLU C 272 10.09 32.95 30.81
CA GLU C 272 9.04 33.79 30.28
C GLU C 272 9.24 34.03 28.79
N THR C 273 10.46 33.80 28.30
CA THR C 273 10.87 33.83 26.90
C THR C 273 10.31 35.03 26.14
N TYR C 274 10.77 36.21 26.52
CA TYR C 274 10.59 37.40 25.72
C TYR C 274 11.88 37.66 24.97
N ILE C 275 11.76 38.07 23.72
CA ILE C 275 12.91 38.31 22.86
C ILE C 275 13.28 39.79 22.97
N ASP C 276 14.55 40.07 23.20
CA ASP C 276 15.05 41.43 23.20
C ASP C 276 15.37 41.80 21.75
N VAL C 277 14.65 42.75 21.20
CA VAL C 277 14.82 43.17 19.81
C VAL C 277 15.38 44.58 19.79
N PHE C 278 16.51 44.75 19.09
CA PHE C 278 17.16 46.04 18.90
C PHE C 278 17.14 46.41 17.42
N LYS C 279 16.32 47.39 17.05
CA LYS C 279 16.24 47.87 15.67
C LYS C 279 16.94 49.22 15.62
N ILE C 280 17.84 49.38 14.65
CA ILE C 280 18.60 50.62 14.55
C ILE C 280 17.69 51.75 14.08
N LYS C 281 17.89 52.93 14.65
CA LYS C 281 17.09 54.09 14.30
C LYS C 281 17.65 54.86 13.12
N ASN C 282 18.98 54.93 13.00
CA ASN C 282 19.64 55.64 11.92
C ASN C 282 20.61 54.71 11.19
N GLU C 283 20.39 54.54 9.89
CA GLU C 283 21.19 53.61 9.11
C GLU C 283 22.54 54.18 8.70
N ASP C 284 22.77 55.47 8.93
CA ASP C 284 23.97 56.14 8.45
C ASP C 284 25.15 56.01 9.40
N ILE C 285 25.03 55.22 10.47
CA ILE C 285 26.10 55.16 11.46
C ILE C 285 27.30 54.40 10.92
N CYS C 286 28.49 54.95 11.15
CA CYS C 286 29.72 54.24 10.86
C CYS C 286 30.05 53.36 12.07
N ILE C 287 30.36 52.08 11.82
CA ILE C 287 30.49 51.16 12.94
C ILE C 287 31.79 51.31 13.71
N ASN C 288 32.86 51.85 13.11
CA ASN C 288 34.12 51.90 13.83
C ASN C 288 34.28 53.22 14.58
N LYS C 289 33.22 54.01 14.61
CA LYS C 289 33.17 55.24 15.39
C LYS C 289 33.02 54.96 16.88
N PHE C 290 32.61 53.75 17.25
CA PHE C 290 32.27 53.44 18.64
C PHE C 290 33.19 52.39 19.24
N GLU C 291 33.46 52.56 20.55
CA GLU C 291 34.36 51.64 21.25
C GLU C 291 33.73 50.28 21.49
N THR C 292 32.42 50.25 21.76
CA THR C 292 31.71 49.02 22.10
C THR C 292 30.34 48.99 21.44
N LEU C 293 29.86 47.79 21.13
CA LEU C 293 28.52 47.68 20.58
C LEU C 293 27.46 48.05 21.62
N GLU C 294 27.73 47.77 22.89
CA GLU C 294 26.76 48.11 23.94
C GLU C 294 26.53 49.61 24.06
N GLU C 295 27.55 50.42 23.83
CA GLU C 295 27.35 51.87 23.84
C GLU C 295 26.29 52.26 22.84
N LEU C 296 26.27 51.58 21.69
CA LEU C 296 25.26 51.81 20.67
C LEU C 296 23.87 51.36 21.11
N LEU C 297 23.77 50.14 21.67
CA LEU C 297 22.46 49.57 21.96
C LEU C 297 21.70 50.33 23.05
N LYS C 298 22.38 50.71 24.14
CA LYS C 298 21.71 51.46 25.20
C LYS C 298 21.59 52.94 24.90
N SER C 299 22.11 53.39 23.76
CA SER C 299 21.98 54.78 23.36
C SER C 299 20.61 54.97 22.69
N SER C 300 20.35 56.23 22.31
CA SER C 300 19.15 56.59 21.57
C SER C 300 19.18 56.14 20.12
N LYS C 301 20.29 55.58 19.65
CA LYS C 301 20.44 55.14 18.26
C LYS C 301 19.76 53.82 17.97
N PHE C 302 19.24 53.13 18.99
CA PHE C 302 18.55 51.87 18.83
C PHE C 302 17.26 51.90 19.63
N GLU C 303 16.21 51.35 19.05
CA GLU C 303 14.96 51.13 19.76
C GLU C 303 14.96 49.71 20.31
N HIS C 304 14.40 49.55 21.51
CA HIS C 304 14.24 48.23 22.10
C HIS C 304 12.76 47.96 22.38
N PHE C 305 12.34 46.72 22.13
CA PHE C 305 11.02 46.26 22.52
C PHE C 305 11.05 44.75 22.64
N ASN C 306 9.98 44.19 23.21
CA ASN C 306 9.89 42.76 23.48
C ASN C 306 8.91 42.08 22.54
N ILE C 307 9.25 40.85 22.16
CA ILE C 307 8.38 40.01 21.35
C ILE C 307 8.23 38.67 22.07
N ASN C 308 6.99 38.22 22.23
CA ASN C 308 6.75 36.91 22.82
C ASN C 308 7.02 35.85 21.75
N GLN C 309 7.99 34.97 22.00
CA GLN C 309 8.35 33.97 21.00
C GLN C 309 7.21 32.98 20.74
N ARG C 310 6.42 32.68 21.77
CA ARG C 310 5.29 31.77 21.62
C ARG C 310 4.25 32.30 20.64
N LEU C 311 4.20 33.62 20.41
CA LEU C 311 3.21 34.23 19.54
C LEU C 311 3.67 34.45 18.11
N LEU C 312 4.87 33.99 17.74
CA LEU C 312 5.32 34.14 16.36
C LEU C 312 4.61 33.13 15.46
N SER C 313 4.06 33.63 14.36
CA SER C 313 3.50 32.80 13.30
C SER C 313 4.64 32.41 12.36
N ASP C 314 4.30 31.94 11.17
CA ASP C 314 5.33 31.71 10.15
C ASP C 314 6.03 33.00 9.74
N GLU C 315 5.39 34.15 9.92
CA GLU C 315 6.02 35.45 9.71
C GLU C 315 6.38 36.08 11.06
N TRP C 316 7.55 36.71 11.13
CA TRP C 316 8.04 37.33 12.36
C TRP C 316 7.80 38.83 12.29
N ILE C 317 6.80 39.29 13.04
CA ILE C 317 6.42 40.71 13.04
C ILE C 317 7.16 41.35 14.21
N LEU C 318 8.34 41.90 13.93
CA LEU C 318 9.19 42.47 14.97
C LEU C 318 8.96 43.97 15.03
N VAL C 319 7.90 44.37 15.73
CA VAL C 319 7.52 45.78 15.82
C VAL C 319 7.06 46.07 17.25
N ASN C 320 7.07 47.36 17.58
CA ASN C 320 6.64 47.78 18.91
C ASN C 320 5.12 47.70 18.99
N LYS C 321 4.59 47.97 20.19
CA LYS C 321 3.17 47.77 20.44
C LYS C 321 2.30 48.66 19.55
N ASP C 322 2.73 49.92 19.35
CA ASP C 322 1.95 50.83 18.50
C ASP C 322 1.83 50.31 17.08
N ASP C 323 2.95 49.87 16.49
CA ASP C 323 2.93 49.38 15.13
C ASP C 323 2.11 48.12 15.00
N GLU C 324 2.19 47.23 16.00
CA GLU C 324 1.41 46.00 15.97
C GLU C 324 -0.08 46.30 15.94
N THR C 325 -0.53 47.23 16.78
CA THR C 325 -1.95 47.63 16.79
C THR C 325 -2.36 48.25 15.47
N PHE C 326 -1.53 49.16 14.94
CA PHE C 326 -1.79 49.79 13.65
C PHE C 326 -1.94 48.76 12.55
N TYR C 327 -0.98 47.84 12.46
CA TYR C 327 -1.00 46.80 11.44
C TYR C 327 -2.25 45.92 11.58
N ASN C 328 -2.58 45.51 12.80
CA ASN C 328 -3.71 44.61 13.00
C ASN C 328 -5.04 45.29 12.65
N LYS C 329 -5.18 46.59 12.98
CA LYS C 329 -6.41 47.30 12.63
C LYS C 329 -6.66 47.24 11.12
N ILE C 330 -5.64 47.55 10.32
CA ILE C 330 -5.79 47.58 8.88
C ILE C 330 -6.12 46.19 8.35
N GLN C 331 -5.44 45.16 8.88
CA GLN C 331 -5.68 43.79 8.43
C GLN C 331 -7.12 43.37 8.68
N GLU C 332 -7.67 43.67 9.86
CA GLU C 332 -9.03 43.26 10.15
C GLU C 332 -10.05 44.07 9.35
N LYS C 333 -9.80 45.36 9.12
CA LYS C 333 -10.77 46.21 8.43
C LYS C 333 -10.91 45.84 6.97
N CYS C 334 -9.79 45.54 6.31
CA CYS C 334 -9.79 45.35 4.86
C CYS C 334 -10.34 43.98 4.51
N LYS C 335 -11.30 43.94 3.59
CA LYS C 335 -11.91 42.68 3.16
C LYS C 335 -11.22 42.05 1.97
N TYR C 336 -10.33 42.77 1.28
CA TYR C 336 -9.69 42.32 0.06
C TYR C 336 -8.17 42.43 0.19
N SER C 337 -7.49 41.66 -0.65
CA SER C 337 -6.06 41.83 -0.88
C SER C 337 -5.84 42.14 -2.35
N LEU C 338 -4.68 42.71 -2.66
CA LEU C 338 -4.36 42.96 -4.06
C LEU C 338 -4.42 41.67 -4.87
N GLU C 339 -3.92 40.58 -4.30
CA GLU C 339 -3.94 39.28 -4.96
C GLU C 339 -5.37 38.88 -5.32
N ASP C 340 -6.35 39.23 -4.49
CA ASP C 340 -7.74 38.91 -4.78
C ASP C 340 -8.23 39.60 -6.06
N ILE C 341 -7.82 40.85 -6.27
CA ILE C 341 -8.44 41.68 -7.29
C ILE C 341 -7.56 41.94 -8.51
N ALA C 342 -6.29 41.54 -8.49
CA ALA C 342 -5.36 41.94 -9.53
C ALA C 342 -4.56 40.75 -10.04
N ILE C 343 -4.13 40.86 -11.29
CA ILE C 343 -3.20 39.92 -11.91
C ILE C 343 -1.82 40.55 -11.87
N SER C 344 -0.85 39.88 -11.26
CA SER C 344 0.50 40.42 -11.11
C SER C 344 1.47 39.66 -12.00
N PHE C 345 2.53 40.36 -12.44
CA PHE C 345 3.53 39.70 -13.25
C PHE C 345 4.84 40.48 -13.21
N GLN C 346 5.94 39.73 -13.31
CA GLN C 346 7.28 40.27 -13.43
C GLN C 346 7.52 40.76 -14.87
N GLY C 347 8.47 41.67 -15.02
CA GLY C 347 8.77 42.25 -16.30
C GLY C 347 9.51 41.31 -17.24
N ILE C 348 9.84 41.85 -18.42
CA ILE C 348 10.63 41.12 -19.40
C ILE C 348 11.98 40.79 -18.80
N ILE C 349 12.45 39.57 -19.04
CA ILE C 349 13.83 39.21 -18.75
C ILE C 349 14.46 38.79 -20.07
N THR C 350 15.21 39.71 -20.70
CA THR C 350 15.81 39.41 -21.99
C THR C 350 16.89 38.35 -21.85
N GLY C 351 17.64 38.37 -20.74
CA GLY C 351 18.80 37.53 -20.56
C GLY C 351 20.10 38.17 -20.99
N CYS C 352 20.01 39.22 -21.82
CA CYS C 352 21.17 40.04 -22.15
C CYS C 352 20.64 41.39 -22.64
N ASP C 353 20.56 42.38 -21.74
CA ASP C 353 19.91 43.64 -22.11
C ASP C 353 20.65 44.35 -23.23
N LYS C 354 21.98 44.29 -23.22
CA LYS C 354 22.78 45.02 -24.20
C LYS C 354 22.47 44.55 -25.62
N ALA C 355 21.86 43.38 -25.77
CA ALA C 355 21.49 42.85 -27.07
C ALA C 355 20.14 43.33 -27.57
N PHE C 356 19.25 43.78 -26.69
CA PHE C 356 17.87 44.07 -27.05
C PHE C 356 17.40 45.48 -26.73
N ILE C 357 18.12 46.22 -25.88
CA ILE C 357 17.69 47.54 -25.42
C ILE C 357 18.55 48.61 -26.08
N LEU C 358 17.91 49.60 -26.69
CA LEU C 358 18.62 50.70 -27.31
C LEU C 358 18.06 52.03 -26.81
N SER C 359 18.94 53.03 -26.73
CA SER C 359 18.49 54.39 -26.49
C SER C 359 17.58 54.84 -27.63
N LYS C 360 16.50 55.54 -27.30
CA LYS C 360 15.56 55.89 -28.37
C LYS C 360 16.16 56.83 -29.39
N ASP C 361 17.27 57.50 -29.04
CA ASP C 361 18.02 58.33 -29.97
C ASP C 361 19.14 57.58 -30.69
N ASP C 362 19.29 56.27 -30.46
CA ASP C 362 20.33 55.50 -31.15
C ASP C 362 19.97 55.36 -32.62
N VAL C 363 20.95 55.59 -33.49
CA VAL C 363 20.71 55.52 -34.94
C VAL C 363 20.48 54.08 -35.40
N LYS C 364 20.95 53.09 -34.64
CA LYS C 364 20.76 51.70 -35.04
C LYS C 364 19.29 51.29 -35.05
N LEU C 365 18.42 52.09 -34.42
CA LEU C 365 16.98 51.82 -34.50
C LEU C 365 16.45 51.95 -35.92
N ASN C 366 17.20 52.59 -36.83
CA ASN C 366 16.74 52.66 -38.21
C ASN C 366 16.73 51.30 -38.89
N LEU C 367 17.45 50.33 -38.33
CA LEU C 367 17.43 48.96 -38.85
C LEU C 367 16.20 48.18 -38.41
N VAL C 368 15.51 48.63 -37.36
CA VAL C 368 14.43 47.86 -36.74
C VAL C 368 13.09 48.46 -37.15
N ASP C 369 12.25 47.66 -37.80
CA ASP C 369 10.89 48.07 -38.09
C ASP C 369 10.15 48.45 -36.81
N ASP C 370 9.33 49.49 -36.88
CA ASP C 370 8.70 50.01 -35.67
C ASP C 370 7.77 49.00 -35.02
N LYS C 371 7.26 48.01 -35.77
CA LYS C 371 6.37 47.02 -35.17
C LYS C 371 7.08 46.16 -34.12
N PHE C 372 8.40 46.07 -34.18
CA PHE C 372 9.17 45.29 -33.21
C PHE C 372 9.54 46.07 -31.96
N LEU C 373 9.34 47.39 -31.96
CA LEU C 373 9.90 48.25 -30.93
C LEU C 373 8.84 48.55 -29.88
N LYS C 374 9.23 48.40 -28.62
CA LYS C 374 8.40 48.70 -27.46
C LYS C 374 9.10 49.74 -26.59
N CYS C 375 8.31 50.54 -25.88
CA CYS C 375 8.87 51.45 -24.90
C CYS C 375 9.41 50.69 -23.69
N TRP C 376 10.53 51.17 -23.16
CA TRP C 376 11.26 50.49 -22.10
C TRP C 376 11.51 51.47 -20.97
N ILE C 377 11.10 51.11 -19.76
CA ILE C 377 11.34 51.98 -18.61
C ILE C 377 12.14 51.20 -17.58
N LYS C 378 12.83 51.95 -16.74
CA LYS C 378 13.58 51.42 -15.62
C LYS C 378 12.91 51.83 -14.32
N SER C 379 13.37 51.24 -13.21
CA SER C 379 12.80 51.56 -11.91
C SER C 379 12.88 53.06 -11.63
N LYS C 380 13.92 53.71 -12.13
CA LYS C 380 14.14 55.13 -11.92
C LYS C 380 13.00 55.98 -12.50
N ASN C 381 12.24 55.44 -13.44
CA ASN C 381 11.18 56.18 -14.12
C ASN C 381 9.85 56.21 -13.38
N ILE C 382 9.69 55.41 -12.33
CA ILE C 382 8.41 55.32 -11.63
C ILE C 382 8.36 56.40 -10.55
N ASN C 383 7.33 57.24 -10.60
CA ASN C 383 6.99 58.15 -9.52
C ASN C 383 5.66 57.73 -8.89
N LYS C 384 5.22 58.44 -7.86
CA LYS C 384 3.85 58.29 -7.41
C LYS C 384 2.89 58.74 -8.50
N TYR C 385 1.98 57.85 -8.87
CA TYR C 385 0.86 58.04 -9.80
C TYR C 385 1.19 58.08 -11.29
N ILE C 386 2.44 58.36 -11.70
CA ILE C 386 2.74 58.54 -13.12
C ILE C 386 4.15 58.09 -13.44
N VAL C 387 4.38 57.73 -14.70
CA VAL C 387 5.64 57.21 -15.19
C VAL C 387 6.35 58.28 -16.03
N ASP C 388 7.65 58.43 -15.81
CA ASP C 388 8.43 59.30 -16.66
C ASP C 388 8.38 58.79 -18.10
N LYS C 389 8.47 59.72 -19.06
CA LYS C 389 8.57 59.31 -20.46
C LYS C 389 9.77 58.38 -20.62
N SER C 390 9.59 57.33 -21.42
CA SER C 390 10.63 56.33 -21.59
C SER C 390 11.76 56.86 -22.46
N GLU C 391 12.98 56.45 -22.13
CA GLU C 391 14.18 56.87 -22.86
C GLU C 391 14.84 55.74 -23.62
N TYR C 392 14.28 54.52 -23.56
CA TYR C 392 14.88 53.35 -24.18
C TYR C 392 13.82 52.61 -24.98
N ARG C 393 14.27 51.79 -25.91
CA ARG C 393 13.41 50.94 -26.71
C ARG C 393 13.85 49.48 -26.59
N LEU C 394 12.87 48.59 -26.51
CA LEU C 394 13.11 47.15 -26.48
C LEU C 394 12.83 46.57 -27.86
N ILE C 395 13.76 45.75 -28.35
CA ILE C 395 13.55 44.96 -29.56
C ILE C 395 12.87 43.65 -29.15
N TYR C 396 11.58 43.55 -29.42
CA TYR C 396 10.82 42.36 -29.04
C TYR C 396 11.08 41.27 -30.08
N SER C 397 12.26 40.65 -29.95
CA SER C 397 12.76 39.79 -31.03
C SER C 397 11.92 38.53 -31.22
N ASN C 398 11.10 38.16 -30.23
CA ASN C 398 10.23 37.01 -30.41
C ASN C 398 9.29 37.15 -31.60
N ASP C 399 8.98 38.38 -32.02
CA ASP C 399 8.09 38.58 -33.15
C ASP C 399 8.78 38.44 -34.50
N ILE C 400 10.09 38.23 -34.49
CA ILE C 400 10.84 37.87 -35.70
C ILE C 400 10.70 36.36 -35.91
N ASP C 401 10.07 35.96 -37.00
CA ASP C 401 9.65 34.56 -37.14
C ASP C 401 10.85 33.62 -37.29
N ASN C 402 11.78 33.94 -38.19
CA ASN C 402 12.96 33.11 -38.43
C ASN C 402 14.15 34.00 -38.75
N GLU C 403 15.34 33.39 -38.79
CA GLU C 403 16.59 34.11 -38.96
C GLU C 403 16.75 34.72 -40.36
N ASN C 404 15.93 34.31 -41.33
CA ASN C 404 16.12 34.73 -42.71
C ASN C 404 15.27 35.92 -43.13
N THR C 405 14.13 36.18 -42.47
CA THR C 405 13.27 37.27 -42.92
C THR C 405 13.81 38.66 -42.53
N ASN C 406 14.35 38.80 -41.31
CA ASN C 406 14.86 40.08 -40.83
C ASN C 406 16.33 40.00 -40.44
N LYS C 407 17.15 39.38 -41.29
CA LYS C 407 18.53 39.04 -40.91
C LYS C 407 19.32 40.25 -40.43
N ARG C 408 19.04 41.43 -40.99
CA ARG C 408 19.84 42.62 -40.68
C ARG C 408 19.75 42.97 -39.19
N ILE C 409 18.58 42.82 -38.58
CA ILE C 409 18.46 43.08 -37.15
C ILE C 409 19.34 42.10 -36.37
N LEU C 410 19.29 40.82 -36.74
CA LEU C 410 20.06 39.80 -36.03
C LEU C 410 21.55 39.99 -36.22
N ASP C 411 21.96 40.40 -37.41
CA ASP C 411 23.38 40.49 -37.71
C ASP C 411 24.03 41.67 -37.01
N GLU C 412 23.34 42.81 -36.95
CA GLU C 412 24.00 44.06 -36.56
C GLU C 412 23.68 44.52 -35.14
N ILE C 413 22.64 44.00 -34.51
CA ILE C 413 22.28 44.42 -33.16
C ILE C 413 22.36 43.26 -32.19
N ILE C 414 21.49 42.27 -32.39
CA ILE C 414 21.37 41.18 -31.42
C ILE C 414 22.61 40.28 -31.47
N GLY C 415 23.09 39.96 -32.67
CA GLY C 415 24.20 39.04 -32.84
C GLY C 415 25.51 39.51 -32.25
N LEU C 416 25.61 40.80 -31.91
CA LEU C 416 26.83 41.29 -31.26
C LEU C 416 27.07 40.60 -29.93
N TYR C 417 26.04 39.97 -29.36
CA TYR C 417 26.13 39.25 -28.10
C TYR C 417 25.69 37.80 -28.28
N LYS C 418 25.84 37.26 -29.50
CA LYS C 418 25.34 35.92 -29.80
C LYS C 418 25.96 34.87 -28.89
N THR C 419 27.27 34.97 -28.65
CA THR C 419 27.92 33.99 -27.79
C THR C 419 27.30 33.99 -26.40
N LYS C 420 27.11 35.18 -25.82
CA LYS C 420 26.49 35.28 -24.51
C LYS C 420 25.06 34.76 -24.55
N LEU C 421 24.33 35.07 -25.62
CA LEU C 421 22.94 34.62 -25.76
C LEU C 421 22.85 33.11 -25.85
N GLU C 422 23.80 32.48 -26.54
CA GLU C 422 23.75 31.04 -26.70
C GLU C 422 24.05 30.31 -25.40
N ASN C 423 24.60 30.99 -24.40
CA ASN C 423 24.88 30.35 -23.13
C ASN C 423 23.68 30.39 -22.19
N ARG C 424 22.62 31.09 -22.56
CA ARG C 424 21.42 31.08 -21.73
C ARG C 424 20.82 29.69 -21.69
N ARG C 425 20.21 29.35 -20.55
CA ARG C 425 19.80 27.97 -20.30
C ARG C 425 18.86 27.45 -21.37
N GLU C 426 17.83 28.23 -21.71
CA GLU C 426 16.82 27.73 -22.61
C GLU C 426 17.32 27.66 -24.05
N CYS C 427 18.41 28.35 -24.36
CA CYS C 427 19.07 28.15 -25.64
C CYS C 427 19.89 26.88 -25.66
N LYS C 428 20.57 26.55 -24.56
CA LYS C 428 21.36 25.33 -24.53
C LYS C 428 20.46 24.09 -24.60
N SER C 429 19.23 24.17 -24.11
CA SER C 429 18.31 23.05 -24.17
C SER C 429 17.51 23.02 -25.45
N GLY C 430 17.60 24.05 -26.28
CA GLY C 430 16.97 24.08 -27.59
C GLY C 430 15.55 24.62 -27.65
N ILE C 431 14.94 24.98 -26.52
CA ILE C 431 13.56 25.47 -26.59
C ILE C 431 13.49 26.93 -26.98
N ARG C 432 14.57 27.69 -26.81
CA ARG C 432 14.62 29.11 -27.12
C ARG C 432 15.65 29.32 -28.23
N LYS C 433 15.27 30.08 -29.26
CA LYS C 433 16.23 30.45 -30.30
C LYS C 433 17.22 31.46 -29.74
N TRP C 434 18.41 31.52 -30.34
CA TRP C 434 19.48 32.34 -29.75
C TRP C 434 19.12 33.81 -29.73
N TYR C 435 18.35 34.28 -30.71
CA TYR C 435 18.04 35.70 -30.83
C TYR C 435 16.76 36.09 -30.11
N GLU C 436 16.08 35.14 -29.49
CA GLU C 436 14.83 35.41 -28.80
C GLU C 436 15.09 35.90 -27.38
N LEU C 437 14.11 36.62 -26.83
CA LEU C 437 14.13 37.01 -25.42
C LEU C 437 14.00 35.78 -24.53
N GLN C 438 14.81 35.73 -23.47
CA GLN C 438 14.82 34.53 -22.63
C GLN C 438 13.46 34.31 -21.98
N TRP C 439 12.87 35.35 -21.39
CA TRP C 439 11.52 35.30 -20.83
C TRP C 439 10.75 36.50 -21.39
N GLY C 440 10.16 36.31 -22.57
CA GLY C 440 9.48 37.41 -23.26
C GLY C 440 8.08 37.70 -22.79
N ARG C 441 7.55 36.89 -21.88
CA ARG C 441 6.23 37.11 -21.26
C ARG C 441 5.17 37.18 -22.36
N GLU C 442 4.12 37.96 -22.13
CA GLU C 442 3.00 38.10 -23.07
C GLU C 442 2.79 39.57 -23.34
N LYS C 443 2.90 39.97 -24.63
CA LYS C 443 2.73 41.38 -24.99
C LYS C 443 1.40 41.91 -24.48
N LEU C 444 0.34 41.09 -24.57
CA LEU C 444 -0.99 41.52 -24.16
C LEU C 444 -1.05 41.93 -22.70
N PHE C 445 -0.13 41.44 -21.87
CA PHE C 445 -0.14 41.90 -20.49
C PHE C 445 0.44 43.29 -20.33
N PHE C 446 1.43 43.66 -21.13
CA PHE C 446 2.03 44.99 -20.98
C PHE C 446 1.27 46.06 -21.76
N GLU C 447 0.70 45.70 -22.92
CA GLU C 447 0.08 46.68 -23.81
C GLU C 447 -1.39 46.87 -23.41
N ARG C 448 -1.55 47.42 -22.22
CA ARG C 448 -2.85 47.73 -21.64
C ARG C 448 -2.65 48.72 -20.50
N LYS C 449 -3.74 49.35 -20.09
CA LYS C 449 -3.69 50.17 -18.89
C LYS C 449 -3.36 49.30 -17.70
N LYS C 450 -2.40 49.74 -16.89
CA LYS C 450 -1.95 48.94 -15.75
C LYS C 450 -1.21 49.84 -14.76
N ILE C 451 -0.86 49.25 -13.63
CA ILE C 451 -0.11 49.91 -12.58
C ILE C 451 1.30 49.32 -12.51
N MET C 452 2.29 50.19 -12.40
CA MET C 452 3.69 49.77 -12.32
C MET C 452 4.35 50.37 -11.10
N TYR C 453 5.28 49.62 -10.50
CA TYR C 453 6.03 50.10 -9.35
C TYR C 453 7.44 49.53 -9.37
N PRO C 454 8.43 50.26 -8.83
CA PRO C 454 9.81 49.76 -8.84
C PRO C 454 10.00 48.56 -7.92
N TYR C 455 10.97 47.70 -8.28
CA TYR C 455 11.17 46.49 -7.48
C TYR C 455 11.95 46.77 -6.21
N LYS C 456 12.67 47.89 -6.17
CA LYS C 456 13.39 48.32 -4.98
C LYS C 456 13.26 49.83 -4.87
N SER C 457 12.80 50.31 -3.72
CA SER C 457 12.50 51.73 -3.57
C SER C 457 12.56 52.09 -2.09
N ASN C 458 12.61 53.38 -1.84
CA ASN C 458 12.59 53.94 -0.49
C ASN C 458 11.17 54.15 0.04
N GLU C 459 10.16 54.11 -0.84
CA GLU C 459 8.80 54.47 -0.48
C GLU C 459 7.86 53.84 -1.49
N ASN C 460 6.58 53.82 -1.15
CA ASN C 460 5.57 53.35 -2.11
C ASN C 460 5.54 54.28 -3.31
N ARG C 461 5.77 53.71 -4.49
CA ARG C 461 5.70 54.46 -5.74
C ARG C 461 4.92 53.59 -6.73
N PHE C 462 3.60 53.73 -6.73
CA PHE C 462 2.72 53.01 -7.65
C PHE C 462 2.18 54.00 -8.66
N ALA C 463 2.42 53.72 -9.94
CA ALA C 463 2.04 54.64 -11.01
C ALA C 463 1.11 53.94 -11.99
N ILE C 464 0.20 54.71 -12.58
CA ILE C 464 -0.62 54.21 -13.68
C ILE C 464 0.18 54.39 -14.97
N ASP C 465 0.38 53.29 -15.69
CA ASP C 465 1.01 53.37 -16.99
C ASP C 465 -0.06 53.55 -18.06
N TYR C 466 0.03 54.65 -18.81
CA TYR C 466 -0.88 54.90 -19.92
C TYR C 466 -0.28 54.57 -21.28
N ASP C 467 1.01 54.24 -21.34
CA ASP C 467 1.77 54.26 -22.58
C ASP C 467 2.28 52.88 -22.99
N ASN C 468 1.67 51.81 -22.48
CA ASN C 468 2.08 50.44 -22.84
C ASN C 468 3.58 50.23 -22.63
N ASN C 469 4.06 50.67 -21.47
CA ASN C 469 5.49 50.56 -21.18
C ASN C 469 5.87 49.12 -20.88
N PHE C 470 6.94 48.64 -21.51
CA PHE C 470 7.58 47.40 -21.09
C PHE C 470 8.71 47.74 -20.13
N SER C 471 9.17 46.72 -19.40
CA SER C 471 10.22 46.92 -18.42
C SER C 471 10.89 45.60 -18.14
N SER C 472 12.08 45.68 -17.55
CA SER C 472 12.77 44.48 -17.08
C SER C 472 12.20 44.10 -15.71
N ALA C 473 12.91 43.23 -14.99
CA ALA C 473 12.42 42.75 -13.70
C ALA C 473 12.61 43.77 -12.59
N ASP C 474 13.19 44.93 -12.87
CA ASP C 474 13.30 46.01 -11.89
C ASP C 474 12.00 46.79 -11.72
N VAL C 475 10.98 46.48 -12.51
CA VAL C 475 9.68 47.12 -12.41
C VAL C 475 8.62 46.02 -12.50
N TYR C 476 7.69 46.01 -11.54
CA TYR C 476 6.59 45.06 -11.52
C TYR C 476 5.32 45.76 -11.97
N SER C 477 4.39 44.96 -12.48
CA SER C 477 3.14 45.46 -13.02
C SER C 477 1.98 44.62 -12.49
N PHE C 478 0.81 45.23 -12.39
CA PHE C 478 -0.42 44.46 -12.24
C PHE C 478 -1.55 45.21 -12.92
N PHE C 479 -2.58 44.47 -13.30
CA PHE C 479 -3.81 45.06 -13.80
C PHE C 479 -5.00 44.44 -13.07
N ILE C 480 -6.12 45.15 -13.08
CA ILE C 480 -7.29 44.76 -12.31
C ILE C 480 -8.09 43.72 -13.09
N LYS C 481 -8.52 42.68 -12.38
CA LYS C 481 -9.35 41.63 -12.98
C LYS C 481 -10.67 42.22 -13.49
N GLU C 482 -11.19 41.61 -14.56
CA GLU C 482 -12.41 42.13 -15.20
C GLU C 482 -13.57 42.12 -14.22
N GLU C 483 -13.66 41.11 -13.36
CA GLU C 483 -14.79 41.01 -12.45
C GLU C 483 -14.70 42.04 -11.32
N TYR C 484 -13.53 42.62 -11.09
CA TYR C 484 -13.38 43.65 -10.06
C TYR C 484 -13.34 45.05 -10.61
N LEU C 485 -13.46 45.23 -11.92
CA LEU C 485 -13.34 46.57 -12.50
C LEU C 485 -14.45 47.49 -12.02
N ASP C 486 -15.65 46.95 -11.76
CA ASP C 486 -16.74 47.78 -11.28
C ASP C 486 -16.65 48.11 -9.80
N LYS C 487 -15.76 47.45 -9.06
CA LYS C 487 -15.53 47.75 -7.65
C LYS C 487 -14.30 48.63 -7.42
N PHE C 488 -13.23 48.44 -8.20
CA PHE C 488 -11.99 49.16 -8.00
C PHE C 488 -11.49 49.77 -9.31
N SER C 489 -10.93 50.97 -9.21
CA SER C 489 -10.35 51.66 -10.34
C SER C 489 -8.85 51.86 -10.12
N TYR C 490 -8.13 51.99 -11.24
CA TYR C 490 -6.69 52.26 -11.15
C TYR C 490 -6.42 53.56 -10.41
N GLU C 491 -7.26 54.57 -10.64
CA GLU C 491 -7.08 55.85 -9.95
C GLU C 491 -7.29 55.72 -8.47
N TYR C 492 -8.31 54.97 -8.04
CA TYR C 492 -8.49 54.74 -6.60
C TYR C 492 -7.33 53.96 -6.00
N LEU C 493 -6.86 52.92 -6.70
CA LEU C 493 -5.82 52.06 -6.12
C LEU C 493 -4.53 52.82 -5.90
N VAL C 494 -4.07 53.58 -6.91
CA VAL C 494 -2.85 54.35 -6.70
C VAL C 494 -3.07 55.41 -5.64
N GLY C 495 -4.31 55.85 -5.49
CA GLY C 495 -4.59 56.81 -4.44
C GLY C 495 -4.28 56.25 -3.07
N ILE C 496 -4.76 55.04 -2.77
CA ILE C 496 -4.52 54.52 -1.44
C ILE C 496 -3.10 53.96 -1.33
N LEU C 497 -2.58 53.35 -2.40
CA LEU C 497 -1.27 52.71 -2.33
C LEU C 497 -0.15 53.72 -2.10
N ASN C 498 -0.33 54.96 -2.57
CA ASN C 498 0.67 56.00 -2.41
C ASN C 498 0.48 56.84 -1.15
N SER C 499 -0.53 56.53 -0.34
CA SER C 499 -0.79 57.33 0.85
C SER C 499 0.24 57.04 1.93
N SER C 500 0.36 57.99 2.86
CA SER C 500 1.23 57.79 4.00
C SER C 500 0.81 56.55 4.80
N VAL C 501 -0.50 56.33 4.90
CA VAL C 501 -1.01 55.20 5.66
C VAL C 501 -0.49 53.89 5.08
N TYR C 502 -0.60 53.72 3.76
CA TYR C 502 -0.15 52.48 3.14
C TYR C 502 1.36 52.41 3.01
N ASP C 503 2.05 53.54 3.01
CA ASP C 503 3.51 53.49 3.06
C ASP C 503 4.00 52.91 4.38
N LYS C 504 3.46 53.41 5.49
CA LYS C 504 3.79 52.85 6.79
C LYS C 504 3.32 51.41 6.89
N TYR C 505 2.14 51.12 6.35
CA TYR C 505 1.55 49.78 6.44
C TYR C 505 2.42 48.74 5.74
N PHE C 506 2.85 49.02 4.51
CA PHE C 506 3.67 48.07 3.80
C PHE C 506 5.00 47.84 4.51
N LYS C 507 5.63 48.92 4.98
CA LYS C 507 6.97 48.86 5.56
C LYS C 507 7.02 48.13 6.90
N ILE C 508 5.89 47.83 7.51
CA ILE C 508 5.89 47.04 8.74
C ILE C 508 6.48 45.65 8.48
N THR C 509 6.12 45.02 7.36
CA THR C 509 6.53 43.66 7.02
C THR C 509 7.43 43.58 5.80
N ALA C 510 7.77 44.71 5.18
CA ALA C 510 8.58 44.65 3.98
C ALA C 510 9.99 44.17 4.28
N LYS C 511 10.72 43.81 3.23
CA LYS C 511 12.05 43.23 3.32
C LYS C 511 13.09 44.34 3.13
N LYS C 512 13.78 44.71 4.21
CA LYS C 512 14.78 45.77 4.14
C LYS C 512 16.05 45.25 3.49
N MET C 513 16.46 45.86 2.38
CA MET C 513 17.55 45.36 1.56
C MET C 513 18.87 46.07 1.81
N SER C 514 18.87 47.39 1.69
CA SER C 514 20.04 48.22 1.96
C SER C 514 19.53 49.56 2.47
N LYS C 515 20.45 50.50 2.66
CA LYS C 515 20.08 51.81 3.20
C LYS C 515 19.01 52.45 2.32
N ASN C 516 17.85 52.75 2.92
CA ASN C 516 16.71 53.38 2.24
C ASN C 516 16.22 52.57 1.06
N ILE C 517 16.31 51.24 1.11
CA ILE C 517 15.81 50.40 0.04
C ILE C 517 15.01 49.25 0.65
N TYR C 518 13.76 49.12 0.23
CA TYR C 518 12.95 47.94 0.52
C TYR C 518 12.68 47.18 -0.77
N ASP C 519 12.51 45.87 -0.63
CA ASP C 519 12.00 45.08 -1.74
C ASP C 519 10.51 45.37 -1.90
N TYR C 520 10.13 45.80 -3.09
CA TYR C 520 8.73 45.87 -3.47
C TYR C 520 8.52 44.76 -4.49
N TYR C 521 8.28 43.55 -3.99
CA TYR C 521 8.06 42.37 -4.81
C TYR C 521 6.65 41.84 -4.61
N PRO C 522 6.09 41.16 -5.61
CA PRO C 522 4.73 40.63 -5.47
C PRO C 522 4.53 39.75 -4.26
N ASN C 523 5.56 39.01 -3.82
CA ASN C 523 5.36 38.10 -2.71
C ASN C 523 4.95 38.83 -1.43
N LYS C 524 5.17 40.14 -1.39
CA LYS C 524 4.62 40.97 -0.32
C LYS C 524 3.66 42.05 -0.80
N VAL C 525 3.88 42.64 -1.98
CA VAL C 525 2.98 43.68 -2.49
C VAL C 525 1.58 43.12 -2.72
N MET C 526 1.49 41.89 -3.22
CA MET C 526 0.19 41.30 -3.48
C MET C 526 -0.56 40.88 -2.21
N LYS C 527 0.09 40.89 -1.03
CA LYS C 527 -0.62 40.67 0.22
C LYS C 527 -1.14 41.97 0.85
N ILE C 528 -0.86 43.14 0.27
CA ILE C 528 -1.41 44.39 0.78
C ILE C 528 -2.92 44.32 0.72
N ARG C 529 -3.57 44.59 1.85
CA ARG C 529 -5.02 44.43 1.93
C ARG C 529 -5.70 45.77 1.65
N ILE C 530 -6.89 45.69 1.03
CA ILE C 530 -7.58 46.85 0.48
C ILE C 530 -9.00 46.88 1.06
N PHE C 531 -9.58 48.08 1.06
CA PHE C 531 -10.92 48.30 1.59
C PHE C 531 -11.75 49.05 0.56
N ARG C 532 -13.04 49.10 0.81
CA ARG C 532 -13.97 49.83 -0.05
C ARG C 532 -15.15 50.29 0.80
N ASP C 533 -15.34 51.60 0.90
CA ASP C 533 -16.43 52.11 1.73
C ASP C 533 -16.90 53.45 1.17
N ASN C 534 -17.65 54.21 1.99
CA ASN C 534 -18.29 55.43 1.52
C ASN C 534 -17.29 56.51 1.12
N ASN C 535 -16.03 56.41 1.51
CA ASN C 535 -15.05 57.40 1.13
C ASN C 535 -14.43 57.14 -0.24
N TYR C 536 -14.86 56.06 -0.93
CA TYR C 536 -14.26 55.67 -2.20
C TYR C 536 -14.33 56.81 -3.23
N GLU C 537 -15.51 57.39 -3.42
CA GLU C 537 -15.67 58.38 -4.49
C GLU C 537 -14.77 59.59 -4.27
N GLU C 538 -14.63 60.07 -3.02
CA GLU C 538 -13.78 61.23 -2.78
C GLU C 538 -12.31 60.88 -2.91
N ILE C 539 -11.88 59.72 -2.40
CA ILE C 539 -10.49 59.33 -2.55
C ILE C 539 -10.13 59.23 -4.02
N GLU C 540 -10.99 58.58 -4.81
CA GLU C 540 -10.75 58.48 -6.25
C GLU C 540 -10.72 59.87 -6.89
N ASN C 541 -11.62 60.75 -6.47
CA ASN C 541 -11.65 62.10 -7.01
C ASN C 541 -10.36 62.85 -6.70
N LEU C 542 -9.87 62.70 -5.47
CA LEU C 542 -8.60 63.32 -5.10
C LEU C 542 -7.46 62.78 -5.94
N SER C 543 -7.46 61.47 -6.20
CA SER C 543 -6.40 60.90 -7.02
C SER C 543 -6.45 61.44 -8.44
N LYS C 544 -7.64 61.57 -9.02
CA LYS C 544 -7.71 62.11 -10.38
C LYS C 544 -7.15 63.53 -10.42
N GLN C 545 -7.45 64.33 -9.39
CA GLN C 545 -6.94 65.70 -9.34
C GLN C 545 -5.42 65.72 -9.27
N ILE C 546 -4.85 64.85 -8.44
CA ILE C 546 -3.40 64.77 -8.31
C ILE C 546 -2.77 64.39 -9.64
N ILE C 547 -3.32 63.36 -10.29
CA ILE C 547 -2.82 62.93 -11.59
C ILE C 547 -2.90 64.08 -12.59
N SER C 548 -3.99 64.83 -12.55
CA SER C 548 -4.15 65.95 -13.48
C SER C 548 -3.05 66.97 -13.29
N ILE C 549 -2.74 67.33 -12.04
CA ILE C 549 -1.70 68.31 -11.77
C ILE C 549 -0.33 67.79 -12.17
N LEU C 550 -0.06 66.51 -11.88
CA LEU C 550 1.26 65.95 -12.17
C LEU C 550 1.55 65.92 -13.66
N LEU C 551 0.53 65.93 -14.50
CA LEU C 551 0.71 65.88 -15.95
C LEU C 551 0.79 67.26 -16.62
N ASN C 552 0.50 68.34 -15.89
CA ASN C 552 0.51 69.67 -16.49
C ASN C 552 1.93 70.23 -16.57
N LYS C 553 2.05 71.34 -17.31
CA LYS C 553 3.34 72.00 -17.47
C LYS C 553 3.79 72.68 -16.17
N SER C 554 2.93 73.53 -15.61
CA SER C 554 3.24 74.21 -14.35
C SER C 554 2.66 73.40 -13.19
N ILE C 555 3.50 72.60 -12.55
CA ILE C 555 3.08 71.74 -11.44
C ILE C 555 3.23 72.51 -10.15
N ASP C 556 2.11 72.69 -9.42
CA ASP C 556 2.12 73.30 -8.10
C ASP C 556 2.21 72.18 -7.06
N LYS C 557 3.43 71.92 -6.60
CA LYS C 557 3.65 70.86 -5.62
C LYS C 557 2.85 71.10 -4.35
N GLY C 558 2.65 72.37 -3.97
CA GLY C 558 1.88 72.67 -2.78
C GLY C 558 0.44 72.23 -2.90
N LYS C 559 -0.17 72.46 -4.08
CA LYS C 559 -1.54 72.01 -4.30
C LYS C 559 -1.61 70.49 -4.26
N VAL C 560 -0.58 69.80 -4.79
CA VAL C 560 -0.53 68.35 -4.72
C VAL C 560 -0.48 67.86 -3.27
N GLU C 561 0.33 68.51 -2.43
CA GLU C 561 0.47 68.05 -1.05
C GLU C 561 -0.84 68.11 -0.30
N LYS C 562 -1.56 69.23 -0.40
CA LYS C 562 -2.82 69.37 0.34
C LYS C 562 -3.86 68.37 -0.16
N LEU C 563 -3.88 68.09 -1.46
CA LEU C 563 -4.76 67.04 -1.96
C LEU C 563 -4.39 65.69 -1.36
N GLN C 564 -3.08 65.43 -1.23
CA GLN C 564 -2.63 64.17 -0.66
C GLN C 564 -3.01 64.06 0.81
N ILE C 565 -2.92 65.16 1.56
CA ILE C 565 -3.27 65.16 2.98
C ILE C 565 -4.75 64.86 3.19
N LYS C 566 -5.63 65.50 2.41
CA LYS C 566 -7.06 65.22 2.54
C LYS C 566 -7.34 63.74 2.27
N MET C 567 -6.66 63.17 1.27
CA MET C 567 -6.84 61.75 0.98
C MET C 567 -6.33 60.89 2.13
N ASP C 568 -5.18 61.23 2.69
CA ASP C 568 -4.65 60.48 3.82
C ASP C 568 -5.65 60.48 4.98
N ASN C 569 -6.27 61.63 5.25
CA ASN C 569 -7.24 61.72 6.34
C ASN C 569 -8.46 60.84 6.08
N LEU C 570 -8.94 60.79 4.85
CA LEU C 570 -10.08 59.93 4.54
C LEU C 570 -9.73 58.47 4.75
N ILE C 571 -8.52 58.06 4.36
CA ILE C 571 -8.10 56.68 4.53
C ILE C 571 -8.02 56.33 6.01
N MET C 572 -7.49 57.26 6.82
CA MET C 572 -7.46 57.06 8.27
C MET C 572 -8.88 56.96 8.85
N ASP C 573 -9.78 57.82 8.39
CA ASP C 573 -11.17 57.74 8.81
C ASP C 573 -11.76 56.38 8.42
N SER C 574 -11.45 55.90 7.21
CA SER C 574 -12.01 54.63 6.73
C SER C 574 -11.54 53.46 7.57
N LEU C 575 -10.25 53.43 7.90
CA LEU C 575 -9.66 52.32 8.64
C LEU C 575 -9.75 52.49 10.15
N GLY C 576 -10.30 53.60 10.62
CA GLY C 576 -10.45 53.83 12.04
C GLY C 576 -9.14 53.95 12.79
N ILE C 577 -8.15 54.61 12.18
CA ILE C 577 -6.85 54.81 12.83
C ILE C 577 -6.61 56.29 13.04
#